data_8SPU
#
_entry.id   8SPU
#
_cell.length_a   1.00
_cell.length_b   1.00
_cell.length_c   1.00
_cell.angle_alpha   90.00
_cell.angle_beta   90.00
_cell.angle_gamma   90.00
#
_symmetry.space_group_name_H-M   'P 1'
#
loop_
_entity.id
_entity.type
_entity.pdbx_description
1 polymer 'DNA (168-MER)'
2 polymer 'DNA (168-MER)'
3 polymer 'Maltodextrin-binding protein,POU domain, class 5, transcription factor 1'
4 polymer 'Histone H3.1'
5 polymer 'Histone H4'
6 polymer 'Histone H2A type 2-C'
7 polymer 'Histone H2B type 2-E'
8 polymer ScFv
#
loop_
_entity_poly.entity_id
_entity_poly.type
_entity_poly.pdbx_seq_one_letter_code
_entity_poly.pdbx_strand_id
1 'polydeoxyribonucleotide'
;(DG)(DC)(DG)(DT)(DG)(DC)(DT)(DG)(DA)(DT)(DT)(DC)(DC)(DC)(DT)(DC)(DC)(DA)(DT)(DT)
(DC)(DG)(DC)(DT)(DC)(DT)(DG)(DC)(DA)(DT)(DA)(DA)(DC)(DT)(DA)(DT)(DC)(DA)(DC)(DT)
(DT)(DT)(DC)(DT)(DG)(DG)(DA)(DA)(DC)(DT)(DC)(DC)(DA)(DT)(DG)(DG)(DT)(DC)(DT)(DC)
(DC)(DT)(DA)(DG)(DG)(DT)(DC)(DG)(DC)(DC)(DA)(DG)(DG)(DC)(DC)(DT)(DT)(DT)(DG)(DC)
(DT)(DT)(DT)(DG)(DC)(DA)(DG)(DC)(DT)(DT)(DA)(DG)(DA)(DA)(DC)(DA)(DG)(DA)(DC)(DT)
(DC)(DT)(DC)(DT)(DA)(DT)(DG)(DC)(DT)(DC)(DC)(DC)(DT)(DC)(DC)(DA)(DC)(DC)(DC)(DT)
(DC)(DT)(DG)(DT)(DT)(DT)(DC)(DT)(DC)(DC)(DA)(DG)(DG)(DT)(DC)(DC)(DC)(DA)(DC)(DA)
(DT)(DG)(DG)(DG)(DG)(DA)(DG)(DG)(DC)(DG)(DC)(DT)(DC)(DC)(DT)(DT)(DC)(DT)(DC)(DC)
(DC)(DT)(DG)(DC)(DT)(DG)(DA)(DT)
;
J
2 'polydeoxyribonucleotide'
;(DA)(DT)(DC)(DA)(DG)(DC)(DA)(DG)(DG)(DG)(DA)(DG)(DA)(DA)(DG)(DG)(DA)(DG)(DC)(DG)
(DC)(DC)(DT)(DC)(DC)(DC)(DC)(DA)(DT)(DG)(DT)(DG)(DG)(DG)(DA)(DC)(DC)(DT)(DG)(DG)
(DA)(DG)(DA)(DA)(DA)(DC)(DA)(DG)(DA)(DG)(DG)(DG)(DT)(DG)(DG)(DA)(DG)(DG)(DG)(DA)
(DG)(DC)(DA)(DT)(DA)(DG)(DA)(DG)(DA)(DG)(DT)(DC)(DT)(DG)(DT)(DT)(DC)(DT)(DA)(DA)
(DG)(DC)(DT)(DG)(DC)(DA)(DA)(DA)(DG)(DC)(DA)(DA)(DA)(DG)(DG)(DC)(DC)(DT)(DG)(DG)
(DC)(DG)(DA)(DC)(DC)(DT)(DA)(DG)(DG)(DA)(DG)(DA)(DC)(DC)(DA)(DT)(DG)(DG)(DA)(DG)
(DT)(DT)(DC)(DC)(DA)(DG)(DA)(DA)(DA)(DG)(DT)(DG)(DA)(DT)(DA)(DG)(DT)(DT)(DA)(DT)
(DG)(DC)(DA)(DG)(DA)(DG)(DC)(DG)(DA)(DA)(DT)(DG)(DG)(DA)(DG)(DG)(DG)(DA)(DA)(DT)
(DC)(DA)(DG)(DC)(DA)(DC)(DG)(DC)
;
I
3 'polypeptide(L)'
;MKEAKIEEGKLVIWINGDKGYNGLAEVGKKFEKDTGIKVTVEHPDKLEEKFPQVAATGDGPDIIFWAHDRFGGYAQSGLL
AEITPDKAFQDKLYPFTWDAVRYNGKLIAYPIAVEALSLIYNKDLLPNPPKTWEEIPALDKELKAKGKSALMFNLQEPYF
TWPLIAADGGYAFKYENGKYDIKDVGVDNAGAKAGLTFLVDLIKNKHMNADTDYSIAEAAFNKGETAMTINGPWAWSNID
TSKVNYGVTVLPTFKGQPSKPFVGVLSAGINAASPNKELAKEFLENYLLTDEGLEAVNKDKPLGAVALKSYEEELAKDPR
IAATMENAQKGEIMPNIPQMSAFWYAVRTAVINAASGRQTVDAALAAAQTNAGSENLYFQGSVDSAAASDIKALQKELEQ
FAKLLKQKRITLGYTQADVGLTLGVLFGKVFSQTTICRFEALQLSFKNMCKLRPLLQKWVEEADNNENLQEICKAETLVQ
ARKRKRTSIENRVRGNLENLFLQCPKPTLQQISHIAQQLGLEKDVVRVWFCNRRQKGKRSSSEFHHHHHH
;
L
4 'polypeptide(L)'
;MARTKQTARKSTGGKAPRKQLATKAARKSAPATGGVKKPHRYRPGTVALREIRRYQKSTELLIRKLPFQRLVREIAQDFK
TDLRFQSSAVMALQEACEAYLVGLFEDTNLCAIHAKRVTIMPKDIQLARRIRGERA
;
E,A
5 'polypeptide(L)'
;MSGRGKGGKGLGKGGAKRHRKVLRDNIQGITKPAIRRLARRGGVKRISGLIYEETRGVLKVFLENVIRDAVTYTEHAKRK
TVTAMDVVYALKRQGRTLYGFGG
;
F,B
6 'polypeptide(L)'
;MSGRGKQGGKARAKAKSRSSRAGLQFPVGRVHRLLRKGNYAERVGAGAPVYMAAVLEYLTAEILELAGNAARDNKKTRII
PRHLQLAIRNDEELNKLLGKVTIAQGGVLPNIQAVLLPKKTESHKAKSK
;
G,C
7 'polypeptide(L)'
;MPEPAKSAPAPKKGSKKAVTKAQKKDGKKRKRSRKESYSIYVYKVLKQVHPDTGISSKAMGIMNSFVNDIFERIAGEASR
LAHYNKRSTITSREIQTAVRLLLPGELAKHAVSEGTKAVTKYTSSK
;
H,D
8 'polypeptide(L)'
;MKSSHHHHHHENLYFQSNAMEVQLQQSGPELVEPGTSVKMPCKASGYTFTSYTIQWVKQTPRQGLEWIGYIYPYNAGTKY
NEKFKGKATLTSDKSSSTVYMELSSLTSEDSAVYYCARKSSRLRSTLDYWGQGTSVTVSSGGGGSGGGGSGGGGSMDIKM
TQSPSSMHASLGERVTITCKASQDIRSYLSWYQQKPWKSPKTLIYYATSLADGVPSRFSGSGSGQDFSLTINNLESDDTA
TYYCLQHGESPYTFGSGTKLEIKRA
;
N,K
#
# COMPACT_ATOMS: atom_id res chain seq x y z
N LYS C 392 45.32 -23.37 35.65
CA LYS C 392 45.46 -21.96 35.31
C LYS C 392 46.93 -21.59 35.13
N ALA C 393 47.81 -22.35 35.78
CA ALA C 393 49.25 -22.10 35.64
C ALA C 393 49.73 -22.41 34.23
N LEU C 394 49.10 -23.39 33.57
CA LEU C 394 49.47 -23.73 32.20
C LEU C 394 49.16 -22.58 31.26
N GLN C 395 48.08 -21.84 31.51
CA GLN C 395 47.77 -20.67 30.68
C GLN C 395 48.84 -19.59 30.81
N LYS C 396 49.30 -19.34 32.04
CA LYS C 396 50.36 -18.35 32.26
C LYS C 396 51.67 -18.81 31.64
N GLU C 397 51.97 -20.11 31.73
CA GLU C 397 53.18 -20.64 31.11
C GLU C 397 53.12 -20.50 29.59
N LEU C 398 51.96 -20.79 29.00
CA LEU C 398 51.79 -20.63 27.56
C LEU C 398 51.91 -19.17 27.14
N GLU C 399 51.37 -18.25 27.97
CA GLU C 399 51.46 -16.83 27.66
C GLU C 399 52.91 -16.35 27.71
N GLN C 400 53.66 -16.77 28.73
CA GLN C 400 55.07 -16.40 28.83
C GLN C 400 55.88 -16.99 27.68
N PHE C 401 55.58 -18.24 27.30
CA PHE C 401 56.33 -18.87 26.22
C PHE C 401 56.04 -18.19 24.89
N ALA C 402 54.77 -17.89 24.61
CA ALA C 402 54.40 -17.15 23.41
C ALA C 402 55.03 -15.77 23.41
N LYS C 403 55.16 -15.16 24.59
CA LYS C 403 55.85 -13.89 24.72
C LYS C 403 57.31 -14.00 24.28
N LEU C 404 58.03 -15.03 24.74
CA LEU C 404 59.42 -15.04 24.32
C LEU C 404 59.59 -15.56 22.89
N LEU C 405 58.64 -16.34 22.34
CA LEU C 405 58.79 -16.65 20.91
C LEU C 405 58.49 -15.42 20.06
N LYS C 406 57.56 -14.57 20.49
CA LYS C 406 57.36 -13.30 19.78
C LYS C 406 58.60 -12.42 19.86
N GLN C 407 59.22 -12.36 21.04
CA GLN C 407 60.44 -11.57 21.21
C GLN C 407 61.58 -12.11 20.35
N LYS C 408 61.74 -13.43 20.30
CA LYS C 408 62.78 -14.02 19.49
C LYS C 408 62.51 -13.82 17.99
N ARG C 409 61.25 -13.93 17.59
CA ARG C 409 60.89 -13.74 16.19
C ARG C 409 61.11 -12.30 15.75
N ILE C 410 60.79 -11.34 16.62
CA ILE C 410 61.07 -9.94 16.32
C ILE C 410 62.57 -9.70 16.30
N THR C 411 63.31 -10.37 17.18
CA THR C 411 64.76 -10.26 17.19
C THR C 411 65.36 -10.86 15.91
N LEU C 412 64.86 -12.00 15.49
CA LEU C 412 65.36 -12.67 14.30
C LEU C 412 64.87 -12.03 13.01
N GLY C 413 63.79 -11.24 13.06
CA GLY C 413 63.24 -10.62 11.88
C GLY C 413 62.30 -11.49 11.07
N TYR C 414 62.14 -12.76 11.44
CA TYR C 414 61.21 -13.64 10.73
C TYR C 414 59.78 -13.20 10.97
N THR C 415 58.95 -13.30 9.92
CA THR C 415 57.54 -13.00 10.07
C THR C 415 56.78 -14.23 10.57
N GLN C 416 55.53 -14.00 10.96
CA GLN C 416 54.66 -15.10 11.36
C GLN C 416 54.39 -16.04 10.19
N ALA C 417 54.25 -15.49 8.98
CA ALA C 417 54.09 -16.32 7.80
C ALA C 417 55.35 -17.14 7.54
N ASP C 418 56.52 -16.60 7.90
CA ASP C 418 57.75 -17.37 7.81
C ASP C 418 57.71 -18.58 8.75
N VAL C 419 57.17 -18.39 9.96
CA VAL C 419 57.03 -19.50 10.90
C VAL C 419 56.05 -20.53 10.35
N GLY C 420 54.93 -20.07 9.78
CA GLY C 420 53.96 -20.99 9.21
C GLY C 420 54.50 -21.76 8.02
N LEU C 421 55.36 -21.13 7.23
CA LEU C 421 55.98 -21.83 6.11
C LEU C 421 57.05 -22.82 6.58
N THR C 422 57.83 -22.44 7.59
CA THR C 422 58.89 -23.31 8.08
C THR C 422 58.35 -24.46 8.92
N LEU C 423 57.12 -24.36 9.41
CA LEU C 423 56.51 -25.49 10.11
C LEU C 423 56.33 -26.69 9.18
N GLY C 424 55.99 -26.42 7.91
CA GLY C 424 55.89 -27.51 6.95
C GLY C 424 57.24 -28.13 6.65
N VAL C 425 58.30 -27.33 6.65
CA VAL C 425 59.64 -27.88 6.44
C VAL C 425 60.05 -28.72 7.65
N LEU C 426 59.71 -28.27 8.85
CA LEU C 426 60.15 -28.97 10.06
C LEU C 426 59.38 -30.26 10.28
N PHE C 427 58.06 -30.24 10.04
CA PHE C 427 57.22 -31.38 10.38
C PHE C 427 56.37 -31.90 9.24
N GLY C 428 56.37 -31.24 8.08
CA GLY C 428 55.38 -31.54 7.07
C GLY C 428 54.01 -30.99 7.40
N LYS C 429 53.94 -29.97 8.26
CA LYS C 429 52.68 -29.40 8.74
C LYS C 429 52.77 -27.88 8.55
N VAL C 430 52.30 -27.41 7.40
CA VAL C 430 52.33 -25.99 7.08
C VAL C 430 51.11 -25.32 7.69
N PHE C 431 51.34 -24.23 8.43
CA PHE C 431 50.27 -23.45 9.02
C PHE C 431 50.25 -22.04 8.42
N SER C 432 49.10 -21.40 8.53
CA SER C 432 48.88 -20.13 7.87
C SER C 432 49.25 -18.96 8.76
N GLN C 433 49.10 -17.75 8.21
CA GLN C 433 49.32 -16.53 8.97
C GLN C 433 48.35 -16.42 10.14
N THR C 434 47.08 -16.77 9.90
CA THR C 434 46.05 -16.64 10.91
C THR C 434 46.28 -17.55 12.10
N THR C 435 46.76 -18.77 11.87
CA THR C 435 47.03 -19.70 12.97
C THR C 435 48.14 -19.17 13.87
N ILE C 436 49.21 -18.63 13.27
CA ILE C 436 50.30 -18.07 14.06
C ILE C 436 49.83 -16.84 14.82
N CYS C 437 48.97 -16.03 14.20
CA CYS C 437 48.43 -14.86 14.90
C CYS C 437 47.56 -15.27 16.08
N ARG C 438 46.71 -16.28 15.89
CA ARG C 438 45.86 -16.78 16.96
C ARG C 438 46.67 -17.34 18.11
N PHE C 439 47.74 -18.08 17.79
CA PHE C 439 48.58 -18.62 18.85
C PHE C 439 49.34 -17.51 19.58
N GLU C 440 49.86 -16.53 18.84
CA GLU C 440 50.64 -15.47 19.46
C GLU C 440 49.76 -14.50 20.25
N ALA C 441 48.45 -14.46 19.98
CA ALA C 441 47.55 -13.65 20.77
C ALA C 441 47.01 -14.36 22.00
N LEU C 442 47.15 -15.69 22.07
CA LEU C 442 46.75 -16.49 23.24
C LEU C 442 45.24 -16.38 23.51
N GLN C 443 44.45 -16.77 22.52
CA GLN C 443 43.01 -16.87 22.69
C GLN C 443 42.39 -18.06 21.99
N LEU C 444 43.17 -19.04 21.54
CA LEU C 444 42.64 -20.25 20.96
C LEU C 444 42.22 -21.22 22.06
N SER C 445 41.73 -22.39 21.64
CA SER C 445 41.33 -23.42 22.59
C SER C 445 42.56 -24.00 23.29
N PHE C 446 42.34 -24.54 24.49
CA PHE C 446 43.43 -25.15 25.24
C PHE C 446 43.96 -26.39 24.54
N LYS C 447 43.07 -27.20 23.97
CA LYS C 447 43.50 -28.37 23.20
C LYS C 447 44.26 -27.95 21.95
N ASN C 448 43.77 -26.92 21.25
CA ASN C 448 44.48 -26.38 20.10
C ASN C 448 45.84 -25.80 20.51
N MET C 449 45.87 -25.14 21.68
CA MET C 449 47.11 -24.56 22.18
C MET C 449 48.15 -25.64 22.46
N CYS C 450 47.72 -26.73 23.11
CA CYS C 450 48.64 -27.83 23.40
C CYS C 450 49.06 -28.54 22.13
N LYS C 451 48.16 -28.66 21.15
CA LYS C 451 48.51 -29.29 19.88
C LYS C 451 49.54 -28.46 19.13
N LEU C 452 49.39 -27.14 19.12
CA LEU C 452 50.32 -26.28 18.38
C LEU C 452 51.59 -25.99 19.17
N ARG C 453 51.62 -26.34 20.46
CA ARG C 453 52.79 -26.07 21.30
C ARG C 453 54.07 -26.78 20.86
N PRO C 454 54.13 -28.12 20.79
CA PRO C 454 55.43 -28.79 20.55
C PRO C 454 56.07 -28.49 19.20
N LEU C 455 55.25 -28.16 18.20
CA LEU C 455 55.77 -27.75 16.90
C LEU C 455 56.61 -26.48 17.02
N LEU C 456 56.12 -25.49 17.78
CA LEU C 456 56.94 -24.30 17.95
C LEU C 456 58.01 -24.46 19.02
N GLN C 457 57.88 -25.44 19.93
CA GLN C 457 59.01 -25.78 20.79
C GLN C 457 60.20 -26.27 19.96
N LYS C 458 59.93 -27.13 18.97
CA LYS C 458 60.99 -27.55 18.07
C LYS C 458 61.41 -26.43 17.13
N TRP C 459 60.48 -25.57 16.73
CA TRP C 459 60.80 -24.47 15.82
C TRP C 459 61.72 -23.45 16.47
N VAL C 460 61.56 -23.23 17.78
CA VAL C 460 62.45 -22.30 18.49
C VAL C 460 63.88 -22.80 18.48
N GLU C 461 64.07 -24.10 18.75
CA GLU C 461 65.40 -24.69 18.69
C GLU C 461 65.95 -24.69 17.27
N GLU C 462 65.08 -24.86 16.28
CA GLU C 462 65.53 -24.79 14.88
C GLU C 462 65.99 -23.39 14.52
N ALA C 463 65.26 -22.36 14.95
CA ALA C 463 65.60 -20.99 14.61
C ALA C 463 66.71 -20.42 15.46
N ASP C 464 67.01 -21.05 16.61
CA ASP C 464 68.12 -20.57 17.44
C ASP C 464 69.46 -20.70 16.73
N ASN C 465 69.68 -21.81 16.02
CA ASN C 465 70.93 -22.04 15.33
C ASN C 465 70.78 -22.38 13.85
N ASN C 466 69.69 -23.03 13.45
CA ASN C 466 69.50 -23.41 12.05
C ASN C 466 68.64 -22.38 11.32
N PRO D 39 9.56 51.35 -15.07
CA PRO D 39 8.28 50.66 -14.89
C PRO D 39 8.15 50.02 -13.51
N HIS D 40 7.14 49.18 -13.34
CA HIS D 40 6.91 48.45 -12.10
C HIS D 40 7.20 46.98 -12.33
N ARG D 41 7.89 46.36 -11.37
CA ARG D 41 8.23 44.95 -11.51
C ARG D 41 8.29 44.24 -10.16
N TYR D 42 7.50 43.18 -10.04
CA TYR D 42 7.46 42.40 -8.81
C TYR D 42 8.72 41.57 -8.68
N ARG D 43 9.22 41.46 -7.45
CA ARG D 43 10.36 40.59 -7.18
C ARG D 43 9.94 39.13 -7.32
N PRO D 44 10.88 38.24 -7.68
CA PRO D 44 10.52 36.82 -7.87
C PRO D 44 10.02 36.16 -6.60
N GLY D 45 8.99 35.33 -6.75
CA GLY D 45 8.32 34.69 -5.65
C GLY D 45 7.03 35.36 -5.22
N THR D 46 6.81 36.62 -5.61
CA THR D 46 5.58 37.31 -5.25
C THR D 46 4.43 36.87 -6.14
N VAL D 47 4.63 36.95 -7.46
CA VAL D 47 3.63 36.49 -8.42
C VAL D 47 3.46 34.97 -8.34
N ALA D 48 4.51 34.25 -7.94
CA ALA D 48 4.39 32.81 -7.72
C ALA D 48 3.45 32.50 -6.57
N LEU D 49 3.57 33.23 -5.46
CA LEU D 49 2.68 33.03 -4.32
C LEU D 49 1.26 33.48 -4.65
N ARG D 50 1.12 34.53 -5.45
CA ARG D 50 -0.19 34.95 -5.94
C ARG D 50 -0.83 33.88 -6.81
N GLU D 51 -0.03 33.24 -7.67
CA GLU D 51 -0.53 32.14 -8.49
C GLU D 51 -0.92 30.94 -7.65
N ILE D 52 -0.15 30.65 -6.60
CA ILE D 52 -0.49 29.56 -5.69
C ILE D 52 -1.83 29.80 -5.02
N ARG D 53 -2.04 31.03 -4.53
CA ARG D 53 -3.32 31.39 -3.91
C ARG D 53 -4.48 31.34 -4.90
N ARG D 54 -4.24 31.82 -6.12
CA ARG D 54 -5.30 31.87 -7.13
C ARG D 54 -5.70 30.47 -7.60
N TYR D 55 -4.72 29.61 -7.87
CA TYR D 55 -5.03 28.27 -8.36
C TYR D 55 -5.38 27.30 -7.24
N GLN D 56 -5.15 27.66 -5.98
CA GLN D 56 -5.70 26.87 -4.89
C GLN D 56 -7.10 27.34 -4.49
N LYS D 57 -7.47 28.58 -4.84
CA LYS D 57 -8.81 29.06 -4.58
C LYS D 57 -9.84 28.52 -5.57
N SER D 58 -9.45 28.26 -6.82
CA SER D 58 -10.38 27.88 -7.87
C SER D 58 -10.43 26.36 -8.02
N THR D 59 -11.38 25.90 -8.83
CA THR D 59 -11.59 24.48 -9.07
C THR D 59 -11.56 24.07 -10.53
N GLU D 60 -11.41 25.02 -11.45
CA GLU D 60 -11.42 24.70 -12.88
C GLU D 60 -10.16 23.95 -13.29
N LEU D 61 -10.27 23.19 -14.37
CA LEU D 61 -9.16 22.37 -14.84
C LEU D 61 -8.07 23.24 -15.46
N LEU D 62 -6.82 22.80 -15.29
CA LEU D 62 -5.67 23.62 -15.65
C LEU D 62 -5.04 23.25 -16.98
N ILE D 63 -5.31 22.06 -17.49
CA ILE D 63 -4.87 21.66 -18.83
C ILE D 63 -5.99 21.96 -19.81
N ARG D 64 -5.63 22.46 -20.98
CA ARG D 64 -6.60 22.67 -22.05
C ARG D 64 -7.18 21.33 -22.51
N LYS D 65 -8.44 21.35 -22.93
CA LYS D 65 -9.19 20.12 -23.14
C LYS D 65 -8.75 19.41 -24.42
N LEU D 66 -8.52 20.16 -25.50
CA LEU D 66 -8.14 19.57 -26.78
C LEU D 66 -6.79 18.84 -26.78
N PRO D 67 -5.68 19.39 -26.22
CA PRO D 67 -4.44 18.57 -26.17
C PRO D 67 -4.56 17.32 -25.32
N PHE D 68 -5.32 17.38 -24.23
CA PHE D 68 -5.54 16.19 -23.41
C PHE D 68 -6.38 15.17 -24.16
N GLN D 69 -7.36 15.62 -24.94
CA GLN D 69 -8.16 14.71 -25.74
C GLN D 69 -7.32 14.02 -26.81
N ARG D 70 -6.44 14.77 -27.47
CA ARG D 70 -5.55 14.18 -28.47
C ARG D 70 -4.57 13.20 -27.84
N LEU D 71 -4.05 13.53 -26.65
CA LEU D 71 -3.16 12.64 -25.92
C LEU D 71 -3.86 11.35 -25.51
N VAL D 72 -5.10 11.47 -25.04
CA VAL D 72 -5.89 10.29 -24.64
C VAL D 72 -6.16 9.41 -25.84
N ARG D 73 -6.49 10.01 -26.99
CA ARG D 73 -6.76 9.24 -28.20
C ARG D 73 -5.52 8.53 -28.72
N GLU D 74 -4.36 9.20 -28.69
CA GLU D 74 -3.15 8.55 -29.18
C GLU D 74 -2.67 7.45 -28.23
N ILE D 75 -2.81 7.65 -26.91
CA ILE D 75 -2.47 6.62 -25.95
C ILE D 75 -3.39 5.41 -26.11
N ALA D 76 -4.68 5.65 -26.36
CA ALA D 76 -5.60 4.54 -26.58
C ALA D 76 -5.44 3.90 -27.94
N GLN D 77 -4.74 4.55 -28.88
CA GLN D 77 -4.49 3.94 -30.19
C GLN D 77 -3.60 2.70 -30.09
N ASP D 78 -2.73 2.62 -29.09
CA ASP D 78 -1.86 1.47 -28.95
C ASP D 78 -2.57 0.24 -28.40
N PHE D 79 -3.74 0.40 -27.85
CA PHE D 79 -4.50 -0.69 -27.33
C PHE D 79 -5.67 -1.09 -28.23
N LYS D 80 -6.22 -0.15 -28.97
CA LYS D 80 -7.32 -0.39 -29.87
C LYS D 80 -7.00 0.38 -31.12
N THR D 81 -7.33 -0.18 -32.27
CA THR D 81 -7.00 0.49 -33.52
C THR D 81 -7.99 1.59 -33.88
N ASP D 82 -9.29 1.37 -33.66
CA ASP D 82 -10.30 2.35 -34.02
C ASP D 82 -11.42 2.26 -32.97
N LEU D 83 -11.35 3.14 -31.98
CA LEU D 83 -12.32 3.17 -30.90
C LEU D 83 -12.71 4.60 -30.59
N ARG D 84 -13.96 4.79 -30.17
CA ARG D 84 -14.47 6.10 -29.87
C ARG D 84 -14.41 6.37 -28.36
N PHE D 85 -14.64 7.62 -28.00
CA PHE D 85 -14.56 8.08 -26.62
C PHE D 85 -15.77 8.92 -26.30
N GLN D 86 -16.40 8.66 -25.17
CA GLN D 86 -17.41 9.56 -24.65
C GLN D 86 -16.76 10.86 -24.18
N SER D 87 -17.52 11.95 -24.21
CA SER D 87 -17.01 13.21 -23.70
C SER D 87 -16.78 13.15 -22.19
N SER D 88 -17.67 12.44 -21.51
CA SER D 88 -17.57 12.26 -20.07
C SER D 88 -16.35 11.43 -19.72
N ALA D 89 -16.00 10.48 -20.59
CA ALA D 89 -14.83 9.62 -20.35
C ALA D 89 -13.55 10.44 -20.36
N VAL D 90 -13.40 11.32 -21.35
CA VAL D 90 -12.23 12.19 -21.43
C VAL D 90 -12.25 13.19 -20.28
N MET D 91 -13.44 13.65 -19.88
CA MET D 91 -13.53 14.59 -18.75
C MET D 91 -13.13 13.94 -17.44
N ALA D 92 -13.57 12.68 -17.22
CA ALA D 92 -13.18 11.94 -16.02
C ALA D 92 -11.68 11.65 -16.01
N LEU D 93 -11.13 11.33 -17.19
CA LEU D 93 -9.69 11.13 -17.31
C LEU D 93 -8.90 12.39 -16.98
N GLN D 94 -9.40 13.55 -17.44
CA GLN D 94 -8.74 14.82 -17.17
C GLN D 94 -8.80 15.18 -15.69
N GLU D 95 -9.95 14.97 -15.05
CA GLU D 95 -10.08 15.26 -13.62
C GLU D 95 -9.17 14.37 -12.79
N ALA D 96 -9.11 13.08 -13.14
CA ALA D 96 -8.25 12.15 -12.40
C ALA D 96 -6.77 12.46 -12.60
N CYS D 97 -6.38 12.80 -13.84
CA CYS D 97 -4.97 13.08 -14.11
C CYS D 97 -4.53 14.37 -13.45
N GLU D 98 -5.38 15.40 -13.46
CA GLU D 98 -5.02 16.66 -12.81
C GLU D 98 -4.97 16.51 -11.30
N ALA D 99 -5.88 15.71 -10.71
CA ALA D 99 -5.82 15.48 -9.27
C ALA D 99 -4.58 14.69 -8.88
N TYR D 100 -4.20 13.68 -9.69
CA TYR D 100 -2.99 12.92 -9.44
C TYR D 100 -1.75 13.79 -9.54
N LEU D 101 -1.70 14.68 -10.54
CA LEU D 101 -0.54 15.55 -10.71
C LEU D 101 -0.44 16.58 -9.60
N VAL D 102 -1.58 17.09 -9.12
CA VAL D 102 -1.57 18.06 -8.01
C VAL D 102 -1.10 17.38 -6.71
N GLY D 103 -1.58 16.16 -6.44
CA GLY D 103 -1.11 15.44 -5.26
C GLY D 103 0.37 15.09 -5.33
N LEU D 104 0.85 14.70 -6.52
CA LEU D 104 2.26 14.39 -6.68
C LEU D 104 3.11 15.64 -6.56
N PHE D 105 2.60 16.79 -7.01
CA PHE D 105 3.34 18.03 -6.83
C PHE D 105 3.36 18.48 -5.37
N GLU D 106 2.31 18.15 -4.61
CA GLU D 106 2.33 18.39 -3.16
C GLU D 106 3.42 17.57 -2.47
N ASP D 107 3.51 16.29 -2.82
CA ASP D 107 4.55 15.45 -2.23
C ASP D 107 5.94 15.86 -2.71
N THR D 108 6.04 16.32 -3.95
CA THR D 108 7.29 16.83 -4.51
C THR D 108 7.75 18.09 -3.78
N ASN D 109 6.83 19.00 -3.47
CA ASN D 109 7.15 20.19 -2.72
C ASN D 109 7.59 19.85 -1.30
N LEU D 110 6.96 18.84 -0.69
CA LEU D 110 7.38 18.39 0.63
C LEU D 110 8.80 17.82 0.60
N CYS D 111 9.13 17.06 -0.45
CA CYS D 111 10.49 16.54 -0.61
C CYS D 111 11.50 17.66 -0.80
N ALA D 112 11.14 18.68 -1.59
CA ALA D 112 12.04 19.80 -1.83
C ALA D 112 12.29 20.61 -0.56
N ILE D 113 11.25 20.79 0.26
CA ILE D 113 11.42 21.49 1.53
C ILE D 113 12.25 20.67 2.50
N HIS D 114 12.08 19.34 2.48
CA HIS D 114 12.90 18.47 3.34
C HIS D 114 14.36 18.47 2.91
N ALA D 115 14.61 18.70 1.62
CA ALA D 115 15.99 18.84 1.15
C ALA D 115 16.53 20.26 1.27
N LYS D 116 15.88 21.11 2.10
CA LYS D 116 16.26 22.50 2.37
C LYS D 116 16.30 23.34 1.10
N ARG D 117 15.29 23.15 0.24
CA ARG D 117 15.18 23.90 -1.00
C ARG D 117 13.76 24.43 -1.15
N VAL D 118 13.60 25.42 -2.03
CA VAL D 118 12.29 25.89 -2.45
C VAL D 118 12.02 25.61 -3.92
N THR D 119 12.98 25.06 -4.64
CA THR D 119 12.82 24.67 -6.04
C THR D 119 12.67 23.17 -6.12
N ILE D 120 11.65 22.71 -6.84
CA ILE D 120 11.46 21.28 -7.01
C ILE D 120 12.30 20.79 -8.18
N MET D 121 12.93 19.64 -8.00
CA MET D 121 13.79 19.01 -8.98
C MET D 121 13.19 17.68 -9.38
N PRO D 122 13.64 17.08 -10.49
CA PRO D 122 13.18 15.71 -10.83
C PRO D 122 13.51 14.66 -9.79
N LYS D 123 14.57 14.86 -8.98
CA LYS D 123 14.89 13.92 -7.91
C LYS D 123 13.81 13.92 -6.83
N ASP D 124 13.13 15.06 -6.63
CA ASP D 124 12.04 15.12 -5.68
C ASP D 124 10.83 14.34 -6.17
N ILE D 125 10.53 14.42 -7.47
CA ILE D 125 9.46 13.63 -8.08
C ILE D 125 9.78 12.14 -7.97
N GLN D 126 11.03 11.77 -8.25
CA GLN D 126 11.43 10.37 -8.18
C GLN D 126 11.37 9.84 -6.75
N LEU D 127 11.77 10.64 -5.77
CA LEU D 127 11.68 10.21 -4.38
C LEU D 127 10.23 10.08 -3.93
N ALA D 128 9.37 11.03 -4.30
CA ALA D 128 7.97 10.96 -3.92
C ALA D 128 7.26 9.76 -4.55
N ARG D 129 7.56 9.46 -5.81
CA ARG D 129 6.98 8.28 -6.45
C ARG D 129 7.59 7.00 -5.93
N ARG D 130 8.81 7.04 -5.40
CA ARG D 130 9.40 5.85 -4.80
C ARG D 130 8.75 5.54 -3.46
N ILE D 131 8.51 6.56 -2.63
CA ILE D 131 7.88 6.33 -1.33
C ILE D 131 6.41 5.96 -1.50
N ARG D 132 5.74 6.57 -2.48
CA ARG D 132 4.35 6.22 -2.78
C ARG D 132 4.21 4.81 -3.33
N GLY D 133 5.28 4.23 -3.89
CA GLY D 133 5.21 2.91 -4.48
C GLY D 133 4.89 2.88 -5.95
N GLU D 134 5.15 3.97 -6.67
CA GLU D 134 4.84 4.05 -8.10
C GLU D 134 6.07 3.78 -8.94
N ARG E 24 2.43 10.29 -33.18
CA ARG E 24 1.39 11.33 -33.23
C ARG E 24 1.75 12.47 -32.30
N ASP E 25 2.88 12.32 -31.59
CA ASP E 25 3.45 13.28 -30.65
C ASP E 25 2.49 13.61 -29.51
N ASN E 26 1.93 14.83 -29.51
CA ASN E 26 0.84 15.29 -28.65
C ASN E 26 1.11 15.26 -27.15
N ILE E 27 2.33 14.89 -26.74
CA ILE E 27 2.72 15.06 -25.35
C ILE E 27 3.23 16.48 -25.13
N GLN E 28 3.60 17.18 -26.20
CA GLN E 28 3.95 18.59 -26.13
C GLN E 28 2.73 19.48 -25.98
N GLY E 29 1.52 18.93 -26.16
CA GLY E 29 0.31 19.69 -25.88
C GLY E 29 0.07 19.93 -24.41
N ILE E 30 0.69 19.13 -23.54
CA ILE E 30 0.74 19.43 -22.12
C ILE E 30 1.87 20.42 -21.94
N THR E 31 1.56 21.70 -22.07
CA THR E 31 2.57 22.72 -22.24
C THR E 31 3.24 23.05 -20.91
N LYS E 32 4.29 23.87 -20.99
CA LYS E 32 4.97 24.38 -19.80
C LYS E 32 4.09 25.17 -18.84
N PRO E 33 3.24 26.14 -19.26
CA PRO E 33 2.42 26.81 -18.24
C PRO E 33 1.30 25.95 -17.70
N ALA E 34 0.90 24.87 -18.38
CA ALA E 34 -0.09 23.97 -17.80
C ALA E 34 0.49 23.19 -16.62
N ILE E 35 1.72 22.69 -16.78
CA ILE E 35 2.42 22.04 -15.68
C ILE E 35 2.74 23.05 -14.58
N ARG E 36 3.03 24.30 -14.98
CA ARG E 36 3.22 25.37 -14.01
C ARG E 36 1.97 25.63 -13.17
N ARG E 37 0.80 25.64 -13.81
CA ARG E 37 -0.47 25.82 -13.10
C ARG E 37 -0.76 24.65 -12.18
N LEU E 38 -0.49 23.43 -12.64
CA LEU E 38 -0.71 22.25 -11.81
C LEU E 38 0.24 22.21 -10.61
N ALA E 39 1.43 22.79 -10.76
CA ALA E 39 2.34 22.89 -9.62
C ALA E 39 1.94 24.02 -8.69
N ARG E 40 1.39 25.11 -9.22
CA ARG E 40 0.91 26.21 -8.37
C ARG E 40 -0.29 25.77 -7.54
N ARG E 41 -1.14 24.90 -8.09
CA ARG E 41 -2.22 24.32 -7.29
C ARG E 41 -1.67 23.40 -6.22
N GLY E 42 -0.55 22.73 -6.48
CA GLY E 42 0.08 21.89 -5.49
C GLY E 42 0.90 22.63 -4.46
N GLY E 43 1.04 23.95 -4.59
CA GLY E 43 1.77 24.73 -3.63
C GLY E 43 3.23 24.96 -3.94
N VAL E 44 3.65 24.71 -5.17
CA VAL E 44 5.07 24.82 -5.54
C VAL E 44 5.37 26.27 -5.91
N LYS E 45 6.39 26.84 -5.26
CA LYS E 45 6.77 28.24 -5.48
C LYS E 45 7.79 28.39 -6.61
N ARG E 46 8.83 27.57 -6.62
CA ARG E 46 9.87 27.62 -7.64
C ARG E 46 9.98 26.28 -8.33
N ILE E 47 10.10 26.32 -9.66
CA ILE E 47 10.08 25.13 -10.51
C ILE E 47 11.37 25.09 -11.33
N SER E 48 12.05 23.95 -11.33
CA SER E 48 13.22 23.79 -12.17
C SER E 48 12.81 23.55 -13.63
N GLY E 49 13.78 23.73 -14.52
CA GLY E 49 13.51 23.59 -15.94
C GLY E 49 13.34 22.16 -16.42
N LEU E 50 13.87 21.20 -15.68
CA LEU E 50 13.77 19.80 -16.04
C LEU E 50 12.54 19.11 -15.44
N ILE E 51 11.69 19.87 -14.75
CA ILE E 51 10.48 19.31 -14.15
C ILE E 51 9.48 18.89 -15.22
N TYR E 52 9.40 19.66 -16.31
CA TYR E 52 8.31 19.51 -17.28
C TYR E 52 8.39 18.20 -18.04
N GLU E 53 9.59 17.78 -18.45
CA GLU E 53 9.72 16.51 -19.17
C GLU E 53 9.45 15.32 -18.26
N GLU E 54 9.90 15.41 -17.00
CA GLU E 54 9.61 14.37 -16.03
C GLU E 54 8.12 14.27 -15.74
N THR E 55 7.44 15.41 -15.64
CA THR E 55 6.01 15.44 -15.42
C THR E 55 5.24 14.89 -16.63
N ARG E 56 5.73 15.17 -17.84
CA ARG E 56 5.12 14.61 -19.04
C ARG E 56 5.26 13.10 -19.07
N GLY E 57 6.43 12.58 -18.69
CA GLY E 57 6.60 11.13 -18.62
C GLY E 57 5.74 10.48 -17.56
N VAL E 58 5.60 11.14 -16.39
CA VAL E 58 4.78 10.63 -15.31
C VAL E 58 3.30 10.59 -15.71
N LEU E 59 2.84 11.68 -16.35
CA LEU E 59 1.46 11.74 -16.82
C LEU E 59 1.20 10.71 -17.91
N LYS E 60 2.19 10.48 -18.79
CA LYS E 60 2.04 9.44 -19.81
C LYS E 60 1.93 8.06 -19.22
N VAL E 61 2.74 7.75 -18.19
CA VAL E 61 2.69 6.43 -17.55
C VAL E 61 1.35 6.22 -16.85
N PHE E 62 0.88 7.25 -16.13
CA PHE E 62 -0.41 7.16 -15.43
C PHE E 62 -1.57 7.03 -16.41
N LEU E 63 -1.51 7.78 -17.51
CA LEU E 63 -2.58 7.73 -18.51
C LEU E 63 -2.61 6.39 -19.22
N GLU E 64 -1.43 5.81 -19.52
CA GLU E 64 -1.40 4.48 -20.11
C GLU E 64 -1.97 3.43 -19.16
N ASN E 65 -1.63 3.52 -17.88
CA ASN E 65 -2.13 2.54 -16.90
C ASN E 65 -3.65 2.63 -16.72
N VAL E 66 -4.21 3.83 -16.73
CA VAL E 66 -5.65 3.96 -16.59
C VAL E 66 -6.37 3.57 -17.89
N ILE E 67 -5.85 4.02 -19.03
CA ILE E 67 -6.51 3.82 -20.32
C ILE E 67 -6.47 2.35 -20.74
N ARG E 68 -5.42 1.61 -20.37
CA ARG E 68 -5.35 0.19 -20.69
C ARG E 68 -6.46 -0.59 -20.00
N ASP E 69 -6.70 -0.30 -18.71
CA ASP E 69 -7.78 -0.96 -17.98
C ASP E 69 -9.15 -0.50 -18.50
N ALA E 70 -9.28 0.77 -18.87
CA ALA E 70 -10.55 1.25 -19.43
C ALA E 70 -10.87 0.58 -20.75
N VAL E 71 -9.86 0.40 -21.61
CA VAL E 71 -10.05 -0.28 -22.88
C VAL E 71 -10.33 -1.77 -22.67
N THR E 72 -9.73 -2.38 -21.64
CA THR E 72 -10.04 -3.77 -21.31
C THR E 72 -11.49 -3.92 -20.86
N TYR E 73 -11.97 -2.99 -20.02
CA TYR E 73 -13.37 -2.98 -19.60
C TYR E 73 -14.30 -2.74 -20.79
N THR E 74 -13.88 -1.91 -21.74
CA THR E 74 -14.68 -1.65 -22.93
C THR E 74 -14.75 -2.89 -23.83
N GLU E 75 -13.61 -3.58 -24.00
CA GLU E 75 -13.56 -4.75 -24.87
C GLU E 75 -14.30 -5.94 -24.26
N HIS E 76 -14.39 -5.99 -22.93
CA HIS E 76 -15.17 -7.05 -22.31
C HIS E 76 -16.67 -6.89 -22.59
N ALA E 77 -17.12 -5.65 -22.70
CA ALA E 77 -18.53 -5.34 -22.95
C ALA E 77 -18.91 -5.42 -24.41
N LYS E 78 -17.99 -5.86 -25.27
CA LYS E 78 -18.15 -5.92 -26.73
C LYS E 78 -18.48 -4.54 -27.32
N ARG E 79 -17.92 -3.48 -26.75
CA ARG E 79 -18.19 -2.12 -27.19
C ARG E 79 -16.97 -1.54 -27.89
N LYS E 80 -17.23 -0.58 -28.77
CA LYS E 80 -16.18 0.18 -29.44
C LYS E 80 -16.09 1.60 -28.92
N THR E 81 -16.79 1.92 -27.83
CA THR E 81 -16.82 3.25 -27.25
C THR E 81 -16.42 3.16 -25.79
N VAL E 82 -15.43 3.94 -25.38
CA VAL E 82 -15.04 4.03 -23.99
C VAL E 82 -15.98 5.01 -23.29
N THR E 83 -16.70 4.52 -22.29
CA THR E 83 -17.64 5.34 -21.55
C THR E 83 -16.99 5.87 -20.27
N ALA E 84 -17.72 6.75 -19.59
CA ALA E 84 -17.25 7.27 -18.31
C ALA E 84 -17.27 6.19 -17.23
N MET E 85 -18.18 5.23 -17.35
CA MET E 85 -18.24 4.11 -16.41
C MET E 85 -16.98 3.25 -16.48
N ASP E 86 -16.46 3.00 -17.68
CA ASP E 86 -15.24 2.21 -17.83
C ASP E 86 -14.04 2.93 -17.23
N VAL E 87 -13.97 4.25 -17.41
CA VAL E 87 -12.91 5.04 -16.82
C VAL E 87 -13.02 5.04 -15.29
N VAL E 88 -14.25 5.13 -14.78
CA VAL E 88 -14.48 5.13 -13.33
C VAL E 88 -14.10 3.79 -12.71
N TYR E 89 -14.45 2.68 -13.39
CA TYR E 89 -14.06 1.35 -12.91
C TYR E 89 -12.55 1.16 -12.98
N ALA E 90 -11.91 1.65 -14.05
CA ALA E 90 -10.47 1.55 -14.18
C ALA E 90 -9.75 2.36 -13.11
N LEU E 91 -10.19 3.52 -12.81
CA LEU E 91 -9.61 4.33 -11.84
C LEU E 91 -9.77 3.67 -10.62
N LYS E 92 -10.87 3.12 -10.27
CA LYS E 92 -11.13 2.48 -9.03
C LYS E 92 -10.31 1.38 -8.69
N ARG E 93 -9.95 0.61 -9.71
CA ARG E 93 -9.17 -0.59 -9.54
C ARG E 93 -7.75 -0.26 -9.18
N GLN E 94 -7.39 1.02 -9.25
CA GLN E 94 -6.09 1.35 -8.94
C GLN E 94 -6.10 2.04 -7.68
N GLY E 95 -7.17 2.00 -6.96
CA GLY E 95 -7.19 2.70 -5.70
C GLY E 95 -7.33 4.20 -5.81
N ARG E 96 -7.86 4.68 -6.93
CA ARG E 96 -7.99 6.11 -7.23
C ARG E 96 -9.43 6.44 -7.56
N THR E 97 -10.34 6.09 -6.64
CA THR E 97 -11.78 6.27 -6.81
C THR E 97 -12.16 7.72 -7.09
N LEU E 98 -12.93 7.92 -8.15
CA LEU E 98 -13.34 9.23 -8.60
C LEU E 98 -14.84 9.38 -8.46
N TYR E 99 -15.26 10.46 -7.79
CA TYR E 99 -16.67 10.75 -7.57
C TYR E 99 -17.17 11.75 -8.59
N GLY E 100 -18.46 11.70 -8.88
CA GLY E 100 -19.10 12.69 -9.71
C GLY E 100 -19.32 12.31 -11.15
N PHE E 101 -18.98 11.08 -11.55
CA PHE E 101 -19.21 10.62 -12.90
C PHE E 101 -20.07 9.37 -12.93
N GLY E 102 -21.03 9.26 -12.02
CA GLY E 102 -21.92 8.11 -11.97
C GLY E 102 -21.60 7.17 -10.81
N ALA F 13 -20.90 -45.31 -16.47
CA ALA F 13 -20.38 -44.70 -15.25
C ALA F 13 -18.87 -45.00 -15.16
N LYS F 14 -18.02 -44.06 -14.63
CA LYS F 14 -16.51 -44.15 -14.42
C LYS F 14 -15.53 -43.12 -13.61
N ALA F 15 -14.45 -42.88 -14.29
CA ALA F 15 -13.21 -42.19 -14.01
C ALA F 15 -13.22 -40.78 -14.59
N LYS F 16 -12.02 -40.25 -14.86
CA LYS F 16 -11.82 -38.98 -15.57
C LYS F 16 -12.36 -37.77 -14.82
N SER F 17 -11.73 -37.42 -13.71
CA SER F 17 -11.98 -36.15 -13.04
C SER F 17 -11.67 -34.97 -13.96
N ARG F 18 -12.23 -33.81 -13.62
CA ARG F 18 -12.20 -32.65 -14.50
C ARG F 18 -10.80 -32.06 -14.63
N SER F 19 -9.94 -32.30 -13.63
CA SER F 19 -8.55 -31.86 -13.75
C SER F 19 -7.79 -32.69 -14.76
N SER F 20 -8.01 -34.00 -14.76
CA SER F 20 -7.34 -34.87 -15.71
C SER F 20 -7.87 -34.68 -17.13
N ARG F 21 -9.14 -34.29 -17.26
CA ARG F 21 -9.70 -34.01 -18.57
C ARG F 21 -9.13 -32.73 -19.16
N ALA F 22 -8.77 -31.77 -18.31
CA ALA F 22 -8.14 -30.53 -18.73
C ALA F 22 -6.63 -30.57 -18.69
N GLY F 23 -6.03 -31.69 -18.29
CA GLY F 23 -4.59 -31.79 -18.20
C GLY F 23 -3.97 -30.93 -17.12
N LEU F 24 -4.59 -30.89 -15.94
CA LEU F 24 -4.16 -30.02 -14.86
C LEU F 24 -3.88 -30.86 -13.61
N GLN F 25 -3.27 -30.22 -12.62
CA GLN F 25 -3.13 -30.78 -11.28
C GLN F 25 -3.92 -30.05 -10.23
N PHE F 26 -4.23 -28.78 -10.44
CA PHE F 26 -5.11 -28.06 -9.54
C PHE F 26 -6.55 -28.54 -9.74
N PRO F 27 -7.33 -28.70 -8.65
CA PRO F 27 -8.65 -29.33 -8.75
C PRO F 27 -9.67 -28.42 -9.39
N VAL F 28 -10.21 -28.86 -10.53
CA VAL F 28 -11.26 -28.09 -11.20
C VAL F 28 -12.56 -28.18 -10.40
N GLY F 29 -12.84 -29.36 -9.81
CA GLY F 29 -14.06 -29.53 -9.04
C GLY F 29 -14.08 -28.72 -7.76
N ARG F 30 -12.96 -28.67 -7.05
CA ARG F 30 -12.89 -27.87 -5.82
C ARG F 30 -12.95 -26.37 -6.14
N VAL F 31 -12.34 -25.95 -7.24
CA VAL F 31 -12.40 -24.54 -7.65
C VAL F 31 -13.82 -24.18 -8.08
N HIS F 32 -14.52 -25.09 -8.76
CA HIS F 32 -15.93 -24.87 -9.10
C HIS F 32 -16.79 -24.78 -7.84
N ARG F 33 -16.53 -25.62 -6.85
CA ARG F 33 -17.29 -25.57 -5.60
C ARG F 33 -17.00 -24.28 -4.84
N LEU F 34 -15.76 -23.82 -4.83
CA LEU F 34 -15.42 -22.58 -4.14
C LEU F 34 -15.96 -21.37 -4.88
N LEU F 35 -16.08 -21.46 -6.20
CA LEU F 35 -16.70 -20.39 -6.98
C LEU F 35 -18.20 -20.34 -6.74
N ARG F 36 -18.82 -21.52 -6.59
CA ARG F 36 -20.26 -21.57 -6.32
C ARG F 36 -20.57 -21.08 -4.90
N LYS F 37 -19.79 -21.51 -3.92
CA LYS F 37 -20.03 -21.16 -2.52
C LYS F 37 -19.39 -19.84 -2.11
N GLY F 38 -18.60 -19.22 -2.97
CA GLY F 38 -17.93 -17.99 -2.62
C GLY F 38 -18.75 -16.74 -2.76
N ASN F 39 -20.00 -16.88 -3.22
CA ASN F 39 -20.95 -15.78 -3.43
C ASN F 39 -20.39 -14.72 -4.39
N TYR F 40 -19.92 -15.19 -5.54
CA TYR F 40 -19.45 -14.29 -6.58
C TYR F 40 -20.50 -14.01 -7.64
N ALA F 41 -21.27 -15.02 -8.05
CA ALA F 41 -22.31 -14.81 -9.05
C ALA F 41 -23.43 -15.81 -8.79
N GLU F 42 -24.55 -15.59 -9.48
CA GLU F 42 -25.68 -16.51 -9.38
C GLU F 42 -25.38 -17.84 -10.06
N ARG F 43 -24.71 -17.80 -11.20
CA ARG F 43 -24.34 -19.01 -11.94
C ARG F 43 -22.84 -18.99 -12.21
N VAL F 44 -22.28 -20.17 -12.42
CA VAL F 44 -20.89 -20.33 -12.79
C VAL F 44 -20.84 -21.28 -13.99
N GLY F 45 -20.34 -20.79 -15.12
CA GLY F 45 -20.18 -21.65 -16.28
C GLY F 45 -19.06 -22.65 -16.07
N ALA F 46 -19.14 -23.78 -16.79
CA ALA F 46 -18.17 -24.83 -16.59
C ALA F 46 -16.99 -24.71 -17.55
N GLY F 47 -16.47 -23.50 -17.71
CA GLY F 47 -15.17 -23.27 -18.31
C GLY F 47 -14.38 -22.37 -17.40
N ALA F 48 -15.10 -21.67 -16.52
CA ALA F 48 -14.47 -20.77 -15.55
C ALA F 48 -13.59 -21.49 -14.52
N PRO F 49 -13.99 -22.62 -13.88
CA PRO F 49 -13.01 -23.31 -13.02
C PRO F 49 -11.81 -23.88 -13.75
N VAL F 50 -11.97 -24.26 -15.02
CA VAL F 50 -10.84 -24.76 -15.80
C VAL F 50 -9.83 -23.64 -16.05
N TYR F 51 -10.33 -22.47 -16.47
CA TYR F 51 -9.47 -21.31 -16.69
C TYR F 51 -8.81 -20.85 -15.39
N MET F 52 -9.50 -20.97 -14.32
CA MET F 52 -9.07 -20.55 -13.06
C MET F 52 -8.19 -21.37 -12.43
N ALA F 53 -8.26 -22.63 -12.57
CA ALA F 53 -7.31 -23.62 -12.12
C ALA F 53 -6.04 -23.59 -12.96
N ALA F 54 -6.17 -23.34 -14.27
CA ALA F 54 -5.00 -23.21 -15.13
C ALA F 54 -4.15 -21.99 -14.77
N VAL F 55 -4.82 -20.86 -14.48
CA VAL F 55 -4.09 -19.65 -14.11
C VAL F 55 -3.40 -19.81 -12.77
N LEU F 56 -4.10 -20.41 -11.79
CA LEU F 56 -3.49 -20.67 -10.49
C LEU F 56 -2.32 -21.64 -10.59
N GLU F 57 -2.46 -22.67 -11.44
CA GLU F 57 -1.39 -23.64 -11.62
C GLU F 57 -0.18 -23.02 -12.30
N TYR F 58 -0.41 -22.12 -13.27
CA TYR F 58 0.70 -21.44 -13.93
C TYR F 58 1.44 -20.53 -12.96
N LEU F 59 0.70 -19.78 -12.13
CA LEU F 59 1.34 -18.88 -11.18
C LEU F 59 2.11 -19.65 -10.11
N THR F 60 1.54 -20.76 -9.64
CA THR F 60 2.24 -21.63 -8.70
C THR F 60 3.49 -22.24 -9.31
N ALA F 61 3.42 -22.65 -10.57
CA ALA F 61 4.57 -23.22 -11.25
C ALA F 61 5.68 -22.20 -11.43
N GLU F 62 5.32 -20.96 -11.79
CA GLU F 62 6.32 -19.92 -11.99
C GLU F 62 7.02 -19.55 -10.69
N ILE F 63 6.24 -19.34 -9.62
CA ILE F 63 6.84 -18.98 -8.32
C ILE F 63 7.65 -20.13 -7.76
N LEU F 64 7.15 -21.37 -7.89
CA LEU F 64 7.86 -22.53 -7.36
C LEU F 64 9.14 -22.82 -8.14
N GLU F 65 9.15 -22.58 -9.46
CA GLU F 65 10.35 -22.81 -10.23
C GLU F 65 11.41 -21.75 -9.95
N LEU F 66 10.99 -20.49 -9.80
CA LEU F 66 11.94 -19.44 -9.45
C LEU F 66 12.50 -19.64 -8.04
N ALA F 67 11.65 -20.10 -7.11
CA ALA F 67 12.12 -20.37 -5.76
C ALA F 67 13.02 -21.60 -5.72
N GLY F 68 12.76 -22.59 -6.58
CA GLY F 68 13.64 -23.74 -6.67
C GLY F 68 15.01 -23.38 -7.25
N ASN F 69 15.02 -22.45 -8.21
CA ASN F 69 16.30 -21.95 -8.72
C ASN F 69 17.04 -21.15 -7.67
N ALA F 70 16.32 -20.35 -6.88
CA ALA F 70 16.94 -19.61 -5.78
C ALA F 70 17.48 -20.54 -4.71
N ALA F 71 16.79 -21.65 -4.45
CA ALA F 71 17.30 -22.65 -3.52
C ALA F 71 18.50 -23.40 -4.11
N ARG F 72 18.51 -23.60 -5.42
CA ARG F 72 19.60 -24.31 -6.07
C ARG F 72 20.88 -23.47 -6.07
N ASP F 73 20.75 -22.16 -6.24
CA ASP F 73 21.91 -21.29 -6.05
C ASP F 73 22.09 -20.85 -4.60
N ASN F 74 21.98 -21.82 -3.70
CA ASN F 74 22.14 -21.64 -2.27
C ASN F 74 22.64 -22.95 -1.64
N LYS F 75 23.06 -23.86 -2.51
CA LYS F 75 23.55 -25.21 -2.15
C LYS F 75 22.54 -25.85 -1.19
N LYS F 76 21.25 -25.61 -1.48
CA LYS F 76 20.14 -26.14 -0.71
C LYS F 76 19.20 -26.95 -1.61
N THR F 77 18.47 -27.87 -1.00
CA THR F 77 17.53 -28.72 -1.74
C THR F 77 16.16 -28.74 -1.08
N ARG F 78 15.77 -27.60 -0.53
CA ARG F 78 14.47 -27.45 0.14
C ARG F 78 14.11 -25.98 0.13
N ILE F 79 12.89 -25.68 -0.29
CA ILE F 79 12.45 -24.28 -0.41
C ILE F 79 11.95 -23.80 0.94
N ILE F 80 12.56 -22.72 1.44
CA ILE F 80 12.14 -22.06 2.67
C ILE F 80 11.48 -20.75 2.23
N PRO F 81 10.76 -20.01 3.10
CA PRO F 81 10.17 -18.74 2.64
C PRO F 81 11.18 -17.67 2.22
N ARG F 82 12.45 -17.79 2.63
CA ARG F 82 13.49 -16.90 2.12
C ARG F 82 13.66 -17.06 0.62
N HIS F 83 13.60 -18.30 0.13
CA HIS F 83 13.72 -18.55 -1.31
C HIS F 83 12.52 -18.02 -2.06
N LEU F 84 11.32 -18.10 -1.48
CA LEU F 84 10.14 -17.52 -2.11
C LEU F 84 10.21 -16.00 -2.15
N GLN F 85 10.72 -15.38 -1.08
CA GLN F 85 10.88 -13.92 -1.08
C GLN F 85 11.95 -13.48 -2.08
N LEU F 86 13.03 -14.25 -2.20
CA LEU F 86 14.06 -13.96 -3.20
C LEU F 86 13.53 -14.14 -4.62
N ALA F 87 12.65 -15.12 -4.83
CA ALA F 87 12.06 -15.31 -6.14
C ALA F 87 11.10 -14.19 -6.50
N ILE F 88 10.28 -13.76 -5.54
CA ILE F 88 9.23 -12.77 -5.83
C ILE F 88 9.84 -11.38 -5.98
N ARG F 89 10.73 -10.99 -5.06
CA ARG F 89 11.23 -9.62 -5.04
C ARG F 89 12.25 -9.33 -6.14
N ASN F 90 12.79 -10.36 -6.78
CA ASN F 90 13.74 -10.17 -7.87
C ASN F 90 13.08 -10.04 -9.23
N ASP F 91 11.74 -10.06 -9.27
CA ASP F 91 11.04 -9.95 -10.54
C ASP F 91 10.16 -8.72 -10.58
N GLU F 92 10.16 -8.04 -11.73
CA GLU F 92 9.33 -6.84 -11.87
C GLU F 92 7.85 -7.17 -11.79
N GLU F 93 7.42 -8.24 -12.48
CA GLU F 93 6.00 -8.55 -12.59
C GLU F 93 5.42 -9.05 -11.27
N LEU F 94 6.15 -10.00 -10.75
CA LEU F 94 5.85 -10.75 -9.57
C LEU F 94 5.88 -9.85 -8.49
N ASN F 95 6.78 -8.94 -8.33
CA ASN F 95 6.78 -7.98 -7.29
C ASN F 95 5.63 -7.14 -7.46
N LYS F 96 5.21 -6.73 -8.61
CA LYS F 96 4.06 -5.95 -8.81
C LYS F 96 2.82 -6.66 -8.41
N LEU F 97 2.67 -7.94 -8.61
CA LEU F 97 1.49 -8.61 -8.21
C LEU F 97 1.50 -8.67 -6.76
N LEU F 98 2.53 -9.12 -6.16
CA LEU F 98 2.59 -9.28 -4.72
C LEU F 98 3.35 -8.14 -4.06
N GLY F 99 3.09 -6.91 -4.51
CA GLY F 99 3.82 -5.77 -4.00
C GLY F 99 3.35 -5.27 -2.65
N LYS F 100 2.07 -5.45 -2.34
CA LYS F 100 1.52 -5.08 -1.03
C LYS F 100 1.37 -6.29 -0.11
N VAL F 101 2.27 -7.27 -0.24
CA VAL F 101 2.14 -8.56 0.44
C VAL F 101 3.37 -8.79 1.30
N THR F 102 3.16 -9.14 2.55
CA THR F 102 4.22 -9.51 3.48
C THR F 102 4.36 -11.03 3.49
N ILE F 103 5.58 -11.51 3.30
CA ILE F 103 5.90 -12.94 3.39
C ILE F 103 6.55 -13.17 4.75
N ALA F 104 5.97 -14.07 5.54
CA ALA F 104 6.53 -14.38 6.85
C ALA F 104 7.81 -15.16 6.70
N GLN F 105 8.81 -14.80 7.52
CA GLN F 105 10.15 -15.39 7.55
C GLN F 105 10.85 -15.31 6.18
N GLY F 106 10.62 -14.22 5.46
CA GLY F 106 11.21 -14.07 4.14
C GLY F 106 12.36 -13.08 4.10
N GLY F 107 12.41 -12.18 5.08
CA GLY F 107 13.45 -11.18 5.12
C GLY F 107 13.24 -10.12 4.06
N VAL F 108 14.35 -9.48 3.67
CA VAL F 108 14.35 -8.47 2.64
C VAL F 108 15.43 -8.80 1.62
N LEU F 109 15.38 -8.12 0.48
CA LEU F 109 16.42 -8.25 -0.53
C LEU F 109 17.70 -7.59 -0.02
N PRO F 110 18.85 -8.25 -0.15
CA PRO F 110 20.10 -7.62 0.30
C PRO F 110 20.55 -6.50 -0.62
N ASN F 111 20.36 -5.25 -0.19
CA ASN F 111 20.84 -4.12 -0.98
C ASN F 111 21.28 -3.00 -0.05
N ILE F 112 22.35 -2.32 -0.43
CA ILE F 112 22.86 -1.14 0.27
C ILE F 112 22.92 -0.01 -0.76
N GLN F 113 22.50 1.18 -0.35
CA GLN F 113 22.59 2.35 -1.21
C GLN F 113 24.05 2.69 -1.46
N ALA F 114 24.33 3.20 -2.67
CA ALA F 114 25.70 3.36 -3.12
C ALA F 114 26.42 4.49 -2.40
N VAL F 115 25.67 5.44 -1.83
CA VAL F 115 26.30 6.53 -1.10
C VAL F 115 26.75 6.11 0.29
N LEU F 116 26.33 4.94 0.76
CA LEU F 116 26.72 4.46 2.08
C LEU F 116 28.03 3.68 2.06
N LEU F 117 28.49 3.26 0.88
CA LEU F 117 29.74 2.53 0.77
C LEU F 117 30.92 3.50 0.93
N PRO F 118 32.00 3.06 1.61
CA PRO F 118 33.12 3.97 1.84
C PRO F 118 34.06 4.06 0.65
N LYS F 119 34.59 5.26 0.44
CA LYS F 119 35.53 5.49 -0.65
C LYS F 119 36.44 6.67 -0.34
N LYS G 31 -13.12 -36.39 16.57
CA LYS G 31 -14.40 -36.16 15.89
C LYS G 31 -14.43 -34.77 15.27
N ARG G 32 -13.32 -34.04 15.39
CA ARG G 32 -13.22 -32.69 14.86
C ARG G 32 -13.12 -32.75 13.33
N SER G 33 -13.71 -31.73 12.67
CA SER G 33 -13.79 -31.69 11.22
C SER G 33 -12.42 -31.44 10.60
N ARG G 34 -12.35 -31.59 9.29
CA ARG G 34 -11.07 -31.60 8.56
C ARG G 34 -10.89 -30.28 7.84
N LYS G 35 -9.64 -29.82 7.81
CA LYS G 35 -9.27 -28.63 7.06
C LYS G 35 -8.78 -29.02 5.66
N GLU G 36 -9.00 -28.13 4.70
CA GLU G 36 -8.61 -28.41 3.32
C GLU G 36 -7.74 -27.27 2.81
N SER G 37 -6.84 -27.61 1.90
CA SER G 37 -5.85 -26.66 1.40
C SER G 37 -5.38 -27.12 0.03
N TYR G 38 -4.37 -26.43 -0.50
CA TYR G 38 -3.79 -26.76 -1.79
C TYR G 38 -2.45 -27.47 -1.67
N SER G 39 -2.08 -27.95 -0.49
CA SER G 39 -0.74 -28.46 -0.21
C SER G 39 -0.42 -29.74 -0.98
N ILE G 40 -1.43 -30.42 -1.51
CA ILE G 40 -1.24 -31.64 -2.27
C ILE G 40 -0.97 -31.34 -3.74
N TYR G 41 -1.70 -30.38 -4.29
CA TYR G 41 -1.54 -30.00 -5.70
C TYR G 41 -0.30 -29.14 -5.91
N VAL G 42 0.01 -28.27 -4.95
CA VAL G 42 1.22 -27.45 -5.01
C VAL G 42 2.46 -28.31 -4.99
N TYR G 43 2.43 -29.40 -4.22
CA TYR G 43 3.54 -30.35 -4.22
C TYR G 43 3.64 -31.09 -5.55
N LYS G 44 2.52 -31.39 -6.19
CA LYS G 44 2.53 -32.03 -7.51
C LYS G 44 3.15 -31.12 -8.57
N VAL G 45 2.79 -29.83 -8.53
CA VAL G 45 3.37 -28.85 -9.45
C VAL G 45 4.87 -28.69 -9.17
N LEU G 46 5.26 -28.73 -7.91
CA LEU G 46 6.67 -28.65 -7.54
C LEU G 46 7.45 -29.84 -8.08
N LYS G 47 6.90 -31.05 -7.95
CA LYS G 47 7.59 -32.22 -8.49
C LYS G 47 7.56 -32.24 -10.02
N GLN G 48 6.65 -31.52 -10.66
CA GLN G 48 6.78 -31.32 -12.10
C GLN G 48 7.94 -30.39 -12.44
N VAL G 49 8.00 -29.23 -11.77
CA VAL G 49 8.96 -28.20 -12.19
C VAL G 49 10.35 -28.44 -11.61
N HIS G 50 10.43 -29.20 -10.52
CA HIS G 50 11.71 -29.48 -9.84
C HIS G 50 11.59 -30.86 -9.22
N PRO G 51 12.07 -31.91 -9.91
CA PRO G 51 11.92 -33.27 -9.37
C PRO G 51 12.71 -33.53 -8.11
N ASP G 52 13.96 -33.09 -8.04
CA ASP G 52 14.77 -33.27 -6.84
C ASP G 52 14.83 -31.97 -6.05
N THR G 53 13.70 -31.63 -5.42
CA THR G 53 13.60 -30.42 -4.60
C THR G 53 12.43 -30.58 -3.65
N GLY G 54 12.70 -30.52 -2.35
CA GLY G 54 11.66 -30.56 -1.34
C GLY G 54 11.14 -29.17 -1.03
N ILE G 55 10.31 -29.10 0.01
CA ILE G 55 9.71 -27.84 0.44
C ILE G 55 9.41 -27.93 1.93
N SER G 56 9.61 -26.83 2.64
CA SER G 56 9.29 -26.77 4.05
C SER G 56 7.80 -26.51 4.25
N SER G 57 7.35 -26.70 5.51
CA SER G 57 5.94 -26.50 5.81
C SER G 57 5.57 -25.03 5.82
N LYS G 58 6.52 -24.16 6.21
CA LYS G 58 6.27 -22.73 6.19
C LYS G 58 6.14 -22.21 4.76
N ALA G 59 6.97 -22.72 3.84
CA ALA G 59 6.86 -22.37 2.43
C ALA G 59 5.57 -22.89 1.82
N MET G 60 5.10 -24.05 2.27
CA MET G 60 3.79 -24.55 1.83
C MET G 60 2.67 -23.67 2.37
N GLY G 61 2.82 -23.12 3.58
CA GLY G 61 1.84 -22.18 4.08
C GLY G 61 1.81 -20.88 3.29
N ILE G 62 2.99 -20.40 2.88
CA ILE G 62 3.09 -19.24 2.00
C ILE G 62 2.41 -19.53 0.66
N MET G 63 2.63 -20.73 0.12
CA MET G 63 2.02 -21.11 -1.15
C MET G 63 0.51 -21.22 -1.05
N ASN G 64 0.00 -21.77 0.05
CA ASN G 64 -1.45 -21.87 0.25
C ASN G 64 -2.09 -20.50 0.37
N SER G 65 -1.44 -19.59 1.12
CA SER G 65 -1.94 -18.23 1.23
C SER G 65 -1.89 -17.50 -0.10
N PHE G 66 -0.87 -17.78 -0.93
CA PHE G 66 -0.76 -17.16 -2.24
C PHE G 66 -1.87 -17.62 -3.17
N VAL G 67 -2.13 -18.93 -3.21
CA VAL G 67 -3.18 -19.47 -4.09
C VAL G 67 -4.54 -18.98 -3.65
N ASN G 68 -4.79 -18.91 -2.33
CA ASN G 68 -6.05 -18.38 -1.83
C ASN G 68 -6.22 -16.90 -2.18
N ASP G 69 -5.16 -16.12 -2.03
CA ASP G 69 -5.24 -14.68 -2.30
C ASP G 69 -5.50 -14.40 -3.78
N ILE G 70 -4.80 -15.11 -4.66
CA ILE G 70 -4.99 -14.91 -6.10
C ILE G 70 -6.36 -15.40 -6.53
N PHE G 71 -6.85 -16.49 -5.92
CA PHE G 71 -8.21 -16.97 -6.20
C PHE G 71 -9.26 -15.93 -5.84
N GLU G 72 -9.17 -15.35 -4.64
CA GLU G 72 -10.13 -14.32 -4.22
C GLU G 72 -10.03 -13.08 -5.09
N ARG G 73 -8.81 -12.69 -5.48
CA ARG G 73 -8.64 -11.52 -6.34
C ARG G 73 -9.28 -11.70 -7.71
N ILE G 74 -8.96 -12.82 -8.38
CA ILE G 74 -9.49 -13.07 -9.72
C ILE G 74 -10.99 -13.29 -9.68
N ALA G 75 -11.48 -14.04 -8.67
CA ALA G 75 -12.90 -14.32 -8.58
C ALA G 75 -13.72 -13.09 -8.25
N GLY G 76 -13.22 -12.23 -7.36
CA GLY G 76 -13.92 -10.98 -7.07
C GLY G 76 -13.92 -10.02 -8.24
N GLU G 77 -12.81 -10.00 -8.98
CA GLU G 77 -12.70 -9.14 -10.15
C GLU G 77 -13.69 -9.59 -11.22
N ALA G 78 -13.76 -10.90 -11.43
CA ALA G 78 -14.68 -11.47 -12.42
C ALA G 78 -16.13 -11.29 -12.00
N SER G 79 -16.41 -11.37 -10.70
CA SER G 79 -17.73 -11.09 -10.18
C SER G 79 -18.14 -9.64 -10.45
N ARG G 80 -17.20 -8.71 -10.25
CA ARG G 80 -17.47 -7.32 -10.56
C ARG G 80 -17.68 -7.10 -12.06
N LEU G 81 -16.91 -7.82 -12.90
CA LEU G 81 -17.08 -7.73 -14.35
C LEU G 81 -18.45 -8.22 -14.79
N ALA G 82 -18.92 -9.31 -14.18
CA ALA G 82 -20.25 -9.82 -14.51
C ALA G 82 -21.34 -8.90 -13.99
N HIS G 83 -21.10 -8.24 -12.85
CA HIS G 83 -22.12 -7.35 -12.30
C HIS G 83 -22.19 -6.03 -13.08
N TYR G 84 -21.07 -5.58 -13.65
CA TYR G 84 -21.08 -4.34 -14.43
C TYR G 84 -21.84 -4.50 -15.73
N ASN G 85 -21.83 -5.70 -16.31
CA ASN G 85 -22.43 -5.96 -17.60
C ASN G 85 -23.83 -6.56 -17.49
N LYS G 86 -24.38 -6.56 -16.28
CA LYS G 86 -25.71 -7.09 -15.98
C LYS G 86 -25.88 -8.58 -16.32
N ARG G 87 -24.82 -9.35 -16.13
CA ARG G 87 -24.86 -10.76 -16.37
C ARG G 87 -24.94 -11.53 -15.12
N SER G 88 -25.46 -12.69 -15.18
CA SER G 88 -25.72 -13.49 -13.99
C SER G 88 -24.81 -14.72 -13.89
N THR G 89 -23.87 -14.87 -14.82
CA THR G 89 -23.00 -16.04 -14.80
C THR G 89 -21.55 -15.59 -14.98
N ILE G 90 -20.64 -16.33 -14.37
CA ILE G 90 -19.20 -16.14 -14.57
C ILE G 90 -18.75 -17.21 -15.57
N THR G 91 -18.27 -16.77 -16.71
CA THR G 91 -17.73 -17.64 -17.74
C THR G 91 -16.22 -17.50 -17.80
N SER G 92 -15.62 -18.25 -18.73
CA SER G 92 -14.17 -18.16 -18.92
C SER G 92 -13.76 -16.84 -19.55
N ARG G 93 -14.67 -16.15 -20.23
CA ARG G 93 -14.39 -14.82 -20.74
C ARG G 93 -14.21 -13.81 -19.62
N GLU G 94 -15.02 -13.93 -18.56
CA GLU G 94 -14.87 -13.07 -17.39
C GLU G 94 -13.56 -13.35 -16.65
N ILE G 95 -13.18 -14.62 -16.56
CA ILE G 95 -11.92 -14.99 -15.91
C ILE G 95 -10.73 -14.51 -16.74
N GLN G 96 -10.85 -14.57 -18.07
CA GLN G 96 -9.79 -14.08 -18.95
C GLN G 96 -9.61 -12.57 -18.82
N THR G 97 -10.72 -11.83 -18.77
CA THR G 97 -10.65 -10.38 -18.61
C THR G 97 -10.14 -10.01 -17.21
N ALA G 98 -10.49 -10.80 -16.19
CA ALA G 98 -9.98 -10.54 -14.84
C ALA G 98 -8.48 -10.81 -14.75
N VAL G 99 -8.00 -11.84 -15.45
CA VAL G 99 -6.56 -12.11 -15.52
C VAL G 99 -5.84 -10.98 -16.26
N ARG G 100 -6.45 -10.46 -17.33
CA ARG G 100 -5.88 -9.34 -18.08
C ARG G 100 -5.80 -8.08 -17.23
N LEU G 101 -6.83 -7.82 -16.43
CA LEU G 101 -6.84 -6.61 -15.59
C LEU G 101 -5.90 -6.75 -14.41
N LEU G 102 -5.86 -7.92 -13.78
CA LEU G 102 -5.12 -8.09 -12.53
C LEU G 102 -3.63 -8.27 -12.79
N LEU G 103 -3.27 -9.24 -13.60
CA LEU G 103 -1.87 -9.60 -13.76
C LEU G 103 -1.16 -8.64 -14.70
N PRO G 104 0.11 -8.32 -14.42
CA PRO G 104 0.90 -7.49 -15.35
C PRO G 104 1.26 -8.24 -16.63
N GLY G 105 1.88 -7.54 -17.57
CA GLY G 105 1.91 -7.86 -18.99
C GLY G 105 2.21 -9.27 -19.46
N GLU G 106 3.45 -9.72 -19.31
CA GLU G 106 3.82 -11.04 -19.82
C GLU G 106 3.27 -12.14 -18.95
N LEU G 107 3.09 -11.83 -17.65
CA LEU G 107 2.41 -12.75 -16.74
C LEU G 107 0.98 -12.99 -17.18
N ALA G 108 0.26 -11.92 -17.52
CA ALA G 108 -1.11 -12.03 -18.00
C ALA G 108 -1.17 -12.73 -19.35
N LYS G 109 -0.18 -12.48 -20.21
CA LYS G 109 -0.13 -13.14 -21.53
C LYS G 109 0.02 -14.65 -21.39
N HIS G 110 0.96 -15.10 -20.55
CA HIS G 110 1.16 -16.53 -20.38
C HIS G 110 0.04 -17.18 -19.59
N ALA G 111 -0.58 -16.45 -18.66
CA ALA G 111 -1.72 -17.01 -17.93
C ALA G 111 -2.94 -17.15 -18.83
N VAL G 112 -3.14 -16.20 -19.76
CA VAL G 112 -4.20 -16.31 -20.75
C VAL G 112 -3.93 -17.48 -21.69
N SER G 113 -2.67 -17.70 -22.01
CA SER G 113 -2.28 -18.82 -22.86
C SER G 113 -2.63 -20.14 -22.17
N GLU G 114 -2.24 -20.27 -20.91
CA GLU G 114 -2.52 -21.48 -20.14
C GLU G 114 -4.01 -21.72 -19.95
N GLY G 115 -4.78 -20.66 -19.64
CA GLY G 115 -6.22 -20.83 -19.48
C GLY G 115 -6.91 -21.21 -20.77
N THR G 116 -6.51 -20.60 -21.89
CA THR G 116 -7.08 -20.94 -23.19
C THR G 116 -6.76 -22.36 -23.59
N LYS G 117 -5.51 -22.81 -23.35
CA LYS G 117 -5.12 -24.17 -23.70
C LYS G 117 -5.87 -25.19 -22.84
N ALA G 118 -6.07 -24.88 -21.55
CA ALA G 118 -6.78 -25.80 -20.68
C ALA G 118 -8.26 -25.88 -21.01
N VAL G 119 -8.90 -24.75 -21.36
CA VAL G 119 -10.31 -24.77 -21.74
C VAL G 119 -10.49 -25.50 -23.07
N THR G 120 -9.57 -25.30 -24.01
CA THR G 120 -9.62 -26.01 -25.29
C THR G 120 -9.44 -27.52 -25.10
N LYS G 121 -8.58 -27.89 -24.15
CA LYS G 121 -8.34 -29.30 -23.86
C LYS G 121 -9.51 -29.94 -23.10
N TYR G 122 -10.18 -29.14 -22.27
CA TYR G 122 -11.32 -29.63 -21.48
C TYR G 122 -12.56 -29.81 -22.34
N THR G 123 -12.81 -28.88 -23.26
CA THR G 123 -13.96 -29.05 -24.14
C THR G 123 -13.58 -29.82 -25.41
N SER G 124 -12.93 -30.97 -25.23
CA SER G 124 -12.63 -31.88 -26.33
C SER G 124 -12.72 -33.33 -25.89
N SER G 125 -13.20 -33.58 -24.67
CA SER G 125 -13.30 -34.93 -24.13
C SER G 125 -14.49 -35.05 -23.18
N PRO H 39 44.65 -1.02 21.78
CA PRO H 39 44.30 -2.28 21.13
C PRO H 39 43.95 -2.09 19.65
N HIS H 40 42.93 -2.82 19.18
CA HIS H 40 42.47 -2.72 17.81
C HIS H 40 41.03 -2.24 17.82
N ARG H 41 40.75 -1.23 17.00
CA ARG H 41 39.41 -0.65 16.93
C ARG H 41 39.01 -0.47 15.48
N TYR H 42 37.71 -0.64 15.20
CA TYR H 42 37.17 -0.44 13.88
C TYR H 42 36.66 0.98 13.74
N ARG H 43 36.77 1.53 12.53
CA ARG H 43 36.28 2.87 12.28
C ARG H 43 34.75 2.88 12.24
N PRO H 44 34.12 4.01 12.60
CA PRO H 44 32.65 4.08 12.55
C PRO H 44 32.13 3.97 11.13
N GLY H 45 31.07 3.18 10.98
CA GLY H 45 30.52 2.85 9.68
C GLY H 45 31.01 1.55 9.11
N THR H 46 32.12 1.01 9.62
CA THR H 46 32.60 -0.29 9.14
C THR H 46 31.81 -1.43 9.78
N VAL H 47 31.66 -1.38 11.10
CA VAL H 47 30.80 -2.35 11.79
C VAL H 47 29.35 -2.14 11.41
N ALA H 48 28.94 -0.88 11.22
CA ALA H 48 27.57 -0.56 10.83
C ALA H 48 27.23 -1.02 9.42
N LEU H 49 28.21 -1.21 8.56
CA LEU H 49 27.95 -1.77 7.23
C LEU H 49 27.91 -3.29 7.25
N ARG H 50 28.75 -3.90 8.08
CA ARG H 50 28.70 -5.35 8.23
C ARG H 50 27.44 -5.80 8.97
N GLU H 51 26.87 -4.91 9.79
CA GLU H 51 25.58 -5.22 10.41
C GLU H 51 24.45 -5.15 9.40
N ILE H 52 24.53 -4.23 8.44
CA ILE H 52 23.58 -4.18 7.34
C ILE H 52 23.70 -5.44 6.49
N ARG H 53 24.93 -5.85 6.19
CA ARG H 53 25.15 -7.05 5.39
C ARG H 53 24.75 -8.32 6.14
N ARG H 54 24.78 -8.28 7.48
CA ARG H 54 24.43 -9.44 8.27
C ARG H 54 22.92 -9.58 8.44
N TYR H 55 22.24 -8.48 8.79
CA TYR H 55 20.81 -8.55 9.08
C TYR H 55 19.94 -8.54 7.83
N GLN H 56 20.49 -8.19 6.67
CA GLN H 56 19.70 -8.27 5.44
C GLN H 56 19.72 -9.66 4.82
N LYS H 57 20.68 -10.51 5.19
CA LYS H 57 20.73 -11.88 4.70
C LYS H 57 20.05 -12.86 5.64
N SER H 58 19.90 -12.50 6.91
CA SER H 58 19.17 -13.30 7.88
C SER H 58 17.67 -13.07 7.71
N THR H 59 16.87 -14.02 8.22
CA THR H 59 15.42 -13.97 8.04
C THR H 59 14.61 -13.88 9.33
N GLU H 60 15.19 -14.13 10.50
CA GLU H 60 14.35 -14.30 11.68
C GLU H 60 13.94 -12.94 12.26
N LEU H 61 13.22 -13.01 13.36
CA LEU H 61 12.70 -11.81 14.01
C LEU H 61 13.82 -11.08 14.76
N LEU H 62 13.72 -9.75 14.78
CA LEU H 62 14.74 -8.91 15.38
C LEU H 62 14.37 -8.38 16.74
N ILE H 63 13.09 -8.37 17.10
CA ILE H 63 12.62 -7.99 18.42
C ILE H 63 12.47 -9.26 19.24
N ARG H 64 12.79 -9.16 20.53
CA ARG H 64 12.61 -10.26 21.46
C ARG H 64 11.12 -10.60 21.58
N LYS H 65 10.83 -11.90 21.76
CA LYS H 65 9.46 -12.39 21.66
C LYS H 65 8.62 -11.96 22.85
N LEU H 66 9.15 -12.13 24.07
CA LEU H 66 8.39 -11.82 25.28
C LEU H 66 8.06 -10.35 25.48
N PRO H 67 8.98 -9.36 25.28
CA PRO H 67 8.53 -7.96 25.36
C PRO H 67 7.49 -7.58 24.33
N PHE H 68 7.55 -8.13 23.12
CA PHE H 68 6.53 -7.84 22.12
C PHE H 68 5.20 -8.47 22.51
N GLN H 69 5.22 -9.67 23.08
CA GLN H 69 3.98 -10.30 23.54
C GLN H 69 3.36 -9.51 24.69
N ARG H 70 4.18 -9.01 25.62
CA ARG H 70 3.68 -8.18 26.71
C ARG H 70 3.12 -6.86 26.18
N LEU H 71 3.77 -6.26 25.18
CA LEU H 71 3.27 -5.04 24.57
C LEU H 71 1.94 -5.26 23.86
N VAL H 72 1.81 -6.40 23.18
CA VAL H 72 0.57 -6.74 22.47
C VAL H 72 -0.58 -6.92 23.46
N ARG H 73 -0.31 -7.62 24.57
CA ARG H 73 -1.34 -7.82 25.59
C ARG H 73 -1.71 -6.51 26.29
N GLU H 74 -0.72 -5.65 26.54
CA GLU H 74 -0.97 -4.34 27.13
C GLU H 74 -1.85 -3.47 26.22
N ILE H 75 -1.57 -3.48 24.92
CA ILE H 75 -2.35 -2.69 23.98
C ILE H 75 -3.76 -3.25 23.85
N ALA H 76 -3.89 -4.59 23.81
CA ALA H 76 -5.20 -5.20 23.62
C ALA H 76 -6.06 -5.13 24.86
N GLN H 77 -5.47 -4.95 26.05
CA GLN H 77 -6.27 -4.82 27.26
C GLN H 77 -7.05 -3.51 27.31
N ASP H 78 -6.69 -2.51 26.50
CA ASP H 78 -7.45 -1.28 26.41
C ASP H 78 -8.68 -1.40 25.52
N PHE H 79 -8.81 -2.48 24.75
CA PHE H 79 -9.98 -2.72 23.91
C PHE H 79 -10.95 -3.73 24.49
N LYS H 80 -10.46 -4.84 25.01
CA LYS H 80 -11.30 -5.84 25.64
C LYS H 80 -10.52 -6.52 26.75
N THR H 81 -11.09 -6.55 27.94
CA THR H 81 -10.45 -7.18 29.09
C THR H 81 -10.54 -8.70 28.99
N ASP H 82 -9.58 -9.37 29.65
CA ASP H 82 -9.48 -10.83 29.76
C ASP H 82 -9.41 -11.50 28.38
N LEU H 83 -8.75 -10.91 27.43
CA LEU H 83 -8.59 -11.52 26.14
C LEU H 83 -7.52 -12.47 26.16
N ARG H 84 -7.51 -13.44 25.26
CA ARG H 84 -6.44 -14.42 25.25
C ARG H 84 -5.96 -14.77 23.85
N PHE H 85 -4.80 -14.27 23.45
CA PHE H 85 -4.32 -14.59 22.15
C PHE H 85 -3.75 -15.91 21.97
N GLN H 86 -3.72 -16.46 20.77
CA GLN H 86 -2.95 -17.65 20.45
C GLN H 86 -1.49 -17.27 20.23
N SER H 87 -0.62 -18.29 20.22
CA SER H 87 0.79 -18.05 19.96
C SER H 87 1.01 -17.59 18.53
N SER H 88 0.27 -18.15 17.58
CA SER H 88 0.40 -17.77 16.18
C SER H 88 -0.14 -16.37 15.91
N ALA H 89 -1.08 -15.90 16.72
CA ALA H 89 -1.58 -14.53 16.56
C ALA H 89 -0.51 -13.51 16.93
N VAL H 90 0.17 -13.72 18.06
CA VAL H 90 1.27 -12.85 18.46
C VAL H 90 2.42 -12.98 17.48
N MET H 91 2.65 -14.19 16.96
CA MET H 91 3.72 -14.39 15.98
C MET H 91 3.44 -13.63 14.69
N ALA H 92 2.21 -13.68 14.19
CA ALA H 92 1.82 -12.97 12.99
C ALA H 92 1.88 -11.46 13.20
N LEU H 93 1.49 -11.01 14.40
CA LEU H 93 1.61 -9.60 14.74
C LEU H 93 3.07 -9.15 14.74
N GLN H 94 3.98 -10.02 15.20
CA GLN H 94 5.39 -9.65 15.23
C GLN H 94 5.99 -9.58 13.84
N GLU H 95 5.67 -10.54 12.95
CA GLU H 95 6.19 -10.45 11.58
C GLU H 95 5.61 -9.24 10.84
N ALA H 96 4.33 -8.93 11.07
CA ALA H 96 3.72 -7.76 10.43
C ALA H 96 4.36 -6.46 10.90
N CYS H 97 4.57 -6.33 12.22
CA CYS H 97 5.14 -5.11 12.77
C CYS H 97 6.60 -4.94 12.36
N GLU H 98 7.36 -6.04 12.35
CA GLU H 98 8.76 -5.95 11.96
C GLU H 98 8.92 -5.64 10.48
N ALA H 99 8.06 -6.21 9.63
CA ALA H 99 8.11 -5.89 8.20
C ALA H 99 7.73 -4.44 7.93
N TYR H 100 6.70 -3.94 8.64
CA TYR H 100 6.31 -2.54 8.52
C TYR H 100 7.42 -1.60 8.96
N LEU H 101 8.07 -1.92 10.09
CA LEU H 101 9.14 -1.06 10.60
C LEU H 101 10.36 -1.09 9.69
N VAL H 102 10.70 -2.26 9.14
CA VAL H 102 11.84 -2.37 8.22
C VAL H 102 11.59 -1.57 6.95
N GLY H 103 10.37 -1.70 6.37
CA GLY H 103 10.06 -0.96 5.14
C GLY H 103 10.02 0.55 5.39
N LEU H 104 9.50 0.97 6.55
CA LEU H 104 9.56 2.37 6.91
C LEU H 104 11.00 2.84 7.12
N PHE H 105 11.89 1.94 7.55
CA PHE H 105 13.29 2.32 7.70
C PHE H 105 13.98 2.48 6.35
N GLU H 106 13.60 1.68 5.34
CA GLU H 106 14.12 1.94 3.99
C GLU H 106 13.62 3.26 3.44
N ASP H 107 12.34 3.58 3.65
CA ASP H 107 11.82 4.87 3.19
C ASP H 107 12.46 6.04 3.94
N THR H 108 12.71 5.85 5.24
CA THR H 108 13.42 6.84 6.05
C THR H 108 14.85 7.05 5.57
N ASN H 109 15.53 5.96 5.19
CA ASN H 109 16.88 6.06 4.67
C ASN H 109 16.91 6.80 3.34
N LEU H 110 15.90 6.57 2.49
CA LEU H 110 15.81 7.31 1.23
C LEU H 110 15.57 8.80 1.48
N CYS H 111 14.75 9.12 2.47
CA CYS H 111 14.52 10.52 2.84
C CYS H 111 15.79 11.17 3.39
N ALA H 112 16.58 10.40 4.14
CA ALA H 112 17.83 10.93 4.69
C ALA H 112 18.86 11.17 3.60
N ILE H 113 18.96 10.24 2.64
CA ILE H 113 19.91 10.39 1.54
C ILE H 113 19.50 11.52 0.61
N HIS H 114 18.19 11.77 0.47
CA HIS H 114 17.71 12.89 -0.34
C HIS H 114 18.13 14.24 0.25
N ALA H 115 18.26 14.32 1.57
CA ALA H 115 18.69 15.54 2.23
C ALA H 115 20.21 15.64 2.39
N LYS H 116 20.96 14.84 1.61
CA LYS H 116 22.43 14.79 1.64
C LYS H 116 22.96 14.45 3.02
N ARG H 117 22.39 13.42 3.62
CA ARG H 117 22.79 12.96 4.96
C ARG H 117 22.92 11.44 4.93
N VAL H 118 23.57 10.91 5.96
CA VAL H 118 23.57 9.47 6.20
C VAL H 118 22.95 9.10 7.55
N THR H 119 22.64 10.08 8.38
CA THR H 119 21.99 9.86 9.67
C THR H 119 20.49 10.07 9.50
N ILE H 120 19.70 9.04 9.81
CA ILE H 120 18.26 9.18 9.77
C ILE H 120 17.80 9.96 10.98
N MET H 121 16.77 10.78 10.80
CA MET H 121 16.26 11.69 11.81
C MET H 121 14.75 11.54 11.88
N PRO H 122 14.12 11.99 12.97
CA PRO H 122 12.64 11.92 13.05
C PRO H 122 11.92 12.69 11.95
N LYS H 123 12.52 13.74 11.39
CA LYS H 123 11.90 14.44 10.27
C LYS H 123 11.83 13.55 9.02
N ASP H 124 12.78 12.63 8.87
CA ASP H 124 12.74 11.68 7.76
C ASP H 124 11.61 10.67 7.94
N ILE H 125 11.40 10.20 9.17
CA ILE H 125 10.28 9.30 9.47
C ILE H 125 8.95 10.01 9.22
N GLN H 126 8.85 11.28 9.65
CA GLN H 126 7.63 12.05 9.45
C GLN H 126 7.35 12.30 7.98
N LEU H 127 8.40 12.59 7.20
CA LEU H 127 8.22 12.80 5.76
C LEU H 127 7.80 11.52 5.05
N ALA H 128 8.43 10.38 5.41
CA ALA H 128 8.07 9.11 4.79
C ALA H 128 6.64 8.71 5.12
N ARG H 129 6.22 8.93 6.38
CA ARG H 129 4.85 8.60 6.75
C ARG H 129 3.85 9.59 6.16
N ARG H 130 4.32 10.78 5.84
CA ARG H 130 3.47 11.80 5.23
C ARG H 130 3.21 11.48 3.76
N ILE H 131 4.25 11.05 3.06
CA ILE H 131 4.14 10.70 1.65
C ILE H 131 3.42 9.37 1.48
N ARG H 132 3.69 8.40 2.37
CA ARG H 132 3.02 7.11 2.34
C ARG H 132 1.53 7.18 2.62
N GLY H 133 1.05 8.26 3.25
CA GLY H 133 -0.34 8.38 3.61
C GLY H 133 -0.67 7.97 5.02
N GLU H 134 0.34 7.67 5.84
CA GLU H 134 0.10 7.28 7.22
C GLU H 134 -0.19 8.46 8.13
N ARG H 135 -0.01 9.68 7.65
CA ARG H 135 -0.32 10.87 8.44
C ARG H 135 -1.31 11.77 7.72
N VAL I 22 -2.45 -6.73 34.97
CA VAL I 22 -2.48 -5.34 34.50
C VAL I 22 -1.06 -4.89 34.14
N LEU I 23 -0.77 -4.88 32.85
CA LEU I 23 0.54 -4.49 32.36
C LEU I 23 0.60 -2.98 32.15
N ARG I 24 1.79 -2.41 32.34
CA ARG I 24 1.98 -0.98 32.15
C ARG I 24 3.42 -0.71 31.76
N ASP I 25 3.60 0.19 30.78
CA ASP I 25 4.90 0.64 30.26
C ASP I 25 5.67 -0.57 29.72
N ASN I 26 5.18 -1.07 28.59
CA ASN I 26 5.83 -2.16 27.89
C ASN I 26 6.34 -1.75 26.52
N ILE I 27 6.12 -0.50 26.09
CA ILE I 27 6.73 -0.01 24.86
C ILE I 27 8.23 0.19 25.04
N GLN I 28 8.70 0.36 26.28
CA GLN I 28 10.13 0.43 26.57
C GLN I 28 10.83 -0.92 26.41
N GLY I 29 10.06 -2.02 26.35
CA GLY I 29 10.64 -3.33 26.07
C GLY I 29 11.11 -3.48 24.64
N ILE I 30 10.64 -2.63 23.73
CA ILE I 30 11.19 -2.55 22.39
C ILE I 30 12.47 -1.73 22.50
N THR I 31 13.58 -2.42 22.74
CA THR I 31 14.80 -1.76 23.16
C THR I 31 15.47 -1.04 22.00
N LYS I 32 16.42 -0.18 22.36
CA LYS I 32 17.26 0.49 21.36
C LYS I 32 18.06 -0.46 20.47
N PRO I 33 18.70 -1.56 20.95
CA PRO I 33 19.31 -2.50 20.00
C PRO I 33 18.34 -3.17 19.04
N ALA I 34 17.09 -3.41 19.45
CA ALA I 34 16.11 -4.00 18.54
C ALA I 34 15.75 -3.03 17.41
N ILE I 35 15.59 -1.75 17.74
CA ILE I 35 15.32 -0.74 16.72
C ILE I 35 16.54 -0.56 15.81
N ARG I 36 17.74 -0.68 16.38
CA ARG I 36 18.95 -0.62 15.57
C ARG I 36 19.06 -1.80 14.61
N ARG I 37 18.67 -3.00 15.06
CA ARG I 37 18.65 -4.16 14.18
C ARG I 37 17.62 -4.00 13.06
N LEU I 38 16.44 -3.45 13.40
CA LEU I 38 15.42 -3.20 12.38
C LEU I 38 15.86 -2.13 11.39
N ALA I 39 16.71 -1.19 11.83
CA ALA I 39 17.27 -0.21 10.91
C ALA I 39 18.36 -0.83 10.04
N ARG I 40 19.16 -1.75 10.61
CA ARG I 40 20.20 -2.42 9.83
C ARG I 40 19.60 -3.31 8.75
N ARG I 41 18.49 -3.98 9.04
CA ARG I 41 17.80 -4.74 8.00
C ARG I 41 17.17 -3.82 6.96
N GLY I 42 16.78 -2.62 7.37
CA GLY I 42 16.31 -1.61 6.44
C GLY I 42 17.39 -0.88 5.67
N GLY I 43 18.65 -1.15 5.96
CA GLY I 43 19.75 -0.55 5.23
C GLY I 43 20.28 0.75 5.78
N VAL I 44 20.09 1.02 7.06
CA VAL I 44 20.44 2.30 7.65
C VAL I 44 21.82 2.20 8.28
N LYS I 45 22.69 3.16 7.94
CA LYS I 45 24.07 3.18 8.41
C LYS I 45 24.22 3.94 9.74
N ARG I 46 23.66 5.15 9.78
CA ARG I 46 23.71 5.99 10.97
C ARG I 46 22.31 6.20 11.52
N ILE I 47 22.19 6.25 12.85
CA ILE I 47 20.90 6.42 13.51
C ILE I 47 21.03 7.52 14.54
N SER I 48 20.14 8.52 14.49
CA SER I 48 20.13 9.57 15.49
C SER I 48 19.54 9.06 16.80
N GLY I 49 19.78 9.83 17.86
CA GLY I 49 19.33 9.43 19.19
C GLY I 49 17.84 9.60 19.43
N LEU I 50 17.19 10.47 18.68
CA LEU I 50 15.76 10.69 18.83
C LEU I 50 14.93 9.79 17.93
N ILE I 51 15.58 8.87 17.21
CA ILE I 51 14.88 7.96 16.32
C ILE I 51 14.06 6.95 17.12
N TYR I 52 14.59 6.52 18.28
CA TYR I 52 14.03 5.39 19.01
C TYR I 52 12.66 5.70 19.61
N GLU I 53 12.48 6.90 20.18
CA GLU I 53 11.18 7.28 20.73
C GLU I 53 10.14 7.45 19.62
N GLU I 54 10.55 8.00 18.48
CA GLU I 54 9.67 8.13 17.32
C GLU I 54 9.26 6.76 16.79
N THR I 55 10.20 5.82 16.74
CA THR I 55 9.91 4.47 16.28
C THR I 55 8.98 3.74 17.24
N ARG I 56 9.16 3.96 18.54
CA ARG I 56 8.24 3.39 19.54
C ARG I 56 6.84 3.94 19.37
N GLY I 57 6.71 5.24 19.11
CA GLY I 57 5.38 5.81 18.88
C GLY I 57 4.73 5.29 17.61
N VAL I 58 5.51 5.16 16.52
CA VAL I 58 4.97 4.69 15.25
C VAL I 58 4.55 3.22 15.35
N LEU I 59 5.39 2.39 15.98
CA LEU I 59 5.06 0.99 16.20
C LEU I 59 3.84 0.85 17.11
N LYS I 60 3.72 1.73 18.11
CA LYS I 60 2.54 1.71 18.97
C LYS I 60 1.28 2.02 18.19
N VAL I 61 1.29 3.05 17.35
CA VAL I 61 0.09 3.46 16.59
C VAL I 61 -0.33 2.35 15.62
N PHE I 62 0.64 1.75 14.93
CA PHE I 62 0.37 0.64 14.03
C PHE I 62 -0.21 -0.55 14.78
N LEU I 63 0.32 -0.82 15.98
CA LEU I 63 -0.15 -1.95 16.77
C LEU I 63 -1.58 -1.74 17.27
N GLU I 64 -1.93 -0.53 17.72
CA GLU I 64 -3.32 -0.30 18.14
C GLU I 64 -4.29 -0.39 16.97
N ASN I 65 -3.89 0.07 15.78
CA ASN I 65 -4.77 -0.07 14.62
C ASN I 65 -5.05 -1.54 14.28
N VAL I 66 -3.97 -2.33 14.15
CA VAL I 66 -4.12 -3.74 13.77
C VAL I 66 -4.82 -4.54 14.87
N ILE I 67 -4.47 -4.27 16.13
CA ILE I 67 -5.06 -4.99 17.26
C ILE I 67 -6.53 -4.61 17.43
N ARG I 68 -6.89 -3.35 17.17
CA ARG I 68 -8.29 -2.94 17.25
C ARG I 68 -9.14 -3.64 16.20
N ASP I 69 -8.63 -3.75 14.97
CA ASP I 69 -9.36 -4.49 13.94
C ASP I 69 -9.45 -5.98 14.26
N ALA I 70 -8.37 -6.56 14.82
CA ALA I 70 -8.38 -7.97 15.18
C ALA I 70 -9.33 -8.27 16.32
N VAL I 71 -9.41 -7.37 17.31
CA VAL I 71 -10.33 -7.54 18.43
C VAL I 71 -11.78 -7.36 17.96
N THR I 72 -12.03 -6.46 16.99
CA THR I 72 -13.37 -6.36 16.40
C THR I 72 -13.76 -7.65 15.69
N TYR I 73 -12.83 -8.24 14.94
CA TYR I 73 -13.08 -9.52 14.27
C TYR I 73 -13.28 -10.64 15.27
N THR I 74 -12.61 -10.57 16.41
CA THR I 74 -12.78 -11.59 17.45
C THR I 74 -14.13 -11.46 18.15
N GLU I 75 -14.53 -10.23 18.49
CA GLU I 75 -15.79 -9.99 19.18
C GLU I 75 -16.99 -10.28 18.29
N HIS I 76 -16.83 -10.17 16.96
CA HIS I 76 -17.93 -10.56 16.08
C HIS I 76 -18.15 -12.07 16.12
N ALA I 77 -17.09 -12.84 16.34
CA ALA I 77 -17.16 -14.29 16.35
C ALA I 77 -17.57 -14.85 17.69
N LYS I 78 -17.90 -13.96 18.65
CA LYS I 78 -18.31 -14.33 20.00
C LYS I 78 -17.25 -15.17 20.70
N ARG I 79 -15.99 -14.81 20.48
CA ARG I 79 -14.85 -15.51 21.07
C ARG I 79 -14.13 -14.60 22.04
N LYS I 80 -13.54 -15.22 23.05
CA LYS I 80 -12.63 -14.53 23.95
C LYS I 80 -11.17 -14.73 23.59
N THR I 81 -10.89 -15.52 22.56
CA THR I 81 -9.53 -15.83 22.13
C THR I 81 -9.29 -15.16 20.78
N VAL I 82 -8.25 -14.34 20.71
CA VAL I 82 -7.84 -13.75 19.45
C VAL I 82 -6.99 -14.78 18.70
N THR I 83 -7.43 -15.14 17.51
CA THR I 83 -6.75 -16.14 16.70
C THR I 83 -5.85 -15.45 15.69
N ALA I 84 -4.98 -16.26 15.06
CA ALA I 84 -4.11 -15.73 14.02
C ALA I 84 -4.89 -15.35 12.77
N MET I 85 -6.04 -15.99 12.56
CA MET I 85 -6.84 -15.71 11.37
C MET I 85 -7.45 -14.32 11.46
N ASP I 86 -7.84 -13.90 12.67
CA ASP I 86 -8.35 -12.54 12.89
C ASP I 86 -7.28 -11.50 12.62
N VAL I 87 -6.03 -11.79 13.02
CA VAL I 87 -4.90 -10.92 12.72
C VAL I 87 -4.66 -10.84 11.22
N VAL I 88 -4.82 -11.97 10.51
CA VAL I 88 -4.64 -11.99 9.06
C VAL I 88 -5.74 -11.17 8.37
N TYR I 89 -6.99 -11.28 8.83
CA TYR I 89 -8.06 -10.46 8.27
C TYR I 89 -7.86 -8.98 8.57
N ALA I 90 -7.38 -8.65 9.77
CA ALA I 90 -7.07 -7.27 10.10
C ALA I 90 -5.98 -6.69 9.21
N LEU I 91 -4.92 -7.48 8.98
CA LEU I 91 -3.84 -7.03 8.11
C LEU I 91 -4.30 -6.89 6.67
N LYS I 92 -5.18 -7.79 6.24
CA LYS I 92 -5.70 -7.74 4.87
C LYS I 92 -6.61 -6.52 4.70
N ARG I 93 -7.32 -6.18 5.76
CA ARG I 93 -8.23 -5.05 5.78
C ARG I 93 -7.43 -3.75 5.67
N GLN I 94 -6.30 -3.68 6.37
CA GLN I 94 -5.49 -2.46 6.30
C GLN I 94 -4.51 -2.46 5.13
N GLY I 95 -4.69 -3.36 4.16
CA GLY I 95 -3.86 -3.35 2.97
C GLY I 95 -2.47 -3.88 3.17
N ARG I 96 -2.27 -4.63 4.25
CA ARG I 96 -0.97 -5.21 4.57
C ARG I 96 -1.15 -6.71 4.69
N THR I 97 -1.41 -7.34 3.56
CA THR I 97 -1.65 -8.78 3.47
C THR I 97 -0.42 -9.61 3.84
N LEU I 98 -0.63 -10.57 4.74
CA LEU I 98 0.44 -11.36 5.32
C LEU I 98 0.27 -12.82 4.90
N TYR I 99 1.32 -13.40 4.33
CA TYR I 99 1.31 -14.78 3.88
C TYR I 99 1.97 -15.67 4.92
N GLY I 100 1.47 -16.90 5.02
CA GLY I 100 2.12 -17.92 5.83
C GLY I 100 1.53 -18.14 7.19
N PHE I 101 0.40 -17.52 7.53
CA PHE I 101 -0.23 -17.71 8.82
C PHE I 101 -1.69 -18.11 8.67
N GLY I 102 -2.05 -18.76 7.58
CA GLY I 102 -3.42 -19.14 7.31
C GLY I 102 -4.03 -18.31 6.20
N GLY I 103 -5.20 -18.77 5.75
CA GLY I 103 -5.93 -18.09 4.70
C GLY I 103 -5.30 -18.23 3.34
N ALA J 13 -53.56 -3.28 3.72
CA ALA J 13 -53.74 -2.25 4.74
C ALA J 13 -52.88 -1.02 4.42
N LYS J 14 -53.17 -0.40 3.27
CA LYS J 14 -52.68 0.90 2.80
C LYS J 14 -51.21 0.87 2.37
N ALA J 15 -50.51 -0.22 2.65
CA ALA J 15 -49.14 -0.50 2.19
C ALA J 15 -48.14 0.59 2.56
N LYS J 16 -47.92 0.74 3.87
CA LYS J 16 -46.93 1.69 4.36
C LYS J 16 -45.52 1.13 4.13
N SER J 17 -44.50 1.94 3.92
CA SER J 17 -43.20 1.41 3.61
C SER J 17 -42.37 1.21 4.75
N ARG J 18 -41.28 0.55 4.52
CA ARG J 18 -40.38 0.13 5.60
C ARG J 18 -39.53 1.28 6.11
N SER J 19 -39.24 2.27 5.24
CA SER J 19 -38.49 3.44 5.67
C SER J 19 -39.28 4.29 6.65
N SER J 20 -40.59 4.41 6.43
CA SER J 20 -41.44 5.12 7.38
C SER J 20 -41.64 4.31 8.66
N ARG J 21 -41.55 2.98 8.55
CA ARG J 21 -41.58 2.14 9.75
C ARG J 21 -40.32 2.35 10.59
N ALA J 22 -39.17 2.48 9.94
CA ALA J 22 -37.92 2.74 10.63
C ALA J 22 -37.67 4.22 10.88
N GLY J 23 -38.53 5.09 10.36
CA GLY J 23 -38.33 6.52 10.50
C GLY J 23 -37.15 7.07 9.74
N LEU J 24 -36.93 6.59 8.52
CA LEU J 24 -35.79 6.97 7.71
C LEU J 24 -36.25 7.68 6.45
N GLN J 25 -35.27 8.26 5.74
CA GLN J 25 -35.49 8.81 4.42
C GLN J 25 -34.90 7.94 3.32
N PHE J 26 -33.78 7.27 3.60
CA PHE J 26 -33.19 6.34 2.65
C PHE J 26 -34.04 5.08 2.55
N PRO J 27 -34.12 4.46 1.36
CA PRO J 27 -35.08 3.36 1.16
C PRO J 27 -34.58 2.06 1.77
N VAL J 28 -35.40 1.47 2.65
CA VAL J 28 -35.08 0.14 3.17
C VAL J 28 -35.28 -0.91 2.09
N GLY J 29 -36.34 -0.78 1.28
CA GLY J 29 -36.63 -1.78 0.28
C GLY J 29 -35.63 -1.85 -0.86
N ARG J 30 -35.18 -0.68 -1.34
CA ARG J 30 -34.18 -0.67 -2.40
C ARG J 30 -32.83 -1.17 -1.89
N VAL J 31 -32.48 -0.85 -0.66
CA VAL J 31 -31.24 -1.34 -0.06
C VAL J 31 -31.30 -2.85 0.15
N HIS J 32 -32.48 -3.37 0.53
CA HIS J 32 -32.70 -4.81 0.62
C HIS J 32 -32.56 -5.48 -0.74
N ARG J 33 -33.09 -4.85 -1.79
CA ARG J 33 -33.00 -5.42 -3.13
C ARG J 33 -31.57 -5.41 -3.66
N LEU J 34 -30.82 -4.34 -3.37
CA LEU J 34 -29.42 -4.27 -3.79
C LEU J 34 -28.55 -5.23 -2.99
N LEU J 35 -28.89 -5.45 -1.73
CA LEU J 35 -28.15 -6.42 -0.92
C LEU J 35 -28.46 -7.84 -1.36
N ARG J 36 -29.71 -8.09 -1.79
CA ARG J 36 -30.09 -9.42 -2.25
C ARG J 36 -29.44 -9.75 -3.59
N LYS J 37 -29.53 -8.84 -4.55
CA LYS J 37 -29.07 -9.09 -5.90
C LYS J 37 -27.60 -8.74 -6.12
N GLY J 38 -26.94 -8.15 -5.13
CA GLY J 38 -25.56 -7.73 -5.27
C GLY J 38 -24.52 -8.79 -5.04
N ASN J 39 -24.96 -10.05 -4.83
CA ASN J 39 -24.08 -11.21 -4.63
C ASN J 39 -23.18 -11.04 -3.41
N TYR J 40 -23.81 -10.80 -2.26
CA TYR J 40 -23.11 -10.66 -1.00
C TYR J 40 -23.30 -11.85 -0.07
N ALA J 41 -24.48 -12.45 -0.04
CA ALA J 41 -24.74 -13.60 0.80
C ALA J 41 -25.91 -14.38 0.22
N GLU J 42 -26.16 -15.56 0.78
CA GLU J 42 -27.31 -16.35 0.37
C GLU J 42 -28.61 -15.73 0.87
N ARG J 43 -28.60 -15.20 2.09
CA ARG J 43 -29.78 -14.59 2.68
C ARG J 43 -29.44 -13.21 3.23
N VAL J 44 -30.47 -12.37 3.35
CA VAL J 44 -30.37 -11.06 3.99
C VAL J 44 -31.37 -11.02 5.12
N GLY J 45 -30.90 -10.67 6.32
CA GLY J 45 -31.65 -10.88 7.54
C GLY J 45 -32.72 -9.88 7.89
N ALA J 46 -33.10 -8.99 6.97
CA ALA J 46 -34.26 -8.09 7.01
C ALA J 46 -34.18 -7.01 8.10
N GLY J 47 -33.15 -7.00 8.93
CA GLY J 47 -32.88 -5.87 9.80
C GLY J 47 -31.61 -5.21 9.35
N ALA J 48 -30.84 -5.97 8.54
CA ALA J 48 -29.65 -5.42 7.90
C ALA J 48 -29.92 -4.26 6.94
N PRO J 49 -30.96 -4.27 6.07
CA PRO J 49 -31.20 -3.04 5.27
C PRO J 49 -31.61 -1.83 6.09
N VAL J 50 -32.26 -2.04 7.24
CA VAL J 50 -32.63 -0.92 8.10
C VAL J 50 -31.38 -0.27 8.68
N TYR J 51 -30.45 -1.10 9.17
CA TYR J 51 -29.19 -0.62 9.70
C TYR J 51 -28.35 0.07 8.63
N MET J 52 -28.30 -0.55 7.44
CA MET J 52 -27.53 0.00 6.33
C MET J 52 -28.08 1.36 5.90
N ALA J 53 -29.40 1.43 5.74
CA ALA J 53 -30.04 2.67 5.33
C ALA J 53 -29.87 3.76 6.36
N ALA J 54 -29.90 3.40 7.65
CA ALA J 54 -29.66 4.37 8.72
C ALA J 54 -28.23 4.91 8.69
N VAL J 55 -27.26 4.02 8.45
CA VAL J 55 -25.85 4.45 8.39
C VAL J 55 -25.60 5.33 7.18
N LEU J 56 -26.16 4.96 6.02
CA LEU J 56 -26.03 5.79 4.81
C LEU J 56 -26.71 7.14 4.98
N GLU J 57 -27.87 7.17 5.64
CA GLU J 57 -28.57 8.43 5.87
C GLU J 57 -27.82 9.31 6.85
N TYR J 58 -27.19 8.72 7.87
CA TYR J 58 -26.40 9.51 8.82
C TYR J 58 -25.17 10.11 8.15
N LEU J 59 -24.47 9.32 7.33
CA LEU J 59 -23.28 9.83 6.65
C LEU J 59 -23.64 10.91 5.65
N THR J 60 -24.74 10.72 4.91
CA THR J 60 -25.23 11.73 3.98
C THR J 60 -25.62 13.00 4.70
N ALA J 61 -26.28 12.89 5.85
CA ALA J 61 -26.70 14.06 6.62
C ALA J 61 -25.51 14.82 7.18
N GLU J 62 -24.50 14.11 7.66
CA GLU J 62 -23.30 14.76 8.20
C GLU J 62 -22.54 15.51 7.11
N ILE J 63 -22.34 14.86 5.96
CA ILE J 63 -21.64 15.49 4.84
C ILE J 63 -22.41 16.68 4.30
N LEU J 64 -23.74 16.54 4.18
CA LEU J 64 -24.57 17.61 3.65
C LEU J 64 -24.66 18.79 4.62
N GLU J 65 -24.66 18.52 5.92
CA GLU J 65 -24.70 19.61 6.89
C GLU J 65 -23.39 20.38 6.90
N LEU J 66 -22.25 19.68 6.84
CA LEU J 66 -20.96 20.37 6.78
C LEU J 66 -20.80 21.13 5.47
N ALA J 67 -21.29 20.57 4.37
CA ALA J 67 -21.23 21.26 3.08
C ALA J 67 -22.13 22.48 3.03
N GLY J 68 -23.31 22.39 3.64
CA GLY J 68 -24.18 23.57 3.72
C GLY J 68 -23.62 24.66 4.61
N ASN J 69 -22.94 24.26 5.68
CA ASN J 69 -22.23 25.23 6.52
C ASN J 69 -21.11 25.91 5.75
N ALA J 70 -20.36 25.14 4.95
CA ALA J 70 -19.30 25.72 4.12
C ALA J 70 -19.86 26.65 3.06
N ALA J 71 -21.01 26.30 2.47
CA ALA J 71 -21.66 27.17 1.50
C ALA J 71 -22.18 28.44 2.14
N ARG J 72 -22.65 28.35 3.39
CA ARG J 72 -23.12 29.54 4.09
C ARG J 72 -21.96 30.46 4.46
N ASP J 73 -20.82 29.88 4.86
CA ASP J 73 -19.64 30.71 5.11
C ASP J 73 -19.05 31.26 3.82
N ASN J 74 -19.41 30.65 2.70
CA ASN J 74 -18.96 31.12 1.39
C ASN J 74 -20.01 32.02 0.77
N LYS J 75 -21.04 32.32 1.57
CA LYS J 75 -22.18 33.17 1.18
C LYS J 75 -22.85 32.68 -0.11
N LYS J 76 -23.04 31.36 -0.20
CA LYS J 76 -23.73 30.74 -1.32
C LYS J 76 -24.91 29.92 -0.81
N THR J 77 -26.01 30.00 -1.54
CA THR J 77 -27.20 29.21 -1.21
C THR J 77 -27.05 27.75 -1.66
N ARG J 78 -26.50 27.52 -2.84
CA ARG J 78 -26.41 26.20 -3.45
C ARG J 78 -25.11 25.53 -3.06
N ILE J 79 -25.12 24.19 -3.00
CA ILE J 79 -23.92 23.41 -2.73
C ILE J 79 -23.31 22.97 -4.05
N ILE J 80 -22.03 23.27 -4.24
CA ILE J 80 -21.26 22.85 -5.40
C ILE J 80 -20.26 21.82 -4.89
N PRO J 81 -19.56 21.05 -5.73
CA PRO J 81 -18.58 20.08 -5.20
C PRO J 81 -17.38 20.70 -4.47
N ARG J 82 -17.11 21.99 -4.66
CA ARG J 82 -16.11 22.67 -3.85
C ARG J 82 -16.50 22.67 -2.38
N HIS J 83 -17.78 22.89 -2.09
CA HIS J 83 -18.25 22.87 -0.71
C HIS J 83 -18.16 21.48 -0.10
N LEU J 84 -18.41 20.45 -0.91
CA LEU J 84 -18.24 19.07 -0.45
C LEU J 84 -16.78 18.74 -0.16
N GLN J 85 -15.87 19.22 -1.03
CA GLN J 85 -14.44 19.00 -0.79
C GLN J 85 -13.96 19.75 0.45
N LEU J 86 -14.43 20.99 0.64
CA LEU J 86 -14.05 21.76 1.82
C LEU J 86 -14.65 21.16 3.09
N ALA J 87 -15.81 20.53 2.99
CA ALA J 87 -16.39 19.84 4.13
C ALA J 87 -15.63 18.57 4.47
N ILE J 88 -15.19 17.84 3.45
CA ILE J 88 -14.59 16.52 3.68
C ILE J 88 -13.16 16.69 4.17
N ARG J 89 -12.39 17.57 3.52
CA ARG J 89 -10.96 17.69 3.80
C ARG J 89 -10.67 18.40 5.11
N ASN J 90 -11.60 19.21 5.61
CA ASN J 90 -11.42 19.91 6.87
C ASN J 90 -11.75 19.06 8.09
N ASP J 91 -12.31 17.87 7.89
CA ASP J 91 -12.66 16.95 8.95
C ASP J 91 -11.69 15.79 8.90
N GLU J 92 -11.15 15.40 10.06
CA GLU J 92 -10.14 14.35 10.09
C GLU J 92 -10.76 12.98 9.80
N GLU J 93 -11.92 12.70 10.39
CA GLU J 93 -12.56 11.41 10.20
C GLU J 93 -13.12 11.26 8.79
N LEU J 94 -13.68 12.34 8.23
CA LEU J 94 -14.20 12.29 6.88
C LEU J 94 -13.08 12.15 5.85
N ASN J 95 -11.94 12.80 6.11
CA ASN J 95 -10.79 12.65 5.22
C ASN J 95 -10.14 11.28 5.37
N LYS J 96 -10.22 10.68 6.56
CA LYS J 96 -9.73 9.32 6.74
C LYS J 96 -10.64 8.32 6.01
N LEU J 97 -11.94 8.57 6.01
CA LEU J 97 -12.87 7.70 5.31
C LEU J 97 -12.70 7.80 3.79
N LEU J 98 -12.39 8.99 3.28
CA LEU J 98 -12.27 9.20 1.84
C LEU J 98 -10.87 9.65 1.47
N GLY J 99 -9.85 8.97 2.00
CA GLY J 99 -8.47 9.34 1.68
C GLY J 99 -8.10 9.05 0.25
N LYS J 100 -8.52 7.90 -0.28
CA LYS J 100 -8.20 7.49 -1.64
C LYS J 100 -9.31 7.84 -2.62
N VAL J 101 -10.00 8.94 -2.38
CA VAL J 101 -11.19 9.32 -3.14
C VAL J 101 -10.95 10.70 -3.75
N THR J 102 -11.18 10.81 -5.06
CA THR J 102 -11.10 12.07 -5.78
C THR J 102 -12.50 12.63 -6.00
N ILE J 103 -12.72 13.86 -5.58
CA ILE J 103 -13.98 14.56 -5.81
C ILE J 103 -13.79 15.46 -7.02
N ALA J 104 -14.64 15.28 -8.03
CA ALA J 104 -14.52 16.05 -9.26
C ALA J 104 -14.99 17.48 -9.04
N GLN J 105 -14.23 18.42 -9.61
CA GLN J 105 -14.44 19.87 -9.48
C GLN J 105 -14.46 20.33 -8.03
N GLY J 106 -13.61 19.72 -7.19
CA GLY J 106 -13.57 20.03 -5.79
C GLY J 106 -12.37 20.86 -5.40
N GLY J 107 -11.32 20.84 -6.22
CA GLY J 107 -10.13 21.60 -5.93
C GLY J 107 -9.33 20.99 -4.79
N VAL J 108 -8.55 21.86 -4.12
CA VAL J 108 -7.74 21.46 -2.99
C VAL J 108 -7.95 22.48 -1.87
N LEU J 109 -7.44 22.13 -0.69
CA LEU J 109 -7.46 23.06 0.42
C LEU J 109 -6.45 24.18 0.18
N PRO J 110 -6.75 25.40 0.58
CA PRO J 110 -5.73 26.46 0.54
C PRO J 110 -4.65 26.23 1.58
N ASN J 111 -3.45 25.86 1.13
CA ASN J 111 -2.38 25.50 2.07
C ASN J 111 -1.04 25.83 1.42
N ILE J 112 -0.39 26.88 1.92
CA ILE J 112 0.97 27.23 1.53
C ILE J 112 1.88 26.90 2.70
N GLN J 113 3.00 26.24 2.41
CA GLN J 113 3.95 25.88 3.44
C GLN J 113 4.63 27.13 4.01
N ALA J 114 5.02 27.04 5.28
CA ALA J 114 5.41 28.24 6.02
C ALA J 114 6.78 28.77 5.59
N VAL J 115 7.62 27.89 5.04
CA VAL J 115 8.95 28.32 4.59
C VAL J 115 8.84 29.19 3.34
N LEU J 116 7.83 28.94 2.50
CA LEU J 116 7.73 29.62 1.21
C LEU J 116 7.29 31.07 1.34
N LEU J 117 6.75 31.46 2.49
CA LEU J 117 6.33 32.84 2.67
C LEU J 117 7.58 33.72 2.81
N PRO J 118 7.46 35.01 2.46
CA PRO J 118 8.60 35.92 2.58
C PRO J 118 8.93 36.25 4.02
N LYS J 119 10.16 36.74 4.21
CA LYS J 119 10.77 37.09 5.50
C LYS J 119 10.75 35.93 6.49
N ARG K 32 -36.27 4.50 -23.64
CA ARG K 32 -35.15 4.72 -22.74
C ARG K 32 -35.17 3.65 -21.64
N SER K 33 -34.42 3.81 -20.55
CA SER K 33 -34.39 2.72 -19.60
C SER K 33 -34.37 2.84 -18.08
N ARG K 34 -35.06 3.81 -17.49
CA ARG K 34 -35.16 3.97 -16.04
C ARG K 34 -34.00 3.55 -15.10
N LYS K 35 -32.94 4.34 -15.10
CA LYS K 35 -31.80 4.19 -14.19
C LYS K 35 -32.11 4.91 -12.89
N GLU K 36 -31.93 4.20 -11.78
CA GLU K 36 -32.25 4.69 -10.45
C GLU K 36 -31.03 5.36 -9.81
N SER K 37 -31.30 6.22 -8.84
CA SER K 37 -30.26 6.96 -8.13
C SER K 37 -30.73 7.24 -6.72
N TYR K 38 -29.98 8.05 -5.99
CA TYR K 38 -30.33 8.47 -4.65
C TYR K 38 -30.65 9.96 -4.56
N SER K 39 -31.02 10.58 -5.69
CA SER K 39 -31.11 12.04 -5.74
C SER K 39 -32.26 12.58 -4.90
N ILE K 40 -33.42 11.93 -4.96
CA ILE K 40 -34.56 12.40 -4.16
C ILE K 40 -34.32 12.13 -2.69
N TYR K 41 -33.59 11.08 -2.36
CA TYR K 41 -33.31 10.72 -0.97
C TYR K 41 -32.32 11.68 -0.36
N VAL K 42 -31.25 11.99 -1.10
CA VAL K 42 -30.25 12.96 -0.67
C VAL K 42 -30.86 14.36 -0.60
N TYR K 43 -31.79 14.66 -1.51
CA TYR K 43 -32.48 15.95 -1.46
C TYR K 43 -33.41 16.05 -0.27
N LYS K 44 -34.09 14.95 0.09
CA LYS K 44 -34.93 14.95 1.30
C LYS K 44 -34.09 15.12 2.55
N VAL K 45 -32.93 14.47 2.61
CA VAL K 45 -32.00 14.63 3.72
C VAL K 45 -31.48 16.07 3.81
N LEU K 46 -31.14 16.65 2.65
CA LEU K 46 -30.64 18.02 2.59
C LEU K 46 -31.69 19.03 3.03
N LYS K 47 -32.93 18.86 2.59
CA LYS K 47 -34.00 19.75 3.04
C LYS K 47 -34.41 19.49 4.48
N GLN K 48 -34.09 18.33 5.03
CA GLN K 48 -34.24 18.07 6.45
C GLN K 48 -33.18 18.76 7.30
N VAL K 49 -31.91 18.75 6.86
CA VAL K 49 -30.85 19.37 7.65
C VAL K 49 -30.55 20.81 7.27
N HIS K 50 -31.05 21.28 6.13
CA HIS K 50 -30.81 22.66 5.68
C HIS K 50 -32.00 23.09 4.83
N PRO K 51 -33.07 23.58 5.46
CA PRO K 51 -34.27 23.91 4.68
C PRO K 51 -34.26 25.30 4.06
N ASP K 52 -33.08 25.73 3.59
CA ASP K 52 -32.90 26.87 2.71
C ASP K 52 -31.89 26.62 1.61
N THR K 53 -31.10 25.56 1.71
CA THR K 53 -29.91 25.35 0.91
C THR K 53 -30.20 24.34 -0.19
N GLY K 54 -29.93 24.74 -1.43
CA GLY K 54 -30.08 23.86 -2.58
C GLY K 54 -28.83 23.06 -2.84
N ILE K 55 -28.80 22.45 -4.02
CA ILE K 55 -27.66 21.62 -4.43
C ILE K 55 -27.61 21.64 -5.95
N SER K 56 -26.41 21.40 -6.49
CA SER K 56 -26.24 21.34 -7.93
C SER K 56 -26.31 19.90 -8.42
N SER K 57 -26.29 19.74 -9.74
CA SER K 57 -26.34 18.42 -10.36
C SER K 57 -25.03 17.69 -10.13
N LYS K 58 -23.92 18.41 -10.21
CA LYS K 58 -22.60 17.82 -10.02
C LYS K 58 -22.42 17.35 -8.58
N ALA K 59 -22.87 18.16 -7.62
CA ALA K 59 -22.80 17.76 -6.21
C ALA K 59 -23.74 16.60 -5.92
N MET K 60 -24.87 16.51 -6.63
CA MET K 60 -25.73 15.34 -6.52
C MET K 60 -25.04 14.10 -7.08
N GLY K 61 -24.27 14.25 -8.15
CA GLY K 61 -23.49 13.12 -8.66
C GLY K 61 -22.42 12.67 -7.69
N ILE K 62 -21.78 13.62 -7.02
CA ILE K 62 -20.81 13.31 -5.96
C ILE K 62 -21.48 12.56 -4.82
N MET K 63 -22.68 13.00 -4.42
CA MET K 63 -23.39 12.36 -3.32
C MET K 63 -23.86 10.95 -3.69
N ASN K 64 -24.32 10.76 -4.93
CA ASN K 64 -24.71 9.42 -5.39
C ASN K 64 -23.51 8.48 -5.44
N SER K 65 -22.36 8.97 -5.92
CA SER K 65 -21.15 8.17 -5.92
C SER K 65 -20.70 7.81 -4.51
N PHE K 66 -20.86 8.76 -3.58
CA PHE K 66 -20.50 8.52 -2.19
C PHE K 66 -21.37 7.44 -1.56
N VAL K 67 -22.68 7.53 -1.78
CA VAL K 67 -23.61 6.55 -1.20
C VAL K 67 -23.38 5.16 -1.79
N ASN K 68 -23.15 5.09 -3.11
CA ASN K 68 -22.87 3.80 -3.73
C ASN K 68 -21.55 3.21 -3.27
N ASP K 69 -20.53 4.04 -3.10
CA ASP K 69 -19.22 3.56 -2.66
C ASP K 69 -19.26 3.04 -1.23
N ILE K 70 -19.94 3.78 -0.34
CA ILE K 70 -20.02 3.36 1.06
C ILE K 70 -20.92 2.13 1.19
N PHE K 71 -21.97 2.04 0.36
CA PHE K 71 -22.80 0.84 0.31
C PHE K 71 -21.97 -0.38 -0.10
N GLU K 72 -21.14 -0.23 -1.13
CA GLU K 72 -20.31 -1.34 -1.59
C GLU K 72 -19.28 -1.75 -0.53
N ARG K 73 -18.70 -0.76 0.18
CA ARG K 73 -17.71 -1.06 1.20
C ARG K 73 -18.33 -1.79 2.39
N ILE K 74 -19.46 -1.29 2.91
CA ILE K 74 -20.11 -1.90 4.06
C ILE K 74 -20.66 -3.27 3.70
N ALA K 75 -21.25 -3.40 2.51
CA ALA K 75 -21.81 -4.69 2.10
C ALA K 75 -20.71 -5.72 1.83
N GLY K 76 -19.59 -5.31 1.27
CA GLY K 76 -18.48 -6.24 1.08
C GLY K 76 -17.84 -6.67 2.38
N GLU K 77 -17.71 -5.75 3.34
CA GLU K 77 -17.17 -6.11 4.64
C GLU K 77 -18.12 -7.04 5.40
N ALA K 78 -19.42 -6.80 5.29
CA ALA K 78 -20.40 -7.67 5.93
C ALA K 78 -20.44 -9.05 5.26
N SER K 79 -20.26 -9.08 3.94
CA SER K 79 -20.18 -10.36 3.22
C SER K 79 -18.97 -11.16 3.65
N ARG K 80 -17.83 -10.49 3.81
CA ARG K 80 -16.62 -11.18 4.30
C ARG K 80 -16.79 -11.64 5.74
N LEU K 81 -17.46 -10.82 6.57
CA LEU K 81 -17.73 -11.20 7.96
C LEU K 81 -18.64 -12.41 8.06
N ALA K 82 -19.65 -12.49 7.18
CA ALA K 82 -20.51 -13.67 7.16
C ALA K 82 -19.76 -14.88 6.62
N HIS K 83 -18.85 -14.68 5.66
CA HIS K 83 -18.13 -15.81 5.09
C HIS K 83 -17.09 -16.37 6.07
N TYR K 84 -16.53 -15.51 6.94
CA TYR K 84 -15.49 -15.97 7.86
C TYR K 84 -16.06 -16.88 8.94
N ASN K 85 -17.27 -16.58 9.42
CA ASN K 85 -17.86 -17.28 10.54
C ASN K 85 -18.78 -18.42 10.11
N LYS K 86 -18.69 -18.84 8.85
CA LYS K 86 -19.53 -19.90 8.25
C LYS K 86 -21.02 -19.60 8.43
N ARG K 87 -21.41 -18.40 8.03
CA ARG K 87 -22.80 -17.95 8.09
C ARG K 87 -23.27 -17.64 6.68
N SER K 88 -24.52 -17.99 6.39
CA SER K 88 -25.07 -17.77 5.05
C SER K 88 -26.04 -16.60 5.00
N THR K 89 -26.14 -15.81 6.06
CA THR K 89 -27.02 -14.66 6.08
C THR K 89 -26.26 -13.42 6.56
N ILE K 90 -26.75 -12.26 6.15
CA ILE K 90 -26.23 -10.98 6.62
C ILE K 90 -27.30 -10.38 7.51
N THR K 91 -26.98 -10.21 8.78
CA THR K 91 -27.89 -9.61 9.74
C THR K 91 -27.37 -8.23 10.13
N SER K 92 -28.09 -7.57 11.05
CA SER K 92 -27.68 -6.26 11.50
C SER K 92 -26.44 -6.31 12.39
N ARG K 93 -26.11 -7.48 12.93
CA ARG K 93 -24.85 -7.63 13.66
C ARG K 93 -23.65 -7.56 12.72
N GLU K 94 -23.76 -8.17 11.54
CA GLU K 94 -22.70 -8.07 10.55
C GLU K 94 -22.53 -6.64 10.05
N ILE K 95 -23.65 -5.93 9.87
CA ILE K 95 -23.60 -4.54 9.43
C ILE K 95 -23.01 -3.64 10.50
N GLN K 96 -23.35 -3.91 11.77
CA GLN K 96 -22.79 -3.14 12.88
C GLN K 96 -21.28 -3.36 13.00
N THR K 97 -20.82 -4.61 12.87
CA THR K 97 -19.39 -4.89 12.91
C THR K 97 -18.66 -4.28 11.72
N ALA K 98 -19.27 -4.32 10.54
CA ALA K 98 -18.67 -3.68 9.36
C ALA K 98 -18.57 -2.18 9.53
N VAL K 99 -19.60 -1.54 10.09
CA VAL K 99 -19.58 -0.11 10.35
C VAL K 99 -18.50 0.23 11.39
N ARG K 100 -18.31 -0.65 12.37
CA ARG K 100 -17.21 -0.49 13.31
C ARG K 100 -15.85 -0.68 12.63
N LEU K 101 -15.79 -1.42 11.53
CA LEU K 101 -14.50 -1.64 10.86
C LEU K 101 -14.14 -0.50 9.91
N LEU K 102 -15.02 -0.17 8.95
CA LEU K 102 -14.66 0.85 7.96
C LEU K 102 -14.62 2.25 8.56
N LEU K 103 -15.62 2.61 9.35
CA LEU K 103 -15.72 4.01 9.76
C LEU K 103 -14.77 4.33 10.90
N PRO K 104 -14.19 5.55 10.90
CA PRO K 104 -13.37 5.98 12.05
C PRO K 104 -14.20 6.26 13.29
N GLY K 105 -13.54 6.54 14.41
CA GLY K 105 -14.07 6.41 15.76
C GLY K 105 -15.43 6.98 16.12
N GLU K 106 -15.56 8.31 16.17
CA GLU K 106 -16.84 8.92 16.55
C GLU K 106 -17.85 8.80 15.42
N LEU K 107 -17.35 8.75 14.18
CA LEU K 107 -18.20 8.47 13.03
C LEU K 107 -18.83 7.09 13.15
N ALA K 108 -18.03 6.09 13.52
CA ALA K 108 -18.55 4.74 13.73
C ALA K 108 -19.50 4.68 14.92
N LYS K 109 -19.19 5.43 15.99
CA LYS K 109 -20.03 5.42 17.18
C LYS K 109 -21.41 6.01 16.90
N HIS K 110 -21.45 7.14 16.20
CA HIS K 110 -22.74 7.76 15.89
C HIS K 110 -23.51 6.97 14.83
N ALA K 111 -22.80 6.32 13.89
CA ALA K 111 -23.48 5.49 12.90
C ALA K 111 -24.06 4.24 13.53
N VAL K 112 -23.36 3.67 14.52
CA VAL K 112 -23.86 2.51 15.26
C VAL K 112 -25.09 2.91 16.07
N SER K 113 -25.06 4.10 16.68
CA SER K 113 -26.21 4.60 17.42
C SER K 113 -27.43 4.81 16.51
N GLU K 114 -27.19 5.37 15.32
CA GLU K 114 -28.28 5.60 14.36
C GLU K 114 -28.86 4.28 13.85
N GLY K 115 -28.00 3.31 13.54
CA GLY K 115 -28.48 2.02 13.06
C GLY K 115 -29.23 1.25 14.12
N THR K 116 -28.74 1.27 15.36
CA THR K 116 -29.43 0.59 16.45
C THR K 116 -30.78 1.24 16.74
N LYS K 117 -30.84 2.58 16.69
CA LYS K 117 -32.11 3.28 16.89
C LYS K 117 -33.10 2.94 15.79
N ALA K 118 -32.64 2.86 14.54
CA ALA K 118 -33.55 2.55 13.43
C ALA K 118 -34.04 1.11 13.49
N VAL K 119 -33.17 0.17 13.84
CA VAL K 119 -33.60 -1.23 13.92
C VAL K 119 -34.55 -1.43 15.10
N THR K 120 -34.31 -0.72 16.22
CA THR K 120 -35.23 -0.77 17.36
C THR K 120 -36.59 -0.19 17.00
N LYS K 121 -36.61 0.92 16.25
CA LYS K 121 -37.88 1.52 15.84
C LYS K 121 -38.61 0.65 14.83
N TYR K 122 -37.88 -0.03 13.94
CA TYR K 122 -38.49 -0.90 12.95
C TYR K 122 -39.07 -2.15 13.60
N THR K 123 -38.37 -2.72 14.59
CA THR K 123 -38.86 -3.90 15.28
C THR K 123 -40.05 -3.55 16.18
N SER K 124 -39.98 -2.40 16.87
CA SER K 124 -41.06 -2.00 17.77
C SER K 124 -42.30 -1.54 17.05
N SER K 125 -42.21 -1.34 15.74
CA SER K 125 -43.35 -0.89 14.94
C SER K 125 -43.46 -1.72 13.66
N LYS K 126 -43.74 -3.01 13.81
CA LYS K 126 -43.88 -3.92 12.68
C LYS K 126 -42.72 -3.83 11.70
N GLU L 21 -9.01 6.78 30.92
CA GLU L 21 -8.18 6.91 29.72
C GLU L 21 -8.07 8.37 29.30
N VAL L 22 -9.18 8.97 28.91
CA VAL L 22 -9.20 10.33 28.42
C VAL L 22 -9.14 11.29 29.60
N GLN L 23 -8.15 12.19 29.60
CA GLN L 23 -8.03 13.20 30.63
C GLN L 23 -7.46 14.47 30.02
N LEU L 24 -7.81 15.60 30.60
CA LEU L 24 -7.35 16.92 30.14
C LEU L 24 -6.69 17.61 31.34
N GLN L 25 -5.36 17.61 31.35
CA GLN L 25 -4.64 18.18 32.48
C GLN L 25 -4.52 19.69 32.34
N GLN L 26 -4.90 20.41 33.39
CA GLN L 26 -4.82 21.86 33.43
C GLN L 26 -3.97 22.31 34.60
N SER L 27 -3.48 23.54 34.52
CA SER L 27 -2.54 24.06 35.52
C SER L 27 -3.28 24.52 36.77
N GLY L 28 -2.53 25.10 37.70
CA GLY L 28 -3.10 25.60 38.94
C GLY L 28 -3.68 26.99 38.78
N PRO L 29 -4.07 27.58 39.91
CA PRO L 29 -4.67 28.92 39.86
C PRO L 29 -3.63 29.99 39.58
N GLU L 30 -4.10 31.10 39.03
CA GLU L 30 -3.25 32.23 38.65
C GLU L 30 -3.70 33.49 39.40
N LEU L 31 -2.74 34.19 39.96
CA LEU L 31 -2.94 35.50 40.59
C LEU L 31 -2.23 36.51 39.70
N VAL L 32 -2.99 37.15 38.81
CA VAL L 32 -2.39 37.97 37.76
C VAL L 32 -2.69 39.44 38.02
N GLU L 33 -1.70 40.28 37.74
CA GLU L 33 -1.86 41.72 37.84
C GLU L 33 -2.56 42.13 36.54
N PRO L 34 -3.40 43.18 36.60
CA PRO L 34 -4.14 43.58 35.39
C PRO L 34 -3.24 44.24 34.37
N GLY L 35 -3.65 44.12 33.10
CA GLY L 35 -2.90 44.67 31.99
C GLY L 35 -1.88 43.73 31.39
N THR L 36 -1.61 42.59 32.01
CA THR L 36 -0.66 41.61 31.52
C THR L 36 -1.37 40.56 30.67
N SER L 37 -0.66 39.49 30.35
CA SER L 37 -1.21 38.37 29.59
C SER L 37 -0.93 37.07 30.34
N VAL L 38 -1.83 36.11 30.19
CA VAL L 38 -1.73 34.84 30.91
C VAL L 38 -1.90 33.69 29.93
N LYS L 39 -1.04 32.68 30.09
CA LYS L 39 -1.07 31.49 29.27
C LYS L 39 -1.77 30.37 30.05
N MET L 40 -2.50 29.54 29.34
CA MET L 40 -3.25 28.43 29.93
C MET L 40 -2.94 27.15 29.16
N PRO L 41 -2.40 26.12 29.81
CA PRO L 41 -2.18 24.85 29.13
C PRO L 41 -3.35 23.89 29.29
N CYS L 42 -3.52 23.04 28.28
CA CYS L 42 -4.55 22.01 28.20
C CYS L 42 -3.93 20.70 27.69
N LYS L 43 -2.89 20.24 28.38
CA LYS L 43 -2.23 18.97 28.05
C LYS L 43 -3.21 17.81 28.05
N ALA L 44 -3.23 17.06 26.95
CA ALA L 44 -4.21 16.03 26.69
C ALA L 44 -3.56 14.67 26.55
N SER L 45 -4.31 13.62 26.89
CA SER L 45 -3.83 12.25 26.79
C SER L 45 -5.02 11.32 26.69
N GLY L 46 -4.74 10.08 26.29
CA GLY L 46 -5.74 9.04 26.24
C GLY L 46 -6.52 8.94 24.96
N TYR L 47 -6.24 9.79 23.97
CA TYR L 47 -6.98 9.77 22.72
C TYR L 47 -6.09 10.37 21.63
N THR L 48 -6.51 10.16 20.38
CA THR L 48 -5.83 10.75 19.23
C THR L 48 -6.10 12.25 19.24
N PHE L 49 -5.03 13.03 19.45
CA PHE L 49 -5.17 14.44 19.81
C PHE L 49 -5.71 15.28 18.66
N THR L 50 -5.34 14.95 17.43
CA THR L 50 -5.68 15.78 16.28
C THR L 50 -7.13 15.63 15.85
N SER L 51 -7.81 14.55 16.25
CA SER L 51 -9.14 14.24 15.75
C SER L 51 -10.25 14.90 16.54
N TYR L 52 -9.94 15.65 17.60
CA TYR L 52 -10.95 16.24 18.46
C TYR L 52 -10.62 17.70 18.68
N THR L 53 -11.61 18.58 18.52
CA THR L 53 -11.45 19.97 18.88
C THR L 53 -11.35 20.13 20.38
N ILE L 54 -10.69 21.20 20.81
CA ILE L 54 -10.64 21.60 22.20
C ILE L 54 -11.37 22.93 22.32
N GLN L 55 -12.43 22.94 23.14
CA GLN L 55 -13.24 24.10 23.41
C GLN L 55 -12.79 24.73 24.72
N TRP L 56 -13.03 26.03 24.86
CA TRP L 56 -12.69 26.74 26.08
C TRP L 56 -13.93 27.44 26.62
N VAL L 57 -14.25 27.18 27.89
CA VAL L 57 -15.42 27.76 28.55
C VAL L 57 -14.92 28.52 29.78
N LYS L 58 -15.44 29.75 29.93
CA LYS L 58 -15.15 30.58 31.08
C LYS L 58 -16.37 30.48 32.01
N GLN L 59 -16.14 30.51 33.32
CA GLN L 59 -17.21 30.38 34.28
C GLN L 59 -17.02 31.40 35.39
N THR L 60 -17.96 32.32 35.50
CA THR L 60 -18.07 33.33 36.54
C THR L 60 -19.34 33.06 37.34
N PRO L 61 -19.38 33.43 38.62
CA PRO L 61 -20.64 33.25 39.37
C PRO L 61 -21.72 34.24 39.01
N ARG L 62 -21.44 35.23 38.17
CA ARG L 62 -22.45 36.22 37.82
C ARG L 62 -23.04 36.01 36.42
N GLN L 63 -22.23 35.58 35.43
CA GLN L 63 -22.76 35.30 34.10
C GLN L 63 -22.86 33.80 33.83
N GLY L 64 -22.46 32.97 34.78
CA GLY L 64 -22.49 31.54 34.51
C GLY L 64 -21.38 31.12 33.57
N LEU L 65 -21.62 30.03 32.84
CA LEU L 65 -20.67 29.53 31.87
C LEU L 65 -20.83 30.25 30.53
N GLU L 66 -19.70 30.63 29.93
CA GLU L 66 -19.67 31.29 28.63
C GLU L 66 -18.68 30.57 27.74
N TRP L 67 -19.13 30.19 26.55
CA TRP L 67 -18.27 29.54 25.56
C TRP L 67 -17.39 30.59 24.91
N ILE L 68 -16.08 30.33 24.87
CA ILE L 68 -15.12 31.29 24.34
C ILE L 68 -14.81 30.96 22.88
N GLY L 69 -14.32 29.74 22.65
CA GLY L 69 -13.96 29.36 21.29
C GLY L 69 -13.42 27.95 21.29
N TYR L 70 -12.93 27.55 20.12
CA TYR L 70 -12.33 26.22 19.99
C TYR L 70 -11.19 26.25 19.00
N ILE L 71 -10.28 25.30 19.20
CA ILE L 71 -9.15 25.03 18.31
C ILE L 71 -9.28 23.61 17.79
N TYR L 72 -9.06 23.44 16.48
CA TYR L 72 -9.01 22.13 15.87
C TYR L 72 -7.56 21.82 15.56
N PRO L 73 -6.94 20.86 16.24
CA PRO L 73 -5.52 20.56 15.98
C PRO L 73 -5.26 19.85 14.66
N TYR L 74 -6.29 19.39 13.96
CA TYR L 74 -6.07 18.75 12.66
C TYR L 74 -5.61 19.76 11.62
N ASN L 75 -6.24 20.94 11.58
CA ASN L 75 -5.86 21.99 10.66
C ASN L 75 -5.53 23.29 11.38
N ALA L 76 -5.41 23.25 12.72
CA ALA L 76 -5.26 24.41 13.60
C ALA L 76 -6.35 25.44 13.36
N GLY L 77 -7.58 24.97 13.22
CA GLY L 77 -8.70 25.84 12.89
C GLY L 77 -9.30 26.51 14.10
N THR L 78 -9.36 27.83 14.10
CA THR L 78 -9.84 28.60 15.24
C THR L 78 -11.29 29.02 14.99
N LYS L 79 -12.05 29.12 16.09
CA LYS L 79 -13.31 29.86 16.03
C LYS L 79 -13.59 30.44 17.41
N TYR L 80 -13.87 31.74 17.47
CA TYR L 80 -14.04 32.45 18.73
C TYR L 80 -15.45 33.01 18.83
N ASN L 81 -15.87 33.26 20.06
CA ASN L 81 -17.08 34.03 20.31
C ASN L 81 -16.84 35.49 19.93
N GLU L 82 -17.94 36.19 19.63
CA GLU L 82 -17.83 37.58 19.19
C GLU L 82 -17.39 38.50 20.33
N LYS L 83 -17.80 38.19 21.56
CA LYS L 83 -17.41 39.02 22.69
C LYS L 83 -16.02 38.68 23.19
N PHE L 84 -15.43 37.56 22.74
CA PHE L 84 -14.06 37.20 23.09
C PHE L 84 -13.11 37.33 21.90
N LYS L 85 -13.54 37.96 20.82
CA LYS L 85 -12.71 38.07 19.64
C LYS L 85 -11.60 39.09 19.87
N GLY L 86 -10.36 38.66 19.67
CA GLY L 86 -9.20 39.50 19.95
C GLY L 86 -8.70 39.44 21.38
N LYS L 87 -9.63 39.35 22.34
CA LYS L 87 -9.26 39.23 23.75
C LYS L 87 -8.68 37.86 24.07
N ALA L 88 -9.08 36.83 23.34
CA ALA L 88 -8.62 35.47 23.56
C ALA L 88 -7.91 34.94 22.32
N THR L 89 -6.87 34.15 22.52
CA THR L 89 -6.12 33.59 21.40
C THR L 89 -5.82 32.13 21.68
N LEU L 90 -6.22 31.25 20.77
CA LEU L 90 -6.01 29.81 20.95
C LEU L 90 -4.91 29.31 20.03
N THR L 91 -4.04 28.45 20.58
CA THR L 91 -2.96 27.86 19.83
C THR L 91 -2.85 26.38 20.18
N SER L 92 -2.24 25.61 19.28
CA SER L 92 -2.08 24.18 19.46
C SER L 92 -0.64 23.79 19.19
N ASP L 93 -0.16 22.77 19.91
CA ASP L 93 1.18 22.23 19.71
C ASP L 93 0.99 20.72 19.68
N LYS L 94 1.21 20.12 18.50
CA LYS L 94 0.94 18.71 18.30
C LYS L 94 2.07 17.81 18.79
N SER L 95 3.26 18.37 19.03
CA SER L 95 4.38 17.55 19.49
C SER L 95 4.18 17.10 20.93
N SER L 96 3.79 18.03 21.80
CA SER L 96 3.53 17.71 23.20
C SER L 96 2.06 17.49 23.49
N SER L 97 1.20 17.51 22.46
CA SER L 97 -0.25 17.32 22.55
C SER L 97 -0.90 18.33 23.51
N THR L 98 -0.56 19.60 23.32
CA THR L 98 -0.97 20.64 24.25
C THR L 98 -1.76 21.72 23.53
N VAL L 99 -2.73 22.29 24.23
CA VAL L 99 -3.54 23.40 23.73
C VAL L 99 -3.32 24.59 24.65
N TYR L 100 -2.91 25.72 24.08
CA TYR L 100 -2.60 26.92 24.84
C TYR L 100 -3.64 27.99 24.59
N MET L 101 -3.95 28.72 25.65
CA MET L 101 -4.95 29.78 25.65
C MET L 101 -4.32 31.05 26.17
N GLU L 102 -4.40 32.12 25.39
CA GLU L 102 -3.77 33.39 25.73
C GLU L 102 -4.86 34.41 26.04
N LEU L 103 -4.75 35.04 27.22
CA LEU L 103 -5.59 36.19 27.54
C LEU L 103 -4.70 37.42 27.69
N SER L 104 -4.99 38.45 26.90
CA SER L 104 -4.25 39.69 26.92
C SER L 104 -5.14 40.84 27.32
N SER L 105 -4.53 41.88 27.91
CA SER L 105 -5.20 43.08 28.43
C SER L 105 -6.28 42.72 29.44
N LEU L 106 -5.83 42.16 30.57
CA LEU L 106 -6.71 41.63 31.59
C LEU L 106 -7.53 42.71 32.29
N THR L 107 -8.82 42.74 31.99
CA THR L 107 -9.79 43.60 32.65
C THR L 107 -10.11 42.96 34.01
N SER L 108 -10.54 43.79 34.98
CA SER L 108 -10.81 43.31 36.33
C SER L 108 -11.92 42.27 36.40
N GLU L 109 -12.80 42.22 35.40
CA GLU L 109 -13.78 41.14 35.28
C GLU L 109 -13.27 39.86 34.60
N ASP L 110 -12.06 39.44 34.93
CA ASP L 110 -11.50 38.20 34.41
C ASP L 110 -11.28 37.16 35.49
N SER L 111 -11.67 37.44 36.73
CA SER L 111 -11.54 36.48 37.83
C SER L 111 -12.59 35.39 37.63
N ALA L 112 -12.18 34.29 36.99
CA ALA L 112 -13.12 33.25 36.59
C ALA L 112 -12.36 31.94 36.47
N VAL L 113 -13.13 30.84 36.37
CA VAL L 113 -12.56 29.52 36.20
C VAL L 113 -12.63 29.15 34.73
N TYR L 114 -11.49 28.75 34.16
CA TYR L 114 -11.39 28.45 32.75
C TYR L 114 -11.24 26.95 32.57
N TYR L 115 -12.18 26.34 31.86
CA TYR L 115 -12.16 24.91 31.54
C TYR L 115 -11.84 24.74 30.07
N CYS L 116 -11.05 23.72 29.76
CA CYS L 116 -10.90 23.24 28.40
C CYS L 116 -11.54 21.88 28.28
N ALA L 117 -12.31 21.67 27.23
CA ALA L 117 -13.10 20.46 27.06
C ALA L 117 -12.86 19.86 25.69
N ARG L 118 -12.88 18.53 25.64
CA ARG L 118 -12.77 17.81 24.39
C ARG L 118 -14.13 17.77 23.70
N LYS L 119 -14.13 17.90 22.38
CA LYS L 119 -15.37 17.75 21.61
C LYS L 119 -14.99 17.29 20.22
N SER L 120 -15.65 16.24 19.73
CA SER L 120 -15.33 15.76 18.39
C SER L 120 -15.85 16.73 17.33
N SER L 121 -15.30 16.60 16.13
CA SER L 121 -15.72 17.43 15.01
C SER L 121 -17.09 17.07 14.47
N ARG L 122 -17.65 15.94 14.89
CA ARG L 122 -19.02 15.58 14.54
C ARG L 122 -20.00 16.54 15.19
N LEU L 123 -21.07 16.87 14.46
CA LEU L 123 -22.02 17.87 14.92
C LEU L 123 -22.86 17.33 16.08
N ARG L 124 -23.11 16.02 16.08
CA ARG L 124 -23.87 15.39 17.16
C ARG L 124 -23.09 15.38 18.46
N SER L 125 -21.77 15.26 18.39
CA SER L 125 -20.92 15.17 19.56
C SER L 125 -20.92 16.47 20.35
N THR L 126 -20.61 16.35 21.63
CA THR L 126 -20.64 17.49 22.55
C THR L 126 -19.35 17.59 23.34
N LEU L 127 -19.30 18.53 24.28
CA LEU L 127 -18.16 18.70 25.18
C LEU L 127 -18.20 17.57 26.20
N ASP L 128 -17.62 16.42 25.85
CA ASP L 128 -17.83 15.22 26.66
C ASP L 128 -16.92 15.17 27.89
N TYR L 129 -15.61 15.37 27.71
CA TYR L 129 -14.64 15.31 28.80
C TYR L 129 -14.08 16.70 29.03
N TRP L 130 -14.07 17.13 30.29
CA TRP L 130 -13.67 18.47 30.66
C TRP L 130 -12.38 18.42 31.48
N GLY L 131 -11.66 19.54 31.48
CA GLY L 131 -10.52 19.69 32.35
C GLY L 131 -10.93 20.19 33.73
N GLN L 132 -9.94 20.21 34.63
CA GLN L 132 -10.21 20.63 36.01
C GLN L 132 -10.43 22.12 36.13
N GLY L 133 -9.84 22.91 35.23
CA GLY L 133 -10.08 24.34 35.21
C GLY L 133 -9.08 25.14 36.03
N THR L 134 -8.64 26.26 35.49
CA THR L 134 -7.71 27.15 36.17
C THR L 134 -8.46 28.39 36.64
N SER L 135 -8.30 28.73 37.92
CA SER L 135 -8.98 29.88 38.50
C SER L 135 -8.06 31.09 38.39
N VAL L 136 -8.46 32.07 37.59
CA VAL L 136 -7.66 33.26 37.33
C VAL L 136 -8.27 34.42 38.09
N THR L 137 -7.45 35.10 38.90
CA THR L 137 -7.90 36.22 39.70
C THR L 137 -7.07 37.45 39.37
N VAL L 138 -7.75 38.53 39.02
CA VAL L 138 -7.10 39.79 38.69
C VAL L 138 -6.89 40.58 39.98
N SER L 139 -5.64 40.97 40.22
CA SER L 139 -5.30 41.76 41.39
C SER L 139 -5.14 43.23 41.03
N ASP L 157 -27.64 36.19 19.23
CA ASP L 157 -27.45 34.77 19.51
C ASP L 157 -28.73 34.12 20.02
N ILE L 158 -28.60 32.96 20.65
CA ILE L 158 -29.72 32.17 21.12
C ILE L 158 -29.62 32.04 22.63
N LYS L 159 -30.72 32.31 23.32
CA LYS L 159 -30.70 32.26 24.79
C LYS L 159 -31.55 31.16 25.42
N MET L 160 -30.89 30.30 26.18
CA MET L 160 -31.55 29.23 26.90
C MET L 160 -32.23 29.76 28.15
N THR L 161 -33.53 29.52 28.27
CA THR L 161 -34.31 29.90 29.43
C THR L 161 -34.65 28.63 30.20
N GLN L 162 -34.16 28.55 31.44
CA GLN L 162 -34.45 27.44 32.33
C GLN L 162 -35.47 27.92 33.36
N SER L 163 -36.66 27.30 33.33
CA SER L 163 -37.78 27.78 34.15
C SER L 163 -37.56 27.67 35.66
N PRO L 164 -37.11 26.51 36.26
CA PRO L 164 -36.82 26.55 37.70
C PRO L 164 -35.40 27.02 37.97
N SER L 165 -35.27 28.14 38.69
CA SER L 165 -33.94 28.62 39.06
C SER L 165 -33.34 27.72 40.13
N SER L 166 -34.15 27.34 41.11
CA SER L 166 -33.72 26.46 42.20
C SER L 166 -34.95 25.72 42.73
N MET L 167 -34.84 24.40 42.89
CA MET L 167 -35.96 23.62 43.36
C MET L 167 -35.51 22.60 44.39
N HIS L 168 -36.46 22.15 45.21
CA HIS L 168 -36.20 21.17 46.25
C HIS L 168 -36.88 19.86 45.88
N ALA L 169 -36.15 18.76 46.05
CA ALA L 169 -36.66 17.43 45.75
C ALA L 169 -36.33 16.47 46.88
N SER L 170 -37.14 15.42 47.00
CA SER L 170 -36.96 14.44 48.06
C SER L 170 -35.97 13.36 47.59
N LEU L 171 -35.89 12.27 48.34
CA LEU L 171 -34.93 11.22 48.02
C LEU L 171 -35.44 10.33 46.89
N GLY L 172 -36.74 10.36 46.61
CA GLY L 172 -37.29 9.53 45.56
C GLY L 172 -38.30 10.22 44.66
N GLU L 173 -38.13 11.52 44.43
CA GLU L 173 -39.07 12.29 43.66
C GLU L 173 -38.67 12.26 42.18
N ARG L 174 -39.43 12.94 41.33
CA ARG L 174 -39.11 13.10 39.92
C ARG L 174 -38.72 14.55 39.66
N VAL L 175 -37.61 14.76 38.95
CA VAL L 175 -37.13 16.10 38.64
C VAL L 175 -37.26 16.33 37.14
N THR L 176 -37.89 17.46 36.77
CA THR L 176 -38.03 17.85 35.38
C THR L 176 -37.54 19.27 35.21
N ILE L 177 -36.56 19.45 34.31
CA ILE L 177 -35.93 20.74 34.04
C ILE L 177 -36.16 21.10 32.58
N THR L 178 -36.64 22.32 32.35
CA THR L 178 -36.91 22.83 31.01
C THR L 178 -35.75 23.70 30.55
N CYS L 179 -35.49 23.69 29.25
CA CYS L 179 -34.42 24.46 28.59
C CYS L 179 -34.95 25.11 27.32
N LYS L 180 -36.01 25.92 27.45
CA LYS L 180 -36.65 26.54 26.30
C LYS L 180 -35.68 27.45 25.53
N ALA L 181 -35.60 27.23 24.23
CA ALA L 181 -34.62 27.90 23.37
C ALA L 181 -35.26 29.11 22.69
N SER L 182 -34.44 30.14 22.46
CA SER L 182 -34.93 31.34 21.78
C SER L 182 -35.13 31.08 20.29
N GLN L 183 -34.29 30.25 19.70
CA GLN L 183 -34.35 29.92 18.28
C GLN L 183 -34.53 28.42 18.11
N ASP L 184 -34.41 27.95 16.87
CA ASP L 184 -34.56 26.55 16.53
C ASP L 184 -33.19 25.89 16.42
N ILE L 185 -33.05 24.73 17.03
CA ILE L 185 -31.85 23.90 16.91
C ILE L 185 -32.31 22.48 16.56
N ARG L 186 -31.52 21.82 15.71
CA ARG L 186 -31.80 20.45 15.27
C ARG L 186 -31.33 19.44 16.31
N SER L 187 -32.02 19.45 17.44
CA SER L 187 -31.76 18.55 18.58
C SER L 187 -30.31 18.60 19.06
N TYR L 188 -29.63 19.73 18.87
CA TYR L 188 -28.22 19.85 19.24
C TYR L 188 -28.10 20.51 20.62
N LEU L 189 -28.55 19.77 21.63
CA LEU L 189 -28.55 20.26 22.99
C LEU L 189 -28.00 19.19 23.92
N SER L 190 -27.20 19.62 24.90
CA SER L 190 -26.56 18.73 25.85
C SER L 190 -26.87 19.18 27.26
N TRP L 191 -26.87 18.21 28.18
CA TRP L 191 -27.16 18.44 29.59
C TRP L 191 -25.94 18.04 30.40
N TYR L 192 -25.51 18.95 31.29
CA TYR L 192 -24.32 18.81 32.11
C TYR L 192 -24.67 18.97 33.58
N GLN L 193 -23.94 18.24 34.41
CA GLN L 193 -24.06 18.30 35.87
C GLN L 193 -22.72 18.73 36.45
N GLN L 194 -22.74 19.73 37.34
CA GLN L 194 -21.54 20.24 37.96
C GLN L 194 -21.69 20.25 39.47
N LYS L 195 -20.76 19.59 40.16
CA LYS L 195 -20.66 19.68 41.60
C LYS L 195 -20.00 21.00 41.99
N PRO L 196 -20.20 21.45 43.22
CA PRO L 196 -19.44 22.62 43.71
C PRO L 196 -17.94 22.33 43.74
N TRP L 197 -17.17 23.30 43.21
CA TRP L 197 -15.71 23.25 43.09
C TRP L 197 -15.23 22.04 42.31
N LYS L 198 -15.98 21.63 41.29
CA LYS L 198 -15.63 20.50 40.44
C LYS L 198 -15.90 20.85 39.00
N SER L 199 -15.35 20.03 38.10
CA SER L 199 -15.60 20.17 36.67
C SER L 199 -17.00 19.66 36.34
N PRO L 200 -17.65 20.23 35.32
CA PRO L 200 -18.95 19.71 34.88
C PRO L 200 -18.85 18.31 34.29
N LYS L 201 -19.90 17.53 34.50
CA LYS L 201 -19.99 16.16 34.01
C LYS L 201 -21.09 16.08 32.95
N THR L 202 -20.75 15.53 31.79
CA THR L 202 -21.71 15.43 30.70
C THR L 202 -22.72 14.33 31.01
N LEU L 203 -24.00 14.69 31.04
CA LEU L 203 -25.07 13.72 31.24
C LEU L 203 -25.71 13.28 29.93
N ILE L 204 -26.20 14.23 29.14
CA ILE L 204 -27.01 13.92 27.97
C ILE L 204 -26.42 14.63 26.75
N TYR L 205 -26.26 13.90 25.65
CA TYR L 205 -25.92 14.52 24.37
C TYR L 205 -26.99 14.19 23.35
N TYR L 206 -27.11 15.08 22.35
CA TYR L 206 -28.11 15.04 21.28
C TYR L 206 -29.54 15.05 21.79
N ALA L 207 -29.74 15.59 23.01
CA ALA L 207 -31.00 15.87 23.69
C ALA L 207 -31.76 14.63 24.15
N THR L 208 -31.35 13.44 23.70
CA THR L 208 -31.92 12.17 24.18
C THR L 208 -30.88 11.14 24.56
N SER L 209 -29.69 11.14 23.95
CA SER L 209 -28.74 10.05 24.13
C SER L 209 -27.97 10.23 25.44
N LEU L 210 -27.71 9.13 26.12
CA LEU L 210 -26.98 9.15 27.37
C LEU L 210 -25.49 9.17 27.12
N ALA L 211 -24.75 9.84 28.00
CA ALA L 211 -23.30 9.87 27.89
C ALA L 211 -22.71 8.55 28.37
N ASP L 212 -21.40 8.40 28.16
CA ASP L 212 -20.69 7.20 28.58
C ASP L 212 -20.52 7.15 30.09
N GLY L 213 -21.07 6.12 30.71
CA GLY L 213 -20.98 5.96 32.15
C GLY L 213 -22.11 6.58 32.94
N VAL L 214 -22.97 7.37 32.30
CA VAL L 214 -24.09 7.98 32.99
C VAL L 214 -25.21 6.95 33.13
N PRO L 215 -25.78 6.76 34.33
CA PRO L 215 -26.84 5.77 34.50
C PRO L 215 -28.12 6.18 33.79
N SER L 216 -29.01 5.20 33.60
CA SER L 216 -30.25 5.41 32.85
C SER L 216 -31.33 6.12 33.65
N ARG L 217 -31.05 6.57 34.87
CA ARG L 217 -32.01 7.36 35.62
C ARG L 217 -32.25 8.71 34.94
N PHE L 218 -31.19 9.32 34.43
CA PHE L 218 -31.33 10.57 33.69
C PHE L 218 -31.94 10.29 32.31
N SER L 219 -32.84 11.16 31.88
CA SER L 219 -33.48 10.98 30.59
C SER L 219 -33.77 12.34 29.97
N GLY L 220 -33.20 12.59 28.81
CA GLY L 220 -33.47 13.81 28.06
C GLY L 220 -34.62 13.59 27.09
N SER L 221 -35.33 14.67 26.80
CA SER L 221 -36.45 14.63 25.88
C SER L 221 -36.64 16.00 25.25
N GLY L 222 -37.38 16.03 24.15
CA GLY L 222 -37.68 17.26 23.47
C GLY L 222 -36.80 17.49 22.25
N SER L 223 -37.20 18.50 21.47
CA SER L 223 -36.56 18.83 20.22
C SER L 223 -37.04 20.20 19.78
N GLY L 224 -36.34 20.78 18.82
CA GLY L 224 -36.73 22.08 18.31
C GLY L 224 -36.35 23.19 19.25
N GLN L 225 -37.35 23.76 19.93
CA GLN L 225 -37.13 24.81 20.92
C GLN L 225 -37.42 24.38 22.35
N ASP L 226 -38.10 23.26 22.55
CA ASP L 226 -38.47 22.79 23.88
C ASP L 226 -37.70 21.53 24.23
N PHE L 227 -37.00 21.56 25.35
CA PHE L 227 -36.18 20.46 25.82
C PHE L 227 -36.42 20.25 27.31
N SER L 228 -36.12 19.05 27.79
CA SER L 228 -36.33 18.71 29.19
C SER L 228 -35.37 17.62 29.62
N LEU L 229 -34.93 17.70 30.87
CA LEU L 229 -34.11 16.68 31.51
C LEU L 229 -34.88 16.15 32.71
N THR L 230 -34.94 14.83 32.85
CA THR L 230 -35.68 14.19 33.92
C THR L 230 -34.76 13.31 34.73
N ILE L 231 -34.74 13.55 36.04
CA ILE L 231 -34.09 12.67 37.01
C ILE L 231 -35.15 11.77 37.61
N ASN L 232 -34.95 10.45 37.47
CA ASN L 232 -35.99 9.47 37.79
C ASN L 232 -36.12 9.28 39.29
N ASN L 233 -35.05 8.81 39.94
CA ASN L 233 -35.01 8.64 41.39
C ASN L 233 -33.73 9.27 41.91
N LEU L 234 -33.81 9.87 43.10
CA LEU L 234 -32.72 10.71 43.56
C LEU L 234 -31.74 9.93 44.42
N GLU L 235 -30.51 10.43 44.46
CA GLU L 235 -29.50 9.96 45.39
C GLU L 235 -28.93 11.17 46.10
N SER L 236 -27.97 10.91 47.00
CA SER L 236 -27.25 12.01 47.63
C SER L 236 -26.19 12.60 46.71
N ASP L 237 -25.85 11.90 45.63
CA ASP L 237 -24.88 12.41 44.68
C ASP L 237 -25.44 13.55 43.84
N ASP L 238 -26.76 13.59 43.67
CA ASP L 238 -27.40 14.49 42.71
C ASP L 238 -27.50 15.94 43.21
N THR L 239 -26.90 16.28 44.34
CA THR L 239 -26.82 17.68 44.78
C THR L 239 -25.81 18.38 43.89
N ALA L 240 -26.31 19.10 42.87
CA ALA L 240 -25.44 19.67 41.85
C ALA L 240 -26.19 20.79 41.12
N THR L 241 -25.48 21.45 40.21
CA THR L 241 -26.06 22.46 39.34
C THR L 241 -26.11 21.90 37.92
N TYR L 242 -27.28 22.00 37.30
CA TYR L 242 -27.53 21.40 35.99
C TYR L 242 -27.65 22.49 34.94
N TYR L 243 -26.93 22.31 33.84
CA TYR L 243 -26.87 23.26 32.73
C TYR L 243 -27.24 22.58 31.43
N CYS L 244 -27.72 23.37 30.48
CA CYS L 244 -27.98 22.91 29.13
C CYS L 244 -27.24 23.80 28.14
N LEU L 245 -26.53 23.17 27.21
CA LEU L 245 -25.71 23.86 26.23
C LEU L 245 -26.22 23.54 24.83
N GLN L 246 -26.38 24.56 24.00
CA GLN L 246 -26.72 24.37 22.59
C GLN L 246 -25.45 24.51 21.74
N HIS L 247 -25.33 23.68 20.73
CA HIS L 247 -24.25 23.81 19.75
C HIS L 247 -24.78 23.58 18.35
N GLY L 248 -25.97 24.09 18.08
CA GLY L 248 -26.56 24.01 16.76
C GLY L 248 -26.19 25.18 15.88
N GLU L 249 -25.77 26.28 16.48
CA GLU L 249 -25.33 27.47 15.77
C GLU L 249 -23.92 27.83 16.20
N SER L 250 -23.34 28.81 15.49
CA SER L 250 -21.93 29.15 15.68
C SER L 250 -21.58 29.72 17.07
N PRO L 251 -22.37 30.63 17.72
CA PRO L 251 -22.06 30.90 19.13
C PRO L 251 -22.74 29.90 20.06
N TYR L 252 -21.95 29.14 20.80
CA TYR L 252 -22.50 28.14 21.71
C TYR L 252 -22.93 28.84 22.99
N THR L 253 -24.13 28.54 23.47
CA THR L 253 -24.69 29.19 24.64
C THR L 253 -25.09 28.17 25.68
N PHE L 254 -24.69 28.41 26.93
CA PHE L 254 -25.09 27.58 28.05
C PHE L 254 -26.39 28.11 28.65
N GLY L 255 -26.98 27.31 29.53
CA GLY L 255 -28.16 27.74 30.25
C GLY L 255 -27.83 28.42 31.56
N SER L 256 -28.86 28.91 32.24
CA SER L 256 -28.68 29.58 33.51
C SER L 256 -28.30 28.60 34.62
N GLY L 257 -28.89 27.41 34.61
CA GLY L 257 -28.53 26.39 35.57
C GLY L 257 -29.53 26.28 36.72
N THR L 258 -29.73 25.05 37.18
CA THR L 258 -30.62 24.77 38.31
C THR L 258 -29.80 24.18 39.44
N LYS L 259 -30.02 24.67 40.66
CA LYS L 259 -29.40 24.12 41.84
C LYS L 259 -30.34 23.10 42.45
N LEU L 260 -29.89 21.85 42.54
CA LEU L 260 -30.70 20.76 43.06
C LEU L 260 -30.00 20.16 44.27
N GLU L 261 -30.62 20.29 45.45
CA GLU L 261 -30.08 19.76 46.68
C GLU L 261 -31.13 18.86 47.33
N ILE L 262 -30.66 17.76 47.91
CA ILE L 262 -31.52 16.71 48.44
C ILE L 262 -31.29 16.61 49.93
N LYS L 263 -32.38 16.71 50.71
CA LYS L 263 -32.45 16.63 52.18
C LYS L 263 -31.40 17.46 52.92
N GLU M 21 6.50 -1.50 -33.05
CA GLU M 21 6.35 -0.77 -31.80
C GLU M 21 7.61 -0.88 -30.95
N VAL M 22 8.09 -2.11 -30.75
CA VAL M 22 9.28 -2.36 -29.95
C VAL M 22 10.50 -2.29 -30.86
N GLN M 23 11.44 -1.41 -30.54
CA GLN M 23 12.66 -1.23 -31.31
C GLN M 23 13.86 -1.41 -30.39
N LEU M 24 14.91 -2.03 -30.94
CA LEU M 24 16.19 -2.20 -30.24
C LEU M 24 17.25 -1.55 -31.11
N GLN M 25 17.45 -0.26 -30.91
CA GLN M 25 18.43 0.48 -31.70
C GLN M 25 19.85 0.13 -31.29
N GLN M 26 20.75 0.11 -32.26
CA GLN M 26 22.15 -0.20 -32.03
C GLN M 26 23.01 0.73 -32.87
N SER M 27 24.33 0.55 -32.77
CA SER M 27 25.28 1.37 -33.50
C SER M 27 25.71 0.68 -34.79
N GLY M 28 26.64 1.32 -35.50
CA GLY M 28 27.15 0.77 -36.73
C GLY M 28 28.29 -0.20 -36.50
N PRO M 29 28.99 -0.54 -37.60
CA PRO M 29 30.14 -1.44 -37.55
C PRO M 29 31.36 -0.73 -36.96
N GLU M 30 32.03 -1.38 -36.01
CA GLU M 30 33.20 -0.81 -35.36
C GLU M 30 34.48 -1.57 -35.70
N LEU M 31 35.41 -0.89 -36.36
CA LEU M 31 36.69 -1.44 -36.76
C LEU M 31 37.51 -1.16 -35.51
N VAL M 32 38.16 -2.17 -34.96
CA VAL M 32 38.89 -1.99 -33.70
C VAL M 32 40.22 -2.72 -33.77
N GLU M 33 41.29 -2.01 -33.42
CA GLU M 33 42.61 -2.61 -33.29
C GLU M 33 42.68 -3.43 -32.00
N PRO M 34 43.44 -4.54 -32.01
CA PRO M 34 43.51 -5.39 -30.80
C PRO M 34 44.19 -4.69 -29.64
N GLY M 35 43.71 -5.01 -28.43
CA GLY M 35 44.26 -4.50 -27.19
C GLY M 35 43.34 -3.59 -26.42
N THR M 36 42.54 -2.77 -27.12
CA THR M 36 41.68 -1.79 -26.47
C THR M 36 40.32 -2.42 -26.18
N SER M 37 39.36 -1.61 -25.75
CA SER M 37 38.02 -2.07 -25.47
C SER M 37 37.04 -1.44 -26.45
N VAL M 38 35.85 -2.05 -26.55
CA VAL M 38 34.81 -1.57 -27.44
C VAL M 38 33.47 -1.54 -26.68
N LYS M 39 32.65 -0.55 -27.01
CA LYS M 39 31.35 -0.31 -26.39
C LYS M 39 30.25 -0.50 -27.42
N MET M 40 29.19 -1.21 -27.02
CA MET M 40 28.01 -1.37 -27.88
C MET M 40 26.76 -0.98 -27.11
N PRO M 41 25.95 -0.06 -27.63
CA PRO M 41 24.69 0.28 -26.99
C PRO M 41 23.49 -0.48 -27.56
N CYS M 42 22.45 -0.55 -26.74
CA CYS M 42 21.19 -1.22 -27.08
C CYS M 42 20.02 -0.34 -26.65
N LYS M 43 19.99 0.90 -27.13
CA LYS M 43 18.91 1.85 -26.88
C LYS M 43 17.55 1.26 -27.26
N ALA M 44 16.68 1.15 -26.27
CA ALA M 44 15.43 0.42 -26.38
C ALA M 44 14.24 1.37 -26.30
N SER M 45 13.24 1.13 -27.13
CA SER M 45 12.05 1.99 -27.14
C SER M 45 10.80 1.21 -27.53
N GLY M 46 9.66 1.63 -26.96
CA GLY M 46 8.39 0.99 -27.22
C GLY M 46 7.85 0.11 -26.12
N TYR M 47 8.55 0.01 -24.99
CA TYR M 47 8.10 -0.87 -23.91
C TYR M 47 8.70 -0.37 -22.60
N THR M 48 8.16 -0.91 -21.49
CA THR M 48 8.69 -0.63 -20.16
C THR M 48 10.06 -1.29 -20.02
N PHE M 49 11.10 -0.46 -19.94
CA PHE M 49 12.47 -0.93 -20.10
C PHE M 49 12.92 -1.82 -18.94
N THR M 50 12.44 -1.52 -17.73
CA THR M 50 12.89 -2.24 -16.54
C THR M 50 12.29 -3.62 -16.39
N SER M 51 11.21 -3.94 -17.12
CA SER M 51 10.50 -5.19 -16.93
C SER M 51 11.03 -6.34 -17.78
N TYR M 52 12.01 -6.09 -18.65
CA TYR M 52 12.52 -7.10 -19.55
C TYR M 52 14.03 -7.12 -19.50
N THR M 53 14.60 -8.32 -19.42
CA THR M 53 16.04 -8.49 -19.54
C THR M 53 16.49 -8.18 -20.96
N ILE M 54 17.72 -7.68 -21.07
CA ILE M 54 18.39 -7.50 -22.35
C ILE M 54 19.51 -8.53 -22.42
N GLN M 55 19.43 -9.42 -23.40
CA GLN M 55 20.43 -10.46 -23.59
C GLN M 55 21.29 -10.19 -24.80
N TRP M 56 22.58 -10.51 -24.69
CA TRP M 56 23.53 -10.31 -25.76
C TRP M 56 24.02 -11.66 -26.23
N VAL M 57 23.97 -11.86 -27.55
CA VAL M 57 24.53 -13.01 -28.24
C VAL M 57 25.50 -12.50 -29.31
N LYS M 58 26.39 -13.38 -29.77
CA LYS M 58 27.29 -13.07 -30.86
C LYS M 58 27.18 -14.13 -31.93
N GLN M 59 27.51 -13.74 -33.16
CA GLN M 59 27.41 -14.62 -34.31
C GLN M 59 28.68 -14.51 -35.13
N THR M 60 29.26 -15.67 -35.44
CA THR M 60 30.43 -15.82 -36.29
C THR M 60 30.14 -16.84 -37.39
N PRO M 61 30.77 -16.69 -38.56
CA PRO M 61 30.76 -17.79 -39.53
C PRO M 61 31.29 -19.11 -39.02
N ARG M 62 32.27 -19.08 -38.10
CA ARG M 62 32.94 -20.30 -37.67
C ARG M 62 32.04 -21.18 -36.81
N GLN M 63 31.38 -20.60 -35.80
CA GLN M 63 30.64 -21.40 -34.83
C GLN M 63 29.19 -20.94 -34.65
N GLY M 64 28.72 -20.00 -35.47
CA GLY M 64 27.32 -19.63 -35.41
C GLY M 64 26.97 -18.79 -34.19
N LEU M 65 25.69 -18.81 -33.85
CA LEU M 65 25.19 -18.04 -32.72
C LEU M 65 25.59 -18.69 -31.40
N GLU M 66 25.96 -17.85 -30.43
CA GLU M 66 26.19 -18.31 -29.07
C GLU M 66 25.82 -17.19 -28.12
N TRP M 67 25.26 -17.57 -26.98
CA TRP M 67 24.74 -16.62 -26.00
C TRP M 67 25.88 -16.11 -25.13
N ILE M 68 25.99 -14.78 -25.02
CA ILE M 68 27.03 -14.18 -24.18
C ILE M 68 26.52 -13.94 -22.77
N GLY M 69 25.41 -13.22 -22.62
CA GLY M 69 24.93 -12.94 -21.28
C GLY M 69 23.66 -12.13 -21.28
N TYR M 70 23.28 -11.65 -20.10
CA TYR M 70 22.15 -10.74 -20.01
C TYR M 70 22.27 -9.83 -18.80
N ILE M 71 21.49 -8.75 -18.84
CA ILE M 71 21.42 -7.75 -17.78
C ILE M 71 19.96 -7.33 -17.54
N TYR M 72 19.48 -7.54 -16.32
CA TYR M 72 18.12 -7.22 -15.91
C TYR M 72 18.11 -5.82 -15.34
N PRO M 73 17.48 -4.85 -16.02
CA PRO M 73 17.50 -3.45 -15.53
C PRO M 73 16.62 -3.21 -14.31
N TYR M 74 15.80 -4.17 -13.90
CA TYR M 74 14.99 -3.98 -12.69
C TYR M 74 15.87 -3.93 -11.45
N ASN M 75 16.88 -4.79 -11.38
CA ASN M 75 17.84 -4.78 -10.29
C ASN M 75 19.28 -4.72 -10.78
N ALA M 76 19.48 -4.47 -12.08
CA ALA M 76 20.78 -4.48 -12.76
C ALA M 76 21.50 -5.80 -12.54
N GLY M 77 20.76 -6.90 -12.63
CA GLY M 77 21.31 -8.22 -12.35
C GLY M 77 21.88 -8.85 -13.60
N THR M 78 23.17 -9.15 -13.56
CA THR M 78 23.87 -9.73 -14.70
C THR M 78 23.97 -11.24 -14.56
N LYS M 79 24.07 -11.90 -15.72
CA LYS M 79 24.49 -13.29 -15.76
C LYS M 79 25.20 -13.54 -17.07
N TYR M 80 26.42 -14.05 -17.01
CA TYR M 80 27.25 -14.23 -18.18
C TYR M 80 27.45 -15.71 -18.49
N ASN M 81 27.87 -15.99 -19.73
CA ASN M 81 28.36 -17.30 -20.07
C ASN M 81 29.70 -17.55 -19.38
N GLU M 82 30.03 -18.82 -19.19
CA GLU M 82 31.29 -19.17 -18.53
C GLU M 82 32.49 -18.84 -19.39
N LYS M 83 32.36 -18.94 -20.71
CA LYS M 83 33.45 -18.62 -21.60
C LYS M 83 33.53 -17.15 -21.95
N PHE M 84 32.60 -16.32 -21.47
CA PHE M 84 32.62 -14.89 -21.71
C PHE M 84 32.80 -14.07 -20.44
N LYS M 85 33.09 -14.71 -19.31
CA LYS M 85 33.30 -13.97 -18.07
C LYS M 85 34.66 -13.30 -18.10
N GLY M 86 34.67 -11.98 -17.87
CA GLY M 86 35.90 -11.21 -17.97
C GLY M 86 36.08 -10.60 -19.35
N LYS M 87 35.74 -11.37 -20.38
CA LYS M 87 35.82 -10.86 -21.74
C LYS M 87 34.74 -9.81 -22.00
N ALA M 88 33.57 -9.98 -21.41
CA ALA M 88 32.43 -9.10 -21.64
C ALA M 88 31.82 -8.67 -20.32
N THR M 89 31.57 -7.37 -20.19
CA THR M 89 30.85 -6.82 -19.04
C THR M 89 29.63 -6.06 -19.53
N LEU M 90 28.60 -6.03 -18.69
CA LEU M 90 27.31 -5.46 -19.07
C LEU M 90 26.87 -4.42 -18.05
N THR M 91 26.45 -3.26 -18.52
CA THR M 91 25.94 -2.20 -17.67
C THR M 91 24.63 -1.68 -18.25
N SER M 92 23.88 -0.97 -17.43
CA SER M 92 22.59 -0.42 -17.84
C SER M 92 22.48 1.03 -17.37
N ASP M 93 21.82 1.84 -18.20
CA ASP M 93 21.51 3.23 -17.86
C ASP M 93 19.99 3.35 -17.97
N LYS M 94 19.34 3.50 -16.81
CA LYS M 94 17.88 3.53 -16.75
C LYS M 94 17.30 4.84 -17.24
N SER M 95 18.05 5.95 -17.11
CA SER M 95 17.53 7.25 -17.51
C SER M 95 17.44 7.38 -19.02
N SER M 96 18.45 6.88 -19.73
CA SER M 96 18.46 6.92 -21.18
C SER M 96 17.84 5.68 -21.81
N SER M 97 17.40 4.71 -20.98
CA SER M 97 16.83 3.43 -21.42
C SER M 97 17.78 2.68 -22.34
N THR M 98 19.04 2.56 -21.91
CA THR M 98 20.09 1.98 -22.74
C THR M 98 20.81 0.89 -21.97
N VAL M 99 21.31 -0.10 -22.71
CA VAL M 99 22.13 -1.16 -22.15
C VAL M 99 23.46 -1.15 -22.90
N TYR M 100 24.56 -1.10 -22.15
CA TYR M 100 25.89 -0.98 -22.73
C TYR M 100 26.66 -2.28 -22.50
N MET M 101 27.40 -2.68 -23.52
CA MET M 101 28.27 -3.84 -23.48
C MET M 101 29.71 -3.39 -23.67
N GLU M 102 30.61 -3.85 -22.80
CA GLU M 102 32.05 -3.64 -22.93
C GLU M 102 32.70 -4.96 -23.29
N LEU M 103 33.48 -4.96 -24.36
CA LEU M 103 34.40 -6.06 -24.65
C LEU M 103 35.82 -5.54 -24.50
N SER M 104 36.61 -6.21 -23.68
CA SER M 104 37.98 -5.83 -23.42
C SER M 104 38.94 -6.91 -23.95
N SER M 105 40.10 -6.45 -24.42
CA SER M 105 41.18 -7.28 -24.97
C SER M 105 40.68 -8.11 -26.16
N LEU M 106 40.31 -7.39 -27.22
CA LEU M 106 39.79 -8.03 -28.43
C LEU M 106 40.91 -8.78 -29.13
N THR M 107 40.79 -10.11 -29.19
CA THR M 107 41.75 -10.95 -29.88
C THR M 107 41.36 -11.05 -31.35
N SER M 108 42.01 -11.96 -32.08
CA SER M 108 41.78 -12.07 -33.53
C SER M 108 40.42 -12.69 -33.83
N GLU M 109 39.96 -13.61 -32.99
CA GLU M 109 38.68 -14.27 -33.21
C GLU M 109 37.54 -13.55 -32.49
N ASP M 110 37.45 -12.24 -32.70
CA ASP M 110 36.40 -11.43 -32.11
C ASP M 110 35.62 -10.61 -33.14
N SER M 111 35.95 -10.74 -34.43
CA SER M 111 35.16 -10.11 -35.48
C SER M 111 33.84 -10.87 -35.62
N ALA M 112 32.75 -10.24 -35.18
CA ALA M 112 31.48 -10.94 -35.07
C ALA M 112 30.34 -9.93 -35.18
N VAL M 113 29.15 -10.46 -35.38
CA VAL M 113 27.93 -9.65 -35.32
C VAL M 113 27.33 -9.83 -33.93
N TYR M 114 27.23 -8.73 -33.19
CA TYR M 114 26.76 -8.77 -31.82
C TYR M 114 25.32 -8.28 -31.77
N TYR M 115 24.43 -9.11 -31.24
CA TYR M 115 23.01 -8.82 -31.17
C TYR M 115 22.59 -8.66 -29.73
N CYS M 116 21.70 -7.70 -29.49
CA CYS M 116 20.99 -7.57 -28.23
C CYS M 116 19.52 -7.90 -28.47
N ALA M 117 18.92 -8.60 -27.52
CA ALA M 117 17.58 -9.14 -27.68
C ALA M 117 16.80 -8.93 -26.40
N ARG M 118 15.59 -8.40 -26.54
CA ARG M 118 14.67 -8.33 -25.41
C ARG M 118 14.20 -9.74 -25.04
N LYS M 119 14.06 -9.97 -23.73
CA LYS M 119 13.49 -11.22 -23.26
C LYS M 119 12.87 -10.97 -21.90
N SER M 120 11.63 -11.42 -21.71
CA SER M 120 10.96 -11.17 -20.44
C SER M 120 11.57 -12.03 -19.33
N SER M 121 11.32 -11.62 -18.09
CA SER M 121 11.83 -12.35 -16.94
C SER M 121 11.10 -13.66 -16.71
N ARG M 122 9.96 -13.86 -17.38
CA ARG M 122 9.28 -15.14 -17.34
C ARG M 122 10.10 -16.22 -18.01
N LEU M 123 10.08 -17.42 -17.44
CA LEU M 123 10.94 -18.49 -17.91
C LEU M 123 10.45 -19.02 -19.25
N ARG M 124 9.15 -18.94 -19.51
CA ARG M 124 8.57 -19.40 -20.76
C ARG M 124 8.98 -18.50 -21.93
N SER M 125 9.13 -17.20 -21.67
CA SER M 125 9.42 -16.22 -22.71
C SER M 125 10.83 -16.41 -23.26
N THR M 126 11.04 -15.88 -24.47
CA THR M 126 12.32 -16.05 -25.17
C THR M 126 12.78 -14.72 -25.76
N LEU M 127 13.83 -14.77 -26.58
CA LEU M 127 14.38 -13.58 -27.22
C LEU M 127 13.44 -13.19 -28.36
N ASP M 128 12.37 -12.47 -28.01
CA ASP M 128 11.31 -12.21 -28.99
C ASP M 128 11.71 -11.14 -29.99
N TYR M 129 12.39 -10.09 -29.55
CA TYR M 129 12.77 -8.98 -30.40
C TYR M 129 14.29 -8.79 -30.33
N TRP M 130 14.89 -8.47 -31.46
CA TRP M 130 16.35 -8.43 -31.56
C TRP M 130 16.79 -7.06 -32.07
N GLY M 131 18.06 -6.75 -31.80
CA GLY M 131 18.67 -5.57 -32.37
C GLY M 131 19.19 -5.83 -33.77
N GLN M 132 19.69 -4.76 -34.40
CA GLN M 132 20.14 -4.87 -35.78
C GLN M 132 21.46 -5.62 -35.90
N GLY M 133 22.31 -5.58 -34.88
CA GLY M 133 23.56 -6.30 -34.92
C GLY M 133 24.74 -5.42 -35.27
N THR M 134 25.63 -5.18 -34.30
CA THR M 134 26.83 -4.40 -34.54
C THR M 134 27.94 -5.31 -35.03
N SER M 135 28.54 -4.97 -36.17
CA SER M 135 29.61 -5.75 -36.76
C SER M 135 30.94 -5.24 -36.23
N VAL M 136 31.62 -6.05 -35.42
CA VAL M 136 32.91 -5.69 -34.85
C VAL M 136 33.98 -6.42 -35.64
N THR M 137 34.91 -5.66 -36.21
CA THR M 137 35.96 -6.21 -37.07
C THR M 137 37.32 -5.90 -36.45
N VAL M 138 38.11 -6.95 -36.22
CA VAL M 138 39.42 -6.83 -35.61
C VAL M 138 40.48 -6.94 -36.69
N SER M 139 41.39 -5.97 -36.75
CA SER M 139 42.52 -6.00 -37.66
C SER M 139 43.50 -7.10 -37.29
N ASP M 157 26.95 -27.98 -19.99
CA ASP M 157 26.46 -27.38 -21.23
C ASP M 157 25.64 -28.37 -22.04
N ILE M 158 24.55 -27.90 -22.63
CA ILE M 158 23.66 -28.72 -23.44
C ILE M 158 24.06 -28.58 -24.90
N LYS M 159 24.45 -29.70 -25.50
CA LYS M 159 24.83 -29.70 -26.91
C LYS M 159 23.59 -29.81 -27.77
N MET M 160 23.47 -28.91 -28.76
CA MET M 160 22.36 -28.90 -29.70
C MET M 160 22.75 -29.69 -30.94
N THR M 161 21.97 -30.70 -31.27
CA THR M 161 22.19 -31.53 -32.44
C THR M 161 21.03 -31.32 -33.41
N GLN M 162 21.33 -30.72 -34.56
CA GLN M 162 20.37 -30.59 -35.66
C GLN M 162 20.81 -31.55 -36.76
N SER M 163 19.96 -32.55 -37.05
CA SER M 163 20.30 -33.53 -38.09
C SER M 163 20.39 -32.95 -39.50
N PRO M 164 19.45 -32.12 -40.03
CA PRO M 164 19.70 -31.58 -41.37
C PRO M 164 20.53 -30.30 -41.34
N SER M 165 21.73 -30.34 -41.92
CA SER M 165 22.55 -29.15 -42.03
C SER M 165 22.01 -28.20 -43.09
N SER M 166 21.54 -28.76 -44.21
CA SER M 166 20.95 -27.98 -45.29
C SER M 166 20.00 -28.86 -46.07
N MET M 167 18.99 -28.24 -46.66
CA MET M 167 18.01 -28.98 -47.45
C MET M 167 17.40 -28.06 -48.50
N HIS M 168 16.86 -28.67 -49.54
CA HIS M 168 16.18 -27.97 -50.61
C HIS M 168 14.71 -28.38 -50.63
N ALA M 169 13.84 -27.45 -51.02
CA ALA M 169 12.41 -27.71 -51.05
C ALA M 169 11.78 -26.98 -52.23
N SER M 170 10.62 -27.47 -52.63
CA SER M 170 9.86 -26.83 -53.70
C SER M 170 8.97 -25.74 -53.09
N LEU M 171 8.02 -25.24 -53.88
CA LEU M 171 7.20 -24.10 -53.47
C LEU M 171 5.99 -24.49 -52.64
N GLY M 172 5.73 -25.78 -52.42
CA GLY M 172 4.55 -26.16 -51.70
C GLY M 172 4.61 -27.37 -50.79
N GLU M 173 5.79 -27.93 -50.57
CA GLU M 173 5.89 -29.17 -49.80
C GLU M 173 6.08 -28.86 -48.32
N ARG M 174 6.34 -29.89 -47.53
CA ARG M 174 6.43 -29.81 -46.08
C ARG M 174 7.86 -30.07 -45.64
N VAL M 175 8.38 -29.23 -44.75
CA VAL M 175 9.75 -29.36 -44.27
C VAL M 175 9.73 -29.64 -42.77
N THR M 176 10.58 -30.56 -42.33
CA THR M 176 10.70 -30.92 -40.92
C THR M 176 12.15 -30.80 -40.49
N ILE M 177 12.39 -30.08 -39.40
CA ILE M 177 13.74 -29.83 -38.89
C ILE M 177 13.79 -30.35 -37.46
N THR M 178 14.79 -31.18 -37.16
CA THR M 178 14.90 -31.86 -35.88
C THR M 178 15.98 -31.20 -35.03
N CYS M 179 15.71 -31.05 -33.74
CA CYS M 179 16.59 -30.39 -32.77
C CYS M 179 16.71 -31.23 -31.50
N LYS M 180 17.12 -32.49 -31.66
CA LYS M 180 17.43 -33.35 -30.52
C LYS M 180 18.53 -32.75 -29.67
N ALA M 181 18.27 -32.66 -28.37
CA ALA M 181 19.16 -32.00 -27.42
C ALA M 181 19.90 -33.01 -26.56
N SER M 182 20.89 -32.52 -25.82
CA SER M 182 21.72 -33.39 -24.99
C SER M 182 21.01 -33.77 -23.70
N GLN M 183 20.65 -32.78 -22.90
CA GLN M 183 20.01 -33.00 -21.61
C GLN M 183 18.51 -32.75 -21.73
N ASP M 184 17.82 -32.79 -20.60
CA ASP M 184 16.37 -32.63 -20.57
C ASP M 184 16.04 -31.16 -20.35
N ILE M 185 15.26 -30.60 -21.27
CA ILE M 185 14.70 -29.26 -21.14
C ILE M 185 13.18 -29.38 -21.19
N ARG M 186 12.50 -28.82 -20.18
CA ARG M 186 11.05 -28.98 -20.06
C ARG M 186 10.37 -27.94 -20.95
N SER M 187 10.36 -28.25 -22.25
CA SER M 187 9.71 -27.48 -23.31
C SER M 187 10.25 -26.06 -23.44
N TYR M 188 11.47 -25.81 -22.98
CA TYR M 188 12.05 -24.46 -23.03
C TYR M 188 12.95 -24.35 -24.25
N LEU M 189 12.33 -24.48 -25.42
CA LEU M 189 13.02 -24.40 -26.69
C LEU M 189 12.35 -23.36 -27.59
N SER M 190 13.14 -22.67 -28.38
CA SER M 190 12.64 -21.64 -29.27
C SER M 190 13.23 -21.82 -30.66
N TRP M 191 12.45 -21.44 -31.66
CA TRP M 191 12.84 -21.55 -33.07
C TRP M 191 12.89 -20.15 -33.68
N TYR M 192 14.00 -19.87 -34.35
CA TYR M 192 14.31 -18.57 -34.93
C TYR M 192 14.62 -18.71 -36.41
N GLN M 193 14.19 -17.73 -37.21
CA GLN M 193 14.48 -17.66 -38.63
C GLN M 193 15.36 -16.44 -38.88
N GLN M 194 16.45 -16.63 -39.62
CA GLN M 194 17.39 -15.56 -39.90
C GLN M 194 17.61 -15.46 -41.41
N LYS M 195 17.26 -14.29 -41.97
CA LYS M 195 17.63 -13.97 -43.33
C LYS M 195 19.12 -13.67 -43.39
N PRO M 196 19.75 -13.82 -44.57
CA PRO M 196 21.15 -13.38 -44.69
C PRO M 196 21.28 -11.87 -44.53
N TRP M 197 22.29 -11.47 -43.73
CA TRP M 197 22.58 -10.09 -43.35
C TRP M 197 21.36 -9.41 -42.72
N LYS M 198 20.66 -10.14 -41.86
CA LYS M 198 19.50 -9.62 -41.14
C LYS M 198 19.46 -10.24 -39.75
N SER M 199 18.75 -9.57 -38.85
CA SER M 199 18.58 -10.07 -37.50
C SER M 199 17.67 -11.29 -37.50
N PRO M 200 17.88 -12.24 -36.58
CA PRO M 200 16.98 -13.40 -36.48
C PRO M 200 15.57 -13.00 -36.05
N LYS M 201 14.59 -13.70 -36.59
CA LYS M 201 13.18 -13.46 -36.31
C LYS M 201 12.62 -14.64 -35.53
N THR M 202 11.97 -14.34 -34.40
CA THR M 202 11.40 -15.39 -33.56
C THR M 202 10.18 -16.00 -34.23
N LEU M 203 10.17 -17.34 -34.31
CA LEU M 203 9.03 -18.08 -34.81
C LEU M 203 8.28 -18.82 -33.71
N ILE M 204 8.98 -19.65 -32.95
CA ILE M 204 8.32 -20.53 -31.98
C ILE M 204 8.91 -20.29 -30.61
N TYR M 205 8.05 -20.08 -29.61
CA TYR M 205 8.48 -20.06 -28.22
C TYR M 205 7.74 -21.16 -27.45
N TYR M 206 8.38 -21.63 -26.37
CA TYR M 206 7.91 -22.72 -25.51
C TYR M 206 7.68 -24.03 -26.29
N ALA M 207 8.42 -24.20 -27.39
CA ALA M 207 8.53 -25.38 -28.25
C ALA M 207 7.27 -25.67 -29.06
N THR M 208 6.16 -24.99 -28.77
CA THR M 208 4.92 -25.18 -29.54
C THR M 208 4.19 -23.89 -29.87
N SER M 209 4.38 -22.80 -29.12
CA SER M 209 3.56 -21.61 -29.28
C SER M 209 4.09 -20.72 -30.39
N LEU M 210 3.18 -20.13 -31.15
CA LEU M 210 3.54 -19.20 -32.21
C LEU M 210 3.93 -17.84 -31.62
N ALA M 211 4.90 -17.19 -32.25
CA ALA M 211 5.25 -15.84 -31.88
C ALA M 211 4.26 -14.85 -32.47
N ASP M 212 4.43 -13.57 -32.10
CA ASP M 212 3.51 -12.54 -32.55
C ASP M 212 3.77 -12.20 -34.02
N GLY M 213 2.72 -12.30 -34.84
CA GLY M 213 2.81 -12.02 -36.26
C GLY M 213 3.24 -13.19 -37.11
N VAL M 214 3.61 -14.32 -36.50
CA VAL M 214 4.03 -15.49 -37.26
C VAL M 214 2.80 -16.24 -37.73
N PRO M 215 2.68 -16.55 -39.02
CA PRO M 215 1.51 -17.30 -39.51
C PRO M 215 1.52 -18.75 -39.05
N SER M 216 0.40 -19.43 -39.33
CA SER M 216 0.20 -20.79 -38.85
C SER M 216 0.89 -21.84 -39.72
N ARG M 217 1.66 -21.44 -40.73
CA ARG M 217 2.43 -22.41 -41.51
C ARG M 217 3.51 -23.07 -40.66
N PHE M 218 4.18 -22.30 -39.81
CA PHE M 218 5.19 -22.83 -38.92
C PHE M 218 4.54 -23.48 -37.70
N SER M 219 5.01 -24.65 -37.33
CA SER M 219 4.45 -25.40 -36.21
C SER M 219 5.57 -26.07 -35.45
N GLY M 220 5.70 -25.77 -34.17
CA GLY M 220 6.65 -26.44 -33.32
C GLY M 220 6.02 -27.65 -32.64
N SER M 221 6.84 -28.67 -32.39
CA SER M 221 6.36 -29.86 -31.74
C SER M 221 7.51 -30.50 -30.96
N GLY M 222 7.16 -31.38 -30.04
CA GLY M 222 8.14 -32.10 -29.26
C GLY M 222 8.28 -31.56 -27.86
N SER M 223 8.97 -32.34 -27.03
CA SER M 223 9.13 -32.05 -25.61
C SER M 223 10.23 -32.95 -25.06
N GLY M 224 10.84 -32.50 -23.96
CA GLY M 224 11.88 -33.27 -23.32
C GLY M 224 13.22 -33.06 -23.99
N GLN M 225 13.62 -34.01 -24.83
CA GLN M 225 14.85 -33.89 -25.60
C GLN M 225 14.63 -33.81 -27.10
N ASP M 226 13.50 -34.31 -27.61
CA ASP M 226 13.22 -34.32 -29.04
C ASP M 226 12.28 -33.18 -29.38
N PHE M 227 12.70 -32.33 -30.31
CA PHE M 227 11.92 -31.18 -30.76
C PHE M 227 11.99 -31.12 -32.28
N SER M 228 11.00 -30.46 -32.88
CA SER M 228 10.95 -30.34 -34.32
C SER M 228 10.17 -29.10 -34.72
N LEU M 229 10.56 -28.55 -35.87
CA LEU M 229 9.89 -27.42 -36.49
C LEU M 229 9.38 -27.86 -37.87
N THR M 230 8.11 -27.58 -38.14
CA THR M 230 7.45 -28.02 -39.36
C THR M 230 6.95 -26.82 -40.14
N ILE M 231 7.39 -26.71 -41.39
CA ILE M 231 6.89 -25.69 -42.31
C ILE M 231 5.90 -26.38 -43.25
N ASN M 232 4.67 -25.85 -43.27
CA ASN M 232 3.56 -26.54 -43.93
C ASN M 232 3.61 -26.36 -45.44
N ASN M 233 3.51 -25.13 -45.91
CA ASN M 233 3.67 -24.81 -47.33
C ASN M 233 4.57 -23.60 -47.43
N LEU M 234 5.55 -23.66 -48.32
CA LEU M 234 6.58 -22.64 -48.31
C LEU M 234 6.25 -21.49 -49.26
N GLU M 235 7.00 -20.40 -49.08
CA GLU M 235 6.96 -19.26 -49.97
C GLU M 235 8.38 -18.98 -50.45
N SER M 236 8.56 -17.82 -51.07
CA SER M 236 9.87 -17.40 -51.53
C SER M 236 10.62 -16.72 -50.39
N ASP M 237 9.92 -16.44 -49.29
CA ASP M 237 10.53 -15.79 -48.14
C ASP M 237 11.03 -16.76 -47.06
N ASP M 238 10.93 -18.06 -47.33
CA ASP M 238 11.39 -19.07 -46.38
C ASP M 238 12.84 -19.49 -46.61
N THR M 239 13.52 -18.89 -47.58
CA THR M 239 14.93 -19.16 -47.82
C THR M 239 15.75 -18.47 -46.73
N ALA M 240 16.11 -19.22 -45.70
CA ALA M 240 16.69 -18.62 -44.50
C ALA M 240 17.40 -19.70 -43.68
N THR M 241 18.06 -19.29 -42.61
CA THR M 241 18.72 -20.20 -41.70
C THR M 241 17.92 -20.28 -40.41
N TYR M 242 17.61 -21.50 -39.99
CA TYR M 242 16.75 -21.75 -38.85
C TYR M 242 17.56 -22.29 -37.69
N TYR M 243 17.33 -21.72 -36.51
CA TYR M 243 18.06 -22.07 -35.30
C TYR M 243 17.09 -22.46 -34.19
N CYS M 244 17.55 -23.33 -33.29
CA CYS M 244 16.81 -23.68 -32.09
C CYS M 244 17.66 -23.39 -30.87
N LEU M 245 17.06 -22.72 -29.89
CA LEU M 245 17.75 -22.25 -28.69
C LEU M 245 17.06 -22.77 -27.45
N GLN M 246 17.82 -23.29 -26.50
CA GLN M 246 17.28 -23.69 -25.21
C GLN M 246 17.53 -22.59 -24.18
N HIS M 247 16.59 -22.42 -23.27
CA HIS M 247 16.82 -21.59 -22.10
C HIS M 247 16.28 -22.27 -20.85
N GLY M 248 16.47 -23.59 -20.77
CA GLY M 248 16.12 -24.32 -19.57
C GLY M 248 17.23 -24.34 -18.54
N GLU M 249 18.47 -24.30 -19.00
CA GLU M 249 19.63 -24.29 -18.12
C GLU M 249 20.22 -22.90 -18.01
N SER M 250 21.27 -22.74 -17.21
CA SER M 250 21.92 -21.44 -17.04
C SER M 250 22.71 -20.96 -18.25
N PRO M 251 23.58 -21.78 -18.93
CA PRO M 251 24.11 -21.29 -20.21
C PRO M 251 23.19 -21.64 -21.38
N TYR M 252 22.69 -20.61 -22.06
CA TYR M 252 21.78 -20.85 -23.17
C TYR M 252 22.60 -21.22 -24.41
N THR M 253 22.18 -22.27 -25.10
CA THR M 253 22.91 -22.77 -26.28
C THR M 253 21.99 -22.73 -27.49
N PHE M 254 22.52 -22.23 -28.61
CA PHE M 254 21.81 -22.19 -29.87
C PHE M 254 22.05 -23.46 -30.66
N GLY M 255 21.30 -23.61 -31.75
CA GLY M 255 21.46 -24.75 -32.63
C GLY M 255 22.60 -24.57 -33.61
N SER M 256 22.89 -25.65 -34.34
CA SER M 256 23.93 -25.61 -35.36
C SER M 256 23.48 -24.80 -36.57
N GLY M 257 22.18 -24.74 -36.81
CA GLY M 257 21.65 -23.98 -37.92
C GLY M 257 21.35 -24.81 -39.13
N THR M 258 20.14 -24.69 -39.68
CA THR M 258 19.74 -25.41 -40.88
C THR M 258 19.44 -24.40 -41.97
N LYS M 259 20.11 -24.53 -43.10
CA LYS M 259 19.90 -23.65 -44.24
C LYS M 259 18.80 -24.19 -45.14
N LEU M 260 17.80 -23.36 -45.42
CA LEU M 260 16.68 -23.75 -46.25
C LEU M 260 16.65 -22.87 -47.49
N GLU M 261 16.77 -23.50 -48.66
CA GLU M 261 16.88 -22.83 -49.94
C GLU M 261 15.70 -23.31 -50.79
N ILE M 262 15.05 -22.38 -51.47
CA ILE M 262 13.78 -22.64 -52.15
C ILE M 262 14.02 -22.78 -53.65
N LYS M 263 13.60 -23.93 -54.19
CA LYS M 263 13.70 -24.31 -55.61
C LYS M 263 15.13 -24.25 -56.14
#